data_6LTP
#
_entry.id   6LTP
#
_cell.length_a   146.309
_cell.length_b   146.309
_cell.length_c   144.602
_cell.angle_alpha   90.000
_cell.angle_beta   90.000
_cell.angle_gamma   90.000
#
_symmetry.space_group_name_H-M   'P 43'
#
loop_
_entity.id
_entity.type
_entity.pdbx_description
1 polymer Cas12i2
2 polymer 'crRNA (56-mer RNA)'
3 water water
#
loop_
_entity_poly.entity_id
_entity_poly.type
_entity_poly.pdbx_seq_one_letter_code
_entity_poly.pdbx_strand_id
1 'polypeptide(L)'
;SMSSAIKSYKSVLRPNERKNQLLKSTIQCLEDGSAFFFKMLQGLFGGITPEIVRFSTEQEKQQQDIALWCAVNWFRPVSQ
DSLTHTIASDNLVEKFEEYYGGTASDAIKQYFSASIGESYYWNDCRQQYYDLCRELGVEVSDLTHDLEILCREKCLAVAT
ESNQNNSIISVLFGTGEKEDRSVKLRITKKILEAISNLKEIPKNVAPIQEIILNVAKATKETFRQVYAGNLGAPSTLEKF
IAKDGQKEFDLKKLQTDLKKVIRGKSKERDWCCQEELRSYVEQNTIQYDLWAWGEMFNKAHTALKIKSTRNYNFAKQRLE
QFKEIQSLNNLLVVKKLNDFFDSEFFSGEETYTICVHHLGGKDLSKLYKAWEDDPADPENAIVVLCDDLKNNFKKEPIRN
ILRYIFTIRQECSAQDILAAAKYNQQLDRYKSQKANPSVLGNQGFTWTNAVILPEKAQRNDRPNSLDLRIWLYLKLRHPD
GRWKKHHIPFYDTRFFQEIYAAGNSPVDTCQFRTPRFGYHLPKLTDQTAIRVNKKHVKAAKTEARIRLAIQQGTLPVSNL
KITEISATINSKGQVRIPVKFDVGRQKGTLQIGDRFCGYDQNQTASHAYSLWEVVKEGQYHKELGCFVRFISSGDIVSIT
ENRGNQFDQLSYEGLAYPQYADWRKKASKFVSLWQITKKNKKKEIVTVEAKEKFDAICKYQPRLYKFNKEYAYLLRDIVR
GKSLVELQQIRQEIFRFIEQDCGVTRLGSLSLSTLETVKAVKGIIYSYFSTALNASKNNPISDEQRKEFDPELFALLEKL
ELIRTRKKKQKVERIANSLIQTCLENNIKFIRGEGDLSTTNNATKKKANSRSMDWLARGVFNKIRQLAPMHNITLFGCGS
LYTSHQDPLVHRNPDKAMKCRWAAIPVKDIGDWVLRKLSQNLRAKNIGTGEYYHQGVKEFLSHYELQDLEEELLKWRSDR
KSNIPCWVLQNRLAEKLGNKEAVVYIPVRGGRIYFATHKVATGAVSIVFDQKQVWVCNADHVAAANIALTVKGIGEQSSD
EENPDGSRIKLQLTS
;
A,G
2 'polyribonucleotide' GGAGAAAUCCGUCUUUCAUUGACGGAACAGAGCAAGCAGGGUGACAUUAUUUAAUC B,H
#
loop_
_chem_comp.id
_chem_comp.type
_chem_comp.name
_chem_comp.formula
A RNA linking ADENOSINE-5'-MONOPHOSPHATE 'C10 H14 N5 O7 P'
C RNA linking CYTIDINE-5'-MONOPHOSPHATE 'C9 H14 N3 O8 P'
G RNA linking GUANOSINE-5'-MONOPHOSPHATE 'C10 H14 N5 O8 P'
U RNA linking URIDINE-5'-MONOPHOSPHATE 'C9 H13 N2 O9 P'
#
# COMPACT_ATOMS: atom_id res chain seq x y z
N SER A 1 -5.35 27.43 12.06
CA SER A 1 -5.32 26.10 11.45
C SER A 1 -3.90 25.71 11.03
N MET A 2 -2.89 26.30 11.69
CA MET A 2 -1.50 26.09 11.25
C MET A 2 -0.63 25.65 12.42
N SER A 3 -0.47 24.34 12.49
CA SER A 3 0.43 23.65 13.42
C SER A 3 1.91 23.84 13.10
N SER A 4 2.75 23.70 14.14
CA SER A 4 4.19 23.96 14.08
C SER A 4 5.01 22.73 14.47
N ALA A 5 6.23 22.66 13.95
CA ALA A 5 7.17 21.59 14.34
C ALA A 5 8.57 22.16 14.43
N ILE A 6 9.43 21.47 15.19
CA ILE A 6 10.82 21.89 15.36
C ILE A 6 11.75 20.74 15.07
N LYS A 7 12.79 21.01 14.27
CA LYS A 7 13.90 20.11 14.03
C LYS A 7 15.15 20.84 14.48
N SER A 8 16.01 20.21 15.27
CA SER A 8 17.15 20.95 15.81
C SER A 8 18.45 20.24 15.49
N TYR A 9 19.54 21.00 15.56
CA TYR A 9 20.88 20.54 15.25
C TYR A 9 21.81 20.90 16.39
N LYS A 10 22.83 20.07 16.60
CA LYS A 10 23.76 20.26 17.70
C LYS A 10 25.17 20.11 17.16
N SER A 11 26.08 20.93 17.67
CA SER A 11 27.46 20.92 17.22
C SER A 11 28.32 21.60 18.28
N VAL A 12 29.57 21.90 17.94
CA VAL A 12 30.49 22.61 18.82
C VAL A 12 31.10 23.77 18.04
N LEU A 13 31.24 24.91 18.70
CA LEU A 13 31.81 26.09 18.06
C LEU A 13 33.31 25.97 17.96
N ARG A 14 33.86 26.46 16.85
CA ARG A 14 35.31 26.42 16.59
C ARG A 14 35.80 27.83 16.27
N PRO A 15 35.86 28.70 17.28
CA PRO A 15 36.39 30.05 17.04
C PRO A 15 37.91 30.05 17.14
N ASN A 16 38.52 31.14 16.68
CA ASN A 16 39.95 31.29 16.82
C ASN A 16 40.28 31.74 18.24
N GLU A 17 41.57 31.99 18.52
CA GLU A 17 41.97 32.29 19.89
C GLU A 17 41.33 33.58 20.40
N ARG A 18 41.37 34.64 19.60
CA ARG A 18 40.79 35.91 20.02
C ARG A 18 39.30 35.76 20.27
N LYS A 19 38.56 35.25 19.28
CA LYS A 19 37.13 35.09 19.45
C LYS A 19 36.80 34.03 20.49
N ASN A 20 37.70 33.07 20.71
CA ASN A 20 37.48 32.13 21.80
C ASN A 20 37.49 32.84 23.15
N GLN A 21 38.46 33.75 23.37
CA GLN A 21 38.40 34.53 24.60
C GLN A 21 37.16 35.40 24.64
N LEU A 22 36.79 36.00 23.52
CA LEU A 22 35.62 36.86 23.53
C LEU A 22 34.37 36.08 23.92
N LEU A 23 34.19 34.89 23.33
CA LEU A 23 33.04 34.05 23.61
C LEU A 23 33.04 33.52 25.03
N LYS A 24 34.18 33.03 25.52
CA LYS A 24 34.25 32.54 26.89
C LYS A 24 33.99 33.65 27.89
N SER A 25 34.55 34.84 27.64
CA SER A 25 34.32 35.96 28.54
C SER A 25 32.86 36.36 28.54
N THR A 26 32.22 36.38 27.36
CA THR A 26 30.81 36.71 27.28
C THR A 26 29.96 35.70 28.05
N ILE A 27 30.25 34.41 27.87
CA ILE A 27 29.48 33.37 28.54
C ILE A 27 29.70 33.40 30.04
N GLN A 28 30.94 33.65 30.49
CA GLN A 28 31.20 33.71 31.92
C GLN A 28 30.54 34.94 32.55
N CYS A 29 30.58 36.07 31.86
CA CYS A 29 29.81 37.24 32.28
C CYS A 29 28.34 36.90 32.42
N LEU A 30 27.81 36.13 31.45
CA LEU A 30 26.39 35.80 31.48
C LEU A 30 26.06 34.85 32.63
N GLU A 31 26.91 33.84 32.90
CA GLU A 31 26.77 33.03 34.12
C GLU A 31 26.78 33.89 35.37
N ASP A 32 27.75 34.79 35.47
CA ASP A 32 27.92 35.55 36.69
C ASP A 32 26.68 36.41 36.97
N GLY A 33 26.18 37.08 35.93
CA GLY A 33 24.93 37.79 36.05
C GLY A 33 23.76 36.87 36.34
N SER A 34 23.76 35.67 35.77
CA SER A 34 22.68 34.72 36.01
C SER A 34 22.65 34.28 37.47
N ALA A 35 23.81 34.00 38.05
CA ALA A 35 23.87 33.60 39.46
C ALA A 35 23.48 34.75 40.38
N PHE A 36 23.91 35.97 40.04
CA PHE A 36 23.47 37.13 40.81
C PHE A 36 21.94 37.28 40.75
N PHE A 37 21.39 37.18 39.54
CA PHE A 37 19.93 37.23 39.38
C PHE A 37 19.26 36.11 40.14
N PHE A 38 19.91 34.95 40.21
CA PHE A 38 19.36 33.82 40.96
C PHE A 38 19.22 34.17 42.44
N LYS A 39 20.28 34.71 43.04
CA LYS A 39 20.19 35.05 44.45
C LYS A 39 19.16 36.15 44.71
N MET A 40 19.17 37.20 43.87
CA MET A 40 18.23 38.29 44.05
C MET A 40 16.79 37.85 43.84
N LEU A 41 16.54 37.02 42.83
CA LEU A 41 15.19 36.53 42.57
C LEU A 41 14.73 35.59 43.66
N GLN A 42 15.64 34.83 44.23
CA GLN A 42 15.32 34.04 45.41
C GLN A 42 14.82 34.93 46.54
N GLY A 43 15.50 36.06 46.78
CA GLY A 43 15.01 36.99 47.79
C GLY A 43 13.65 37.58 47.46
N LEU A 44 13.50 38.08 46.23
CA LEU A 44 12.23 38.68 45.83
C LEU A 44 11.07 37.70 46.03
N PHE A 45 11.24 36.47 45.55
CA PHE A 45 10.21 35.46 45.74
C PHE A 45 10.04 35.10 47.21
N GLY A 46 11.10 35.22 47.99
CA GLY A 46 10.93 35.12 49.43
C GLY A 46 9.99 36.17 49.98
N GLY A 47 9.83 37.29 49.28
CA GLY A 47 8.96 38.29 49.83
C GLY A 47 7.48 38.25 49.50
N ILE A 48 6.95 37.15 48.95
CA ILE A 48 5.54 37.12 48.53
C ILE A 48 4.62 36.88 49.72
N THR A 49 3.36 37.30 49.55
CA THR A 49 2.34 37.29 50.57
C THR A 49 1.13 36.44 50.15
N PRO A 50 0.33 35.98 51.11
CA PRO A 50 -0.85 35.17 50.75
C PRO A 50 -1.80 35.87 49.79
N GLU A 51 -1.96 37.19 49.92
CA GLU A 51 -2.91 37.91 49.09
C GLU A 51 -2.48 37.88 47.63
N ILE A 52 -1.17 37.95 47.40
CA ILE A 52 -0.63 37.84 46.05
C ILE A 52 -0.96 36.47 45.46
N VAL A 53 -0.79 35.42 46.26
CA VAL A 53 -1.08 34.08 45.78
C VAL A 53 -2.56 33.97 45.44
N ARG A 54 -3.44 34.58 46.24
CA ARG A 54 -4.84 34.64 45.88
C ARG A 54 -5.05 35.31 44.53
N PHE A 55 -4.42 36.47 44.35
CA PHE A 55 -4.75 37.27 43.19
C PHE A 55 -4.29 36.54 41.93
N SER A 56 -3.14 35.85 42.04
CA SER A 56 -2.65 35.01 40.96
C SER A 56 -3.42 33.70 40.84
N THR A 57 -4.08 33.26 41.91
CA THR A 57 -4.76 31.97 41.95
C THR A 57 -6.30 32.09 41.89
N GLU A 58 -6.87 33.26 41.59
CA GLU A 58 -8.33 33.35 41.55
C GLU A 58 -8.89 32.44 40.48
N GLN A 59 -8.24 32.44 39.34
CA GLN A 59 -8.81 31.85 38.14
C GLN A 59 -8.39 30.40 37.98
N GLU A 60 -7.73 29.85 39.00
CA GLU A 60 -7.34 28.46 38.99
C GLU A 60 -8.55 27.55 38.80
N LYS A 61 -8.37 26.54 37.97
CA LYS A 61 -9.42 25.56 37.74
C LYS A 61 -9.78 24.82 39.03
N GLN A 62 -8.77 24.40 39.78
CA GLN A 62 -8.97 23.65 41.01
C GLN A 62 -9.04 24.60 42.20
N GLN A 63 -9.08 24.07 43.41
CA GLN A 63 -8.86 24.84 44.62
C GLN A 63 -7.41 24.69 45.06
N GLN A 64 -6.69 25.81 45.16
CA GLN A 64 -5.29 25.75 45.50
C GLN A 64 -5.07 26.11 46.97
N ASP A 65 -3.99 25.56 47.52
CA ASP A 65 -3.58 25.85 48.89
C ASP A 65 -2.59 27.01 48.83
N ILE A 66 -2.99 28.16 49.37
CA ILE A 66 -2.15 29.34 49.35
C ILE A 66 -1.01 29.22 50.33
N ALA A 67 -1.30 28.66 51.52
CA ALA A 67 -0.29 28.55 52.56
C ALA A 67 0.90 27.73 52.09
N LEU A 68 0.65 26.64 51.37
CA LEU A 68 1.76 25.81 50.90
C LEU A 68 2.60 26.53 49.84
N TRP A 69 1.95 27.30 48.96
CA TRP A 69 2.72 28.05 47.97
C TRP A 69 3.60 29.09 48.65
N CYS A 70 3.03 29.81 49.62
CA CYS A 70 3.83 30.75 50.39
C CYS A 70 5.00 30.04 51.06
N ALA A 71 4.76 28.86 51.62
CA ALA A 71 5.81 28.13 52.33
C ALA A 71 6.93 27.70 51.38
N VAL A 72 6.56 27.13 50.22
CA VAL A 72 7.59 26.64 49.31
C VAL A 72 8.42 27.78 48.74
N ASN A 73 7.82 28.97 48.56
CA ASN A 73 8.64 30.09 48.11
C ASN A 73 9.41 30.79 49.24
N TRP A 74 8.94 30.66 50.49
CA TRP A 74 9.63 31.31 51.61
C TRP A 74 10.82 30.51 52.12
N PHE A 75 10.84 29.19 51.93
CA PHE A 75 11.96 28.38 52.38
C PHE A 75 12.41 27.47 51.26
N ARG A 76 13.71 27.52 50.94
CA ARG A 76 14.26 26.70 49.87
C ARG A 76 15.53 26.01 50.35
N PRO A 77 15.76 24.79 49.92
CA PRO A 77 17.09 24.20 50.09
C PRO A 77 17.99 24.54 48.92
N VAL A 78 19.18 25.05 49.20
CA VAL A 78 20.07 25.60 48.20
C VAL A 78 21.49 25.07 48.39
N SER A 79 22.32 25.32 47.38
CA SER A 79 23.75 25.08 47.46
C SER A 79 24.42 26.24 48.19
N GLN A 80 25.70 26.05 48.52
CA GLN A 80 26.43 27.11 49.22
C GLN A 80 26.58 28.36 48.36
N ASP A 81 26.56 28.21 47.04
CA ASP A 81 26.80 29.36 46.17
C ASP A 81 25.71 30.41 46.29
N SER A 82 24.45 29.98 46.47
CA SER A 82 23.34 30.92 46.61
C SER A 82 22.62 30.58 47.92
N LEU A 83 23.31 30.86 49.02
CA LEU A 83 22.81 30.68 50.38
C LEU A 83 23.14 31.95 51.14
N THR A 84 22.13 32.58 51.73
CA THR A 84 22.35 33.82 52.46
C THR A 84 22.08 33.69 53.95
N HIS A 85 20.87 33.30 54.34
CA HIS A 85 20.50 33.24 55.74
C HIS A 85 20.21 31.79 56.11
N THR A 86 21.20 31.15 56.72
CA THR A 86 21.05 29.77 57.13
C THR A 86 19.94 29.68 58.18
N ILE A 87 19.15 28.62 58.08
CA ILE A 87 18.10 28.36 59.06
C ILE A 87 18.13 26.87 59.38
N ALA A 88 17.87 26.53 60.63
CA ALA A 88 18.05 25.17 61.08
C ALA A 88 16.79 24.35 60.82
N SER A 89 16.98 23.03 60.78
CA SER A 89 15.89 22.12 60.45
C SER A 89 14.86 21.99 61.57
N ASP A 90 15.08 22.65 62.70
CA ASP A 90 14.07 22.77 63.75
C ASP A 90 13.20 24.01 63.62
N ASN A 91 13.83 25.15 63.32
CA ASN A 91 13.19 26.45 63.50
C ASN A 91 12.20 26.81 62.39
N LEU A 92 12.06 25.97 61.36
CA LEU A 92 11.29 26.36 60.18
C LEU A 92 9.82 26.53 60.52
N VAL A 93 9.24 25.56 61.24
CA VAL A 93 7.83 25.65 61.61
C VAL A 93 7.58 26.94 62.38
N GLU A 94 8.49 27.26 63.30
CA GLU A 94 8.37 28.46 64.13
C GLU A 94 8.41 29.72 63.28
N LYS A 95 9.41 29.84 62.41
CA LYS A 95 9.52 31.04 61.57
C LYS A 95 8.37 31.14 60.57
N PHE A 96 7.93 30.01 60.02
CA PHE A 96 6.81 30.05 59.08
C PHE A 96 5.54 30.52 59.77
N GLU A 97 5.25 29.97 60.95
CA GLU A 97 4.08 30.44 61.69
C GLU A 97 4.22 31.92 62.05
N GLU A 98 5.45 32.37 62.30
CA GLU A 98 5.70 33.79 62.52
C GLU A 98 5.32 34.62 61.29
N TYR A 99 5.71 34.15 60.10
CA TYR A 99 5.49 34.93 58.88
C TYR A 99 4.05 34.85 58.37
N TYR A 100 3.33 33.77 58.64
CA TYR A 100 1.99 33.62 58.08
C TYR A 100 0.88 34.10 59.00
N GLY A 101 1.12 34.13 60.31
CA GLY A 101 0.06 34.50 61.22
C GLY A 101 -1.03 33.46 61.35
N GLY A 102 -0.64 32.18 61.41
CA GLY A 102 -1.59 31.10 61.53
C GLY A 102 -0.84 29.83 61.85
N THR A 103 -1.60 28.79 62.16
CA THR A 103 -0.98 27.51 62.48
C THR A 103 -0.40 26.87 61.23
N ALA A 104 0.84 26.41 61.32
CA ALA A 104 1.49 25.76 60.18
C ALA A 104 0.79 24.43 59.90
N SER A 105 0.33 24.27 58.67
CA SER A 105 -0.39 23.05 58.30
C SER A 105 0.53 21.83 58.38
N ASP A 106 -0.07 20.67 58.61
CA ASP A 106 0.69 19.42 58.60
C ASP A 106 1.24 19.14 57.21
N ALA A 107 0.45 19.48 56.18
CA ALA A 107 0.94 19.30 54.81
C ALA A 107 2.19 20.12 54.56
N ILE A 108 2.22 21.37 55.03
CA ILE A 108 3.40 22.21 54.95
C ILE A 108 4.50 21.67 55.88
N LYS A 109 4.10 21.20 57.07
CA LYS A 109 5.05 20.69 58.04
C LYS A 109 5.87 19.52 57.50
N GLN A 110 5.24 18.64 56.70
CA GLN A 110 5.99 17.56 56.08
C GLN A 110 7.10 18.08 55.17
N TYR A 111 6.82 19.09 54.36
CA TYR A 111 7.89 19.71 53.57
C TYR A 111 9.03 20.16 54.47
N PHE A 112 8.72 20.77 55.62
CA PHE A 112 9.82 21.11 56.52
C PHE A 112 10.46 19.86 57.14
N SER A 113 9.67 18.84 57.44
CA SER A 113 10.15 17.68 58.19
C SER A 113 10.77 16.64 57.27
N ALA A 114 11.82 17.03 56.53
CA ALA A 114 12.31 16.22 55.44
C ALA A 114 13.83 16.08 55.45
N SER A 115 14.29 15.03 54.78
CA SER A 115 15.70 14.84 54.47
C SER A 115 16.08 15.74 53.30
N ILE A 116 17.34 16.20 53.30
CA ILE A 116 17.81 17.15 52.31
C ILE A 116 19.16 16.68 51.78
N GLY A 117 19.56 17.21 50.63
CA GLY A 117 20.80 16.78 50.01
C GLY A 117 21.99 17.01 50.91
N GLU A 118 23.04 16.21 50.70
CA GLU A 118 24.19 16.28 51.61
C GLU A 118 24.84 17.65 51.59
N SER A 119 24.89 18.27 50.41
CA SER A 119 25.55 19.53 50.18
C SER A 119 24.58 20.68 50.07
N TYR A 120 23.32 20.45 50.45
CA TYR A 120 22.26 21.43 50.33
C TYR A 120 21.75 21.75 51.72
N TYR A 121 21.47 23.03 51.96
CA TYR A 121 21.00 23.46 53.27
C TYR A 121 19.80 24.37 53.09
N TRP A 122 19.02 24.49 54.16
CA TRP A 122 17.85 25.33 54.12
C TRP A 122 18.24 26.81 54.08
N ASN A 123 17.30 27.63 53.61
CA ASN A 123 17.52 29.04 53.43
C ASN A 123 16.26 29.77 53.89
N ASP A 124 16.42 30.73 54.80
CA ASP A 124 15.29 31.56 55.18
C ASP A 124 15.12 32.62 54.09
N CYS A 125 14.22 32.38 53.15
CA CYS A 125 14.00 33.37 52.10
C CYS A 125 13.40 34.65 52.65
N ARG A 126 12.61 34.59 53.73
CA ARG A 126 12.07 35.85 54.25
C ARG A 126 13.18 36.76 54.76
N GLN A 127 14.10 36.23 55.58
CA GLN A 127 15.17 37.10 56.06
C GLN A 127 16.04 37.60 54.91
N GLN A 128 16.28 36.76 53.91
CA GLN A 128 17.04 37.23 52.76
C GLN A 128 16.30 38.35 52.05
N TYR A 129 14.97 38.22 51.94
CA TYR A 129 14.17 39.27 51.33
C TYR A 129 14.27 40.56 52.14
N TYR A 130 14.20 40.42 53.47
CA TYR A 130 14.30 41.55 54.38
C TYR A 130 15.62 42.28 54.19
N ASP A 131 16.71 41.54 54.16
CA ASP A 131 18.02 42.16 54.04
C ASP A 131 18.25 42.70 52.63
N LEU A 132 17.62 42.09 51.60
CA LEU A 132 17.65 42.70 50.28
C LEU A 132 16.95 44.03 50.30
N CYS A 133 15.82 44.12 51.01
CA CYS A 133 15.13 45.40 51.15
C CYS A 133 16.00 46.41 51.88
N ARG A 134 16.76 45.96 52.89
CA ARG A 134 17.75 46.84 53.51
C ARG A 134 18.74 47.36 52.48
N GLU A 135 19.48 46.45 51.86
CA GLU A 135 20.59 46.80 50.98
C GLU A 135 20.17 47.66 49.79
N LEU A 136 18.90 47.62 49.41
CA LEU A 136 18.38 48.55 48.42
C LEU A 136 18.00 49.89 49.01
N GLY A 137 18.03 50.03 50.33
CA GLY A 137 17.69 51.30 50.93
C GLY A 137 16.21 51.61 50.89
N VAL A 138 15.36 50.59 50.77
CA VAL A 138 13.93 50.80 50.64
C VAL A 138 13.25 50.17 51.85
N GLU A 139 11.99 50.58 52.06
CA GLU A 139 11.18 50.01 53.11
C GLU A 139 10.50 48.75 52.60
N VAL A 140 10.17 47.85 53.54
CA VAL A 140 9.64 46.54 53.18
C VAL A 140 8.40 46.68 52.29
N SER A 141 7.51 47.61 52.64
CA SER A 141 6.26 47.74 51.92
C SER A 141 6.44 48.27 50.50
N ASP A 142 7.47 49.07 50.24
CA ASP A 142 7.69 49.57 48.90
C ASP A 142 8.02 48.44 47.93
N LEU A 143 8.98 47.60 48.29
CA LEU A 143 9.26 46.42 47.47
C LEU A 143 8.15 45.39 47.52
N THR A 144 7.40 45.26 48.61
CA THR A 144 6.21 44.42 48.53
C THR A 144 5.24 44.94 47.47
N HIS A 145 5.09 46.28 47.38
CA HIS A 145 4.25 46.90 46.37
C HIS A 145 4.75 46.59 44.95
N ASP A 146 6.03 46.85 44.67
CA ASP A 146 6.55 46.51 43.33
C ASP A 146 6.50 45.02 43.04
N LEU A 147 6.70 44.17 44.06
CA LEU A 147 6.56 42.74 43.86
C LEU A 147 5.12 42.40 43.49
N GLU A 148 4.15 43.07 44.12
CA GLU A 148 2.75 42.90 43.75
C GLU A 148 2.53 43.26 42.30
N ILE A 149 3.07 44.40 41.88
CA ILE A 149 2.89 44.84 40.50
C ILE A 149 3.52 43.86 39.54
N LEU A 150 4.72 43.37 39.88
CA LEU A 150 5.42 42.42 39.01
C LEU A 150 4.65 41.10 38.92
N CYS A 151 4.09 40.63 40.03
CA CYS A 151 3.32 39.39 40.02
C CYS A 151 2.02 39.52 39.23
N ARG A 152 1.32 40.64 39.39
CA ARG A 152 0.06 40.86 38.68
C ARG A 152 0.27 40.87 37.17
N GLU A 153 1.28 41.59 36.71
CA GLU A 153 1.57 41.81 35.29
C GLU A 153 2.23 40.60 34.60
N LYS A 154 2.13 39.39 35.17
CA LYS A 154 2.71 38.17 34.61
C LYS A 154 4.19 38.37 34.28
N CYS A 155 4.84 39.29 35.00
CA CYS A 155 6.28 39.47 34.86
C CYS A 155 7.05 38.41 35.63
N LEU A 156 6.50 37.97 36.75
CA LEU A 156 7.04 36.89 37.56
C LEU A 156 6.06 35.73 37.54
N ALA A 157 6.56 34.55 37.88
CA ALA A 157 5.74 33.35 37.87
C ALA A 157 5.34 33.03 39.30
N VAL A 158 4.04 32.93 39.52
CA VAL A 158 3.47 32.55 40.80
C VAL A 158 2.65 31.30 40.51
N ALA A 159 2.31 30.58 41.56
CA ALA A 159 2.08 29.14 41.57
C ALA A 159 1.59 28.49 40.28
N THR A 160 0.42 28.93 39.81
CA THR A 160 -0.21 28.35 38.63
C THR A 160 -0.12 29.28 37.43
N GLU A 161 0.23 30.54 37.64
CA GLU A 161 0.27 31.54 36.59
C GLU A 161 1.72 31.65 36.13
N SER A 162 2.02 31.12 34.95
CA SER A 162 3.38 31.20 34.45
C SER A 162 3.67 32.63 34.01
N ASN A 163 4.91 33.03 34.03
CA ASN A 163 5.23 34.39 33.67
C ASN A 163 5.23 34.61 32.20
N GLN A 164 5.26 35.89 31.79
CA GLN A 164 5.41 36.25 30.39
C GLN A 164 6.89 35.98 30.10
N ASN A 165 7.24 35.73 28.85
CA ASN A 165 8.61 35.26 28.59
C ASN A 165 9.79 36.09 29.06
N ASN A 166 9.79 37.40 28.84
CA ASN A 166 10.89 38.26 29.29
C ASN A 166 10.41 39.70 29.35
N SER A 167 9.11 39.85 29.70
CA SER A 167 8.54 41.19 29.82
C SER A 167 9.13 41.97 30.99
N ILE A 168 9.60 41.29 32.05
CA ILE A 168 10.14 41.99 33.22
C ILE A 168 11.23 42.97 32.87
N ILE A 169 12.16 42.58 32.01
CA ILE A 169 13.34 43.42 31.83
C ILE A 169 12.94 44.74 31.21
N SER A 170 12.18 44.69 30.12
CA SER A 170 11.72 45.92 29.49
C SER A 170 10.73 46.67 30.37
N VAL A 171 9.85 45.94 31.07
CA VAL A 171 8.80 46.57 31.86
C VAL A 171 9.39 47.34 33.05
N LEU A 172 10.34 46.74 33.74
CA LEU A 172 10.92 47.34 34.93
C LEU A 172 12.08 48.28 34.62
N PHE A 173 12.84 48.01 33.55
CA PHE A 173 14.01 48.81 33.24
C PHE A 173 13.93 49.58 31.91
N GLY A 174 13.12 49.14 30.96
CA GLY A 174 13.13 49.75 29.63
C GLY A 174 12.47 51.12 29.61
N THR A 175 13.18 52.09 29.07
CA THR A 175 12.67 53.46 28.93
C THR A 175 12.84 53.97 27.50
N ASP A 270 3.47 53.27 37.69
CA ASP A 270 3.76 54.11 38.86
C ASP A 270 4.76 53.46 39.83
N TRP A 271 5.86 52.93 39.28
CA TRP A 271 6.77 52.13 40.08
C TRP A 271 7.29 52.88 41.28
N CYS A 272 7.62 52.13 42.33
CA CYS A 272 8.16 52.69 43.55
C CYS A 272 9.67 52.54 43.68
N CYS A 273 10.19 51.34 43.44
CA CYS A 273 11.60 51.02 43.69
C CYS A 273 12.45 50.95 42.44
N GLN A 274 11.88 51.20 41.26
CA GLN A 274 12.55 50.92 39.99
C GLN A 274 14.01 51.36 39.97
N GLU A 275 14.27 52.59 40.43
CA GLU A 275 15.62 53.13 40.36
C GLU A 275 16.60 52.34 41.21
N GLU A 276 16.21 51.98 42.44
CA GLU A 276 17.12 51.26 43.32
C GLU A 276 17.49 49.90 42.72
N LEU A 277 16.49 49.17 42.22
CA LEU A 277 16.73 47.88 41.59
C LEU A 277 17.60 48.00 40.35
N ARG A 278 17.33 48.99 39.50
CA ARG A 278 18.15 49.14 38.30
C ARG A 278 19.59 49.43 38.68
N SER A 279 19.81 50.32 39.65
CA SER A 279 21.16 50.59 40.10
C SER A 279 21.81 49.33 40.65
N TYR A 280 21.04 48.54 41.40
CA TYR A 280 21.53 47.30 41.98
C TYR A 280 22.02 46.32 40.91
N VAL A 281 21.17 46.05 39.93
CA VAL A 281 21.51 45.11 38.87
C VAL A 281 22.72 45.62 38.10
N GLU A 282 22.69 46.88 37.68
CA GLU A 282 23.76 47.39 36.84
C GLU A 282 25.09 47.46 37.59
N GLN A 283 25.04 47.69 38.89
CA GLN A 283 26.26 47.71 39.65
C GLN A 283 26.84 46.31 39.65
N ASN A 284 26.06 45.36 40.16
CA ASN A 284 26.49 43.97 40.26
C ASN A 284 26.80 43.27 38.95
N THR A 285 26.00 43.52 37.93
CA THR A 285 26.21 42.87 36.65
C THR A 285 27.00 43.74 35.67
N ILE A 286 26.35 44.18 34.60
CA ILE A 286 27.01 45.01 33.61
C ILE A 286 26.05 46.09 33.15
N GLN A 287 26.55 47.11 32.45
CA GLN A 287 25.65 48.18 31.94
C GLN A 287 24.47 47.63 31.13
N TYR A 288 23.31 48.30 31.27
CA TYR A 288 22.03 47.80 30.76
C TYR A 288 22.15 47.32 29.33
N ASP A 289 21.77 46.06 29.13
CA ASP A 289 21.55 45.48 27.82
C ASP A 289 20.31 44.61 27.92
N LEU A 290 19.32 44.90 27.08
CA LEU A 290 18.04 44.19 27.17
C LEU A 290 18.24 42.68 26.99
N TRP A 291 19.03 42.30 25.99
CA TRP A 291 19.23 40.89 25.68
C TRP A 291 19.97 40.15 26.80
N ALA A 292 21.07 40.73 27.29
CA ALA A 292 21.88 40.05 28.30
C ALA A 292 21.14 39.92 29.62
N TRP A 293 20.52 41.02 30.06
CA TRP A 293 19.73 40.96 31.29
C TRP A 293 18.56 40.00 31.12
N GLY A 294 17.97 39.97 29.91
CA GLY A 294 16.89 39.03 29.65
C GLY A 294 17.32 37.59 29.82
N GLU A 295 18.48 37.24 29.24
CA GLU A 295 18.97 35.86 29.35
C GLU A 295 19.31 35.50 30.78
N MET A 296 19.97 36.40 31.51
CA MET A 296 20.29 36.16 32.91
C MET A 296 19.02 35.90 33.72
N PHE A 297 18.05 36.80 33.57
CA PHE A 297 16.78 36.66 34.26
C PHE A 297 16.11 35.34 33.92
N ASN A 298 16.12 35.00 32.63
CA ASN A 298 15.42 33.79 32.19
C ASN A 298 15.99 32.57 32.89
N LYS A 299 17.32 32.45 32.91
CA LYS A 299 17.94 31.28 33.53
C LYS A 299 17.57 31.19 35.01
N ALA A 300 17.75 32.30 35.73
CA ALA A 300 17.50 32.27 37.17
C ALA A 300 16.04 31.98 37.47
N HIS A 301 15.14 32.71 36.81
CA HIS A 301 13.71 32.59 37.07
C HIS A 301 13.21 31.20 36.72
N THR A 302 13.66 30.63 35.61
CA THR A 302 13.22 29.30 35.22
C THR A 302 13.60 28.28 36.28
N ALA A 303 14.87 28.33 36.74
CA ALA A 303 15.26 27.40 37.79
C ALA A 303 14.36 27.53 39.02
N LEU A 304 14.15 28.76 39.47
CA LEU A 304 13.39 28.95 40.70
C LEU A 304 11.95 28.46 40.56
N LYS A 305 11.28 28.77 39.45
CA LYS A 305 9.87 28.38 39.32
C LYS A 305 9.72 26.86 39.22
N ILE A 306 10.61 26.19 38.46
CA ILE A 306 10.45 24.74 38.36
C ILE A 306 10.62 24.10 39.73
N LYS A 307 11.62 24.55 40.49
CA LYS A 307 11.82 23.91 41.79
C LYS A 307 10.71 24.24 42.78
N SER A 308 10.15 25.45 42.73
CA SER A 308 9.06 25.79 43.65
C SER A 308 7.82 24.93 43.39
N THR A 309 7.41 24.83 42.12
CA THR A 309 6.22 24.02 41.82
C THR A 309 6.48 22.55 42.15
N ARG A 310 7.68 22.04 41.84
CA ARG A 310 8.00 20.66 42.17
C ARG A 310 7.93 20.42 43.66
N ASN A 311 8.41 21.36 44.48
CA ASN A 311 8.36 21.18 45.93
C ASN A 311 6.93 21.19 46.45
N TYR A 312 6.06 22.02 45.86
CA TYR A 312 4.65 22.01 46.26
C TYR A 312 4.04 20.62 46.05
N ASN A 313 4.21 20.09 44.83
CA ASN A 313 3.67 18.76 44.53
C ASN A 313 4.29 17.69 45.43
N PHE A 314 5.60 17.79 45.68
CA PHE A 314 6.29 16.82 46.53
C PHE A 314 5.75 16.83 47.95
N ALA A 315 5.49 18.01 48.50
CA ALA A 315 4.96 18.09 49.85
C ALA A 315 3.58 17.44 49.95
N LYS A 316 2.71 17.68 48.97
CA LYS A 316 1.38 17.06 49.02
C LYS A 316 1.50 15.53 48.93
N GLN A 317 2.31 15.04 48.00
CA GLN A 317 2.46 13.59 47.85
C GLN A 317 3.03 12.97 49.11
N ARG A 318 3.98 13.67 49.75
CA ARG A 318 4.55 13.17 51.00
C ARG A 318 3.50 13.10 52.10
N LEU A 319 2.61 14.11 52.18
CA LEU A 319 1.58 14.06 53.20
C LEU A 319 0.69 12.84 53.04
N GLU A 320 0.27 12.53 51.80
CA GLU A 320 -0.54 11.32 51.63
C GLU A 320 0.26 10.05 51.94
N GLN A 321 1.54 10.01 51.55
CA GLN A 321 2.38 8.86 51.89
C GLN A 321 2.47 8.67 53.40
N PHE A 322 2.63 9.76 54.16
CA PHE A 322 2.69 9.67 55.61
C PHE A 322 1.36 9.19 56.18
N LYS A 323 0.24 9.65 55.62
CA LYS A 323 -1.06 9.22 56.10
C LYS A 323 -1.28 7.72 55.86
N GLU A 324 -0.79 7.20 54.73
CA GLU A 324 -0.96 5.78 54.44
C GLU A 324 0.06 4.90 55.17
N ILE A 325 1.27 5.41 55.45
CA ILE A 325 2.26 4.62 56.17
C ILE A 325 1.83 4.36 57.60
N GLN A 326 1.26 5.36 58.25
CA GLN A 326 0.80 5.33 59.63
C GLN A 326 -0.58 4.69 59.77
N SER A 327 -1.20 4.35 58.63
CA SER A 327 -2.53 3.74 58.59
C SER A 327 -2.55 2.32 59.18
N LEU A 328 -1.43 1.59 59.11
CA LEU A 328 -1.42 0.16 59.34
C LEU A 328 -1.20 -0.16 60.82
N ASN A 329 -2.19 -0.82 61.43
CA ASN A 329 -2.21 -1.15 62.85
C ASN A 329 -1.10 -2.10 63.28
N ASN A 330 -1.11 -3.33 62.77
CA ASN A 330 -0.18 -4.36 63.22
C ASN A 330 0.86 -4.55 62.13
N LEU A 331 2.13 -4.46 62.52
CA LEU A 331 3.24 -4.51 61.58
C LEU A 331 3.85 -5.91 61.50
N LEU A 332 3.23 -6.88 62.16
CA LEU A 332 3.61 -8.29 62.13
C LEU A 332 3.80 -8.92 60.74
N VAL A 333 2.85 -8.72 59.82
CA VAL A 333 2.98 -9.34 58.49
C VAL A 333 4.27 -8.92 57.78
N VAL A 334 4.65 -7.65 57.90
CA VAL A 334 5.90 -7.19 57.26
C VAL A 334 7.08 -7.93 57.87
N LYS A 335 7.04 -8.15 59.18
CA LYS A 335 8.08 -8.92 59.84
C LYS A 335 8.18 -10.31 59.25
N LYS A 336 7.04 -10.92 58.93
CA LYS A 336 7.07 -12.22 58.26
C LYS A 336 7.76 -12.13 56.90
N LEU A 337 7.50 -11.07 56.13
CA LEU A 337 8.20 -10.88 54.85
C LEU A 337 9.72 -10.82 55.05
N ASN A 338 10.16 -10.02 55.97
CA ASN A 338 11.61 -9.94 56.04
C ASN A 338 12.21 -11.15 56.76
N ASP A 339 11.39 -11.95 57.41
CA ASP A 339 11.87 -13.23 57.91
C ASP A 339 12.03 -14.22 56.76
N PHE A 340 11.16 -14.13 55.73
CA PHE A 340 11.54 -14.52 54.38
C PHE A 340 12.94 -14.10 53.96
N PHE A 341 13.25 -12.81 54.16
CA PHE A 341 14.58 -12.35 53.75
C PHE A 341 15.67 -13.16 54.45
N ASP A 342 15.50 -13.42 55.75
CA ASP A 342 16.45 -14.25 56.48
C ASP A 342 16.50 -15.69 55.95
N SER A 343 15.35 -16.21 55.51
CA SER A 343 15.20 -17.60 55.07
C SER A 343 16.09 -17.95 53.87
N GLU A 344 16.11 -19.25 53.54
CA GLU A 344 16.96 -19.87 52.52
C GLU A 344 16.60 -19.53 51.07
N PHE A 345 15.44 -18.92 50.79
CA PHE A 345 15.13 -18.73 49.37
C PHE A 345 15.94 -17.63 48.72
N PHE A 346 17.08 -17.25 49.29
CA PHE A 346 17.83 -16.11 48.78
C PHE A 346 19.32 -16.37 48.97
N SER A 347 20.11 -16.23 47.90
CA SER A 347 21.56 -16.35 47.99
C SER A 347 22.29 -15.09 47.54
N GLY A 348 21.56 -14.07 47.07
CA GLY A 348 22.16 -12.90 46.48
C GLY A 348 23.02 -12.12 47.46
N GLU A 349 23.93 -11.34 46.87
CA GLU A 349 24.88 -10.58 47.69
C GLU A 349 24.19 -9.53 48.55
N GLU A 350 23.17 -8.86 48.03
CA GLU A 350 22.61 -7.77 48.82
C GLU A 350 21.10 -7.71 48.65
N THR A 351 20.43 -7.27 49.72
CA THR A 351 18.96 -7.29 49.86
C THR A 351 18.31 -6.03 49.32
N TYR A 352 16.97 -6.06 49.27
CA TYR A 352 16.21 -4.97 48.67
C TYR A 352 14.82 -4.88 49.29
N THR A 353 14.24 -3.69 49.19
CA THR A 353 12.88 -3.44 49.66
C THR A 353 11.87 -4.20 48.82
N ILE A 354 10.83 -4.71 49.46
CA ILE A 354 9.82 -5.54 48.81
C ILE A 354 8.60 -4.68 48.54
N CYS A 355 8.44 -4.29 47.27
CA CYS A 355 7.34 -3.44 46.83
C CYS A 355 6.17 -4.29 46.33
N VAL A 356 5.04 -3.61 46.05
CA VAL A 356 3.82 -4.30 45.67
C VAL A 356 4.02 -5.09 44.38
N HIS A 357 4.71 -4.49 43.40
CA HIS A 357 4.85 -5.12 42.09
C HIS A 357 5.64 -6.42 42.14
N HIS A 358 6.51 -6.59 43.16
CA HIS A 358 7.21 -7.87 43.32
C HIS A 358 6.23 -9.00 43.63
N LEU A 359 5.09 -8.68 44.22
CA LEU A 359 4.08 -9.66 44.59
C LEU A 359 3.00 -9.86 43.53
N GLY A 360 3.02 -9.09 42.45
CA GLY A 360 1.96 -9.14 41.46
C GLY A 360 0.81 -8.19 41.71
N GLY A 361 0.84 -7.42 42.79
CA GLY A 361 -0.18 -6.41 43.02
C GLY A 361 -1.56 -7.01 43.25
N LYS A 362 -2.57 -6.35 42.68
CA LYS A 362 -3.97 -6.70 42.91
C LYS A 362 -4.21 -8.19 42.70
N ASP A 363 -3.68 -8.71 41.59
CA ASP A 363 -3.97 -10.06 41.14
C ASP A 363 -3.44 -11.10 42.11
N LEU A 364 -2.55 -10.71 43.04
CA LEU A 364 -2.10 -11.65 44.06
C LEU A 364 -3.27 -12.29 44.78
N SER A 365 -4.36 -11.56 44.99
CA SER A 365 -5.49 -12.17 45.68
C SER A 365 -5.96 -13.42 44.94
N LYS A 366 -6.19 -13.30 43.62
CA LYS A 366 -6.56 -14.46 42.81
C LYS A 366 -5.54 -15.57 42.91
N LEU A 367 -4.25 -15.26 43.02
CA LEU A 367 -3.30 -16.35 43.23
C LEU A 367 -3.62 -17.14 44.46
N TYR A 368 -3.90 -16.47 45.59
CA TYR A 368 -4.62 -17.23 46.67
C TYR A 368 -5.80 -18.02 46.21
N LYS A 369 -6.74 -17.30 45.50
CA LYS A 369 -7.90 -18.05 45.00
C LYS A 369 -7.47 -19.22 44.15
N ALA A 370 -6.40 -19.05 43.36
CA ALA A 370 -5.90 -20.20 42.62
C ALA A 370 -5.23 -21.21 43.55
N TRP A 371 -4.36 -20.73 44.45
CA TRP A 371 -3.81 -21.59 45.50
C TRP A 371 -4.84 -22.29 46.37
N GLU A 372 -6.05 -21.73 46.56
CA GLU A 372 -6.96 -22.51 47.40
C GLU A 372 -7.40 -23.77 46.68
N ASP A 373 -7.41 -23.71 45.35
CA ASP A 373 -7.92 -24.80 44.53
C ASP A 373 -7.24 -26.11 44.88
N ASP A 374 -5.94 -26.09 44.85
CA ASP A 374 -5.16 -27.30 44.97
C ASP A 374 -3.74 -26.90 45.31
N PRO A 375 -3.19 -27.46 46.36
CA PRO A 375 -1.80 -27.15 46.74
C PRO A 375 -0.74 -27.80 45.88
N ALA A 376 -0.85 -29.12 45.70
CA ALA A 376 0.26 -30.01 45.38
C ALA A 376 1.25 -29.42 44.39
N ASP A 377 0.75 -28.76 43.36
CA ASP A 377 1.59 -28.17 42.33
C ASP A 377 1.44 -26.66 42.37
N PRO A 378 2.14 -25.98 43.30
CA PRO A 378 1.87 -24.54 43.54
C PRO A 378 2.20 -23.55 42.44
N GLU A 379 3.42 -23.60 41.89
CA GLU A 379 3.90 -22.54 40.99
C GLU A 379 3.31 -22.58 39.59
N ASN A 380 2.55 -23.62 39.20
CA ASN A 380 1.94 -23.60 37.88
C ASN A 380 1.10 -22.33 37.75
N ALA A 381 0.25 -22.09 38.75
CA ALA A 381 -0.50 -20.85 38.78
C ALA A 381 0.45 -19.67 38.85
N ILE A 382 1.52 -19.79 39.65
CA ILE A 382 2.51 -18.72 39.72
C ILE A 382 3.04 -18.42 38.32
N VAL A 383 3.45 -19.47 37.59
CA VAL A 383 4.04 -19.22 36.28
C VAL A 383 3.02 -18.51 35.39
N VAL A 384 1.76 -18.93 35.47
CA VAL A 384 0.73 -18.32 34.62
C VAL A 384 0.69 -16.82 34.87
N LEU A 385 0.62 -16.43 36.15
CA LEU A 385 0.54 -15.02 36.47
C LEU A 385 1.76 -14.27 35.97
N CYS A 386 2.96 -14.85 36.13
CA CYS A 386 4.14 -14.14 35.66
C CYS A 386 4.00 -13.89 34.17
N ASP A 387 3.63 -14.93 33.42
CA ASP A 387 3.39 -14.75 32.00
C ASP A 387 2.33 -13.67 31.87
N ASP A 388 1.22 -13.81 32.61
CA ASP A 388 0.15 -12.83 32.47
C ASP A 388 0.69 -11.41 32.70
N LEU A 389 1.39 -11.24 33.83
CA LEU A 389 1.93 -9.92 34.15
C LEU A 389 2.95 -9.38 33.17
N LYS A 390 3.83 -10.24 32.65
CA LYS A 390 4.80 -9.79 31.66
C LYS A 390 4.08 -9.36 30.39
N ASN A 391 3.01 -10.07 30.01
CA ASN A 391 2.31 -9.75 28.78
C ASN A 391 1.71 -8.35 28.83
N ASN A 392 1.01 -8.01 29.92
CA ASN A 392 0.46 -6.67 30.05
C ASN A 392 1.54 -5.67 30.46
N PHE A 393 1.07 -4.49 30.85
CA PHE A 393 1.93 -3.37 31.21
C PHE A 393 2.17 -3.45 32.71
N LYS A 394 3.29 -4.08 33.07
CA LYS A 394 3.59 -4.41 34.45
C LYS A 394 5.02 -4.95 34.49
N LYS A 395 5.53 -5.14 35.70
CA LYS A 395 6.83 -5.74 35.92
C LYS A 395 6.63 -7.16 36.44
N GLU A 396 7.44 -8.08 35.94
CA GLU A 396 7.28 -9.48 36.34
C GLU A 396 7.58 -9.65 37.83
N PRO A 397 6.67 -10.26 38.60
CA PRO A 397 6.99 -10.54 40.00
C PRO A 397 8.07 -11.59 40.05
N ILE A 398 9.01 -11.46 40.99
CA ILE A 398 10.03 -12.49 41.11
C ILE A 398 9.45 -13.71 41.79
N ARG A 399 9.74 -14.90 41.22
CA ARG A 399 9.11 -16.13 41.65
C ARG A 399 9.48 -16.52 43.07
N ASN A 400 10.74 -16.30 43.47
CA ASN A 400 11.24 -16.73 44.78
C ASN A 400 10.31 -16.25 45.90
N ILE A 401 9.95 -14.96 45.87
CA ILE A 401 9.14 -14.38 46.92
C ILE A 401 7.77 -15.05 46.98
N LEU A 402 7.14 -15.28 45.82
CA LEU A 402 5.86 -15.98 45.83
C LEU A 402 5.97 -17.39 46.35
N ARG A 403 7.10 -18.05 46.14
CA ARG A 403 7.25 -19.40 46.69
C ARG A 403 7.21 -19.33 48.22
N TYR A 404 7.93 -18.36 48.80
CA TYR A 404 7.83 -18.21 50.24
C TYR A 404 6.44 -17.76 50.68
N ILE A 405 5.79 -16.88 49.92
CA ILE A 405 4.44 -16.44 50.27
C ILE A 405 3.48 -17.61 50.28
N PHE A 406 3.64 -18.53 49.33
CA PHE A 406 2.83 -19.74 49.33
C PHE A 406 3.06 -20.54 50.60
N THR A 407 4.30 -20.56 51.10
CA THR A 407 4.55 -21.27 52.35
C THR A 407 3.64 -20.77 53.47
N ILE A 408 3.44 -19.46 53.56
CA ILE A 408 2.73 -18.84 54.67
C ILE A 408 1.36 -18.35 54.24
N ARG A 409 0.82 -18.88 53.14
CA ARG A 409 -0.38 -18.32 52.54
C ARG A 409 -1.59 -18.50 53.45
N GLN A 410 -1.81 -19.72 53.93
CA GLN A 410 -2.91 -20.01 54.85
C GLN A 410 -2.86 -19.11 56.09
N GLU A 411 -1.69 -18.98 56.71
CA GLU A 411 -1.58 -18.17 57.92
C GLU A 411 -1.45 -16.65 57.77
N CYS A 412 -0.52 -16.20 56.95
CA CYS A 412 -0.25 -14.77 56.76
C CYS A 412 -1.28 -13.92 56.03
N SER A 413 -2.22 -14.58 55.34
CA SER A 413 -3.33 -13.94 54.60
C SER A 413 -2.98 -13.17 53.31
N ALA A 414 -4.02 -12.82 52.57
CA ALA A 414 -3.90 -12.12 51.29
C ALA A 414 -4.04 -10.60 51.41
N GLN A 415 -5.09 -10.10 52.05
CA GLN A 415 -5.24 -8.65 52.16
C GLN A 415 -4.07 -8.04 52.92
N ASP A 416 -3.67 -8.70 54.02
CA ASP A 416 -2.59 -8.22 54.87
C ASP A 416 -1.26 -8.18 54.11
N ILE A 417 -0.97 -9.21 53.32
CA ILE A 417 0.32 -9.27 52.60
C ILE A 417 0.45 -8.11 51.62
N LEU A 418 -0.57 -7.86 50.80
CA LEU A 418 -0.43 -6.80 49.79
C LEU A 418 -0.40 -5.43 50.47
N ALA A 419 -1.21 -5.23 51.51
CA ALA A 419 -1.14 -3.98 52.26
C ALA A 419 0.24 -3.78 52.89
N ALA A 420 0.84 -4.86 53.41
CA ALA A 420 2.17 -4.79 54.00
C ALA A 420 3.24 -4.44 52.98
N ALA A 421 3.15 -5.05 51.79
CA ALA A 421 4.11 -4.70 50.73
C ALA A 421 3.98 -3.23 50.35
N LYS A 422 2.73 -2.75 50.26
CA LYS A 422 2.51 -1.33 50.03
C LYS A 422 3.13 -0.50 51.14
N TYR A 423 3.07 -1.00 52.38
CA TYR A 423 3.67 -0.29 53.50
C TYR A 423 5.19 -0.17 53.33
N ASN A 424 5.87 -1.27 52.96
CA ASN A 424 7.32 -1.18 52.74
C ASN A 424 7.64 -0.15 51.66
N GLN A 425 6.89 -0.23 50.55
CA GLN A 425 7.11 0.71 49.45
C GLN A 425 6.98 2.15 49.93
N GLN A 426 5.90 2.44 50.65
CA GLN A 426 5.63 3.81 51.07
C GLN A 426 6.69 4.30 52.05
N LEU A 427 7.07 3.44 53.00
CA LEU A 427 8.06 3.85 54.01
C LEU A 427 9.38 4.19 53.36
N ASP A 428 9.87 3.33 52.44
CA ASP A 428 11.16 3.62 51.83
C ASP A 428 11.10 4.85 50.93
N ARG A 429 10.02 5.00 50.15
CA ARG A 429 9.87 6.20 49.32
C ARG A 429 9.90 7.46 50.18
N TYR A 430 9.11 7.49 51.25
CA TYR A 430 9.07 8.64 52.14
C TYR A 430 10.44 8.91 52.76
N LYS A 431 11.12 7.88 53.23
CA LYS A 431 12.33 8.07 54.00
C LYS A 431 13.51 8.49 53.14
N SER A 432 13.60 7.97 51.91
CA SER A 432 14.77 8.21 51.08
C SER A 432 14.52 8.99 49.80
N GLN A 433 13.42 9.75 49.67
CA GLN A 433 13.36 10.77 48.58
C GLN A 433 13.55 12.12 49.22
N LYS A 434 14.53 12.84 48.72
CA LYS A 434 14.78 14.19 49.26
C LYS A 434 13.82 15.18 48.66
N ALA A 435 13.73 16.35 49.27
CA ALA A 435 12.96 17.47 48.73
C ALA A 435 13.79 18.19 47.67
N ASN A 436 13.12 18.69 46.65
CA ASN A 436 13.83 19.29 45.53
C ASN A 436 14.57 20.55 45.96
N PRO A 437 15.88 20.63 45.72
CA PRO A 437 16.63 21.84 46.04
C PRO A 437 16.74 22.76 44.83
N SER A 438 16.97 24.05 45.13
CA SER A 438 17.09 25.07 44.09
C SER A 438 18.56 25.37 43.86
N VAL A 439 19.08 24.94 42.71
CA VAL A 439 20.47 25.17 42.33
C VAL A 439 20.46 25.71 40.90
N LEU A 440 21.53 26.46 40.56
CA LEU A 440 21.48 27.29 39.37
C LEU A 440 21.29 26.47 38.09
N GLY A 441 22.11 25.45 37.88
CA GLY A 441 21.96 24.63 36.69
C GLY A 441 22.95 25.00 35.60
N ASN A 442 22.99 24.15 34.56
CA ASN A 442 23.99 24.25 33.50
C ASN A 442 23.40 24.62 32.14
N GLN A 443 22.22 25.23 32.10
CA GLN A 443 21.64 25.57 30.81
C GLN A 443 22.44 26.67 30.13
N GLY A 444 22.36 26.69 28.80
CA GLY A 444 23.08 27.66 27.99
C GLY A 444 22.26 28.92 27.72
N PHE A 445 22.88 29.84 27.01
CA PHE A 445 22.28 31.12 26.66
C PHE A 445 22.00 31.18 25.17
N THR A 446 20.85 31.75 24.82
CA THR A 446 20.36 31.74 23.45
C THR A 446 20.54 33.12 22.82
N TRP A 447 21.30 33.15 21.73
CA TRP A 447 21.44 34.33 20.89
C TRP A 447 20.35 34.30 19.84
N THR A 448 19.64 35.42 19.68
CA THR A 448 18.54 35.51 18.73
C THR A 448 19.06 36.00 17.38
N ASN A 449 18.55 35.39 16.31
CA ASN A 449 18.97 35.68 14.94
C ASN A 449 20.50 35.62 14.81
N ALA A 450 21.07 34.51 15.29
CA ALA A 450 22.51 34.37 15.41
C ALA A 450 23.15 33.68 14.22
N VAL A 451 22.39 32.93 13.43
CA VAL A 451 22.94 32.18 12.31
C VAL A 451 22.72 32.99 11.04
N ILE A 452 23.77 33.14 10.23
CA ILE A 452 23.62 33.84 8.96
C ILE A 452 22.72 33.01 8.06
N LEU A 453 21.83 33.66 7.32
CA LEU A 453 20.89 32.91 6.51
C LEU A 453 21.65 32.20 5.38
N PRO A 454 21.14 31.05 4.93
CA PRO A 454 21.87 30.28 3.90
C PRO A 454 22.05 31.06 2.62
N GLU A 455 21.04 31.87 2.30
CA GLU A 455 21.03 32.71 1.12
C GLU A 455 22.02 33.86 1.20
N LYS A 456 22.31 34.37 2.40
CA LYS A 456 23.29 35.42 2.59
C LYS A 456 24.66 34.91 3.04
N ALA A 457 24.90 33.60 2.95
CA ALA A 457 26.14 33.02 3.47
C ALA A 457 27.32 33.32 2.55
N GLN A 458 28.52 33.21 3.12
CA GLN A 458 29.77 33.36 2.38
C GLN A 458 30.36 31.97 2.16
N ARG A 459 30.53 31.59 0.90
CA ARG A 459 30.97 30.24 0.55
C ARG A 459 32.28 30.31 -0.20
N ASN A 460 33.29 29.61 0.31
CA ASN A 460 34.58 29.47 -0.38
C ASN A 460 34.60 28.13 -1.09
N ASP A 461 33.70 27.98 -2.04
CA ASP A 461 33.50 26.70 -2.71
C ASP A 461 34.65 26.42 -3.67
N ARG A 462 35.35 25.32 -3.47
CA ARG A 462 36.39 24.85 -4.36
C ARG A 462 35.85 23.72 -5.24
N PRO A 463 36.42 23.53 -6.43
CA PRO A 463 35.91 22.47 -7.31
C PRO A 463 35.94 21.05 -6.73
N ASN A 464 36.96 20.67 -5.95
CA ASN A 464 36.97 19.35 -5.34
C ASN A 464 36.44 19.31 -3.91
N SER A 465 35.99 20.43 -3.36
CA SER A 465 35.40 20.38 -2.02
C SER A 465 34.59 21.63 -1.76
N LEU A 466 33.37 21.45 -1.27
CA LEU A 466 32.48 22.55 -0.93
C LEU A 466 32.90 23.17 0.40
N ASP A 467 32.28 24.30 0.73
CA ASP A 467 32.55 24.97 1.99
C ASP A 467 31.52 24.47 3.00
N LEU A 468 31.98 23.66 3.95
CA LEU A 468 31.11 23.00 4.91
C LEU A 468 30.95 23.78 6.21
N ARG A 469 31.22 25.08 6.19
CA ARG A 469 31.15 25.89 7.38
C ARG A 469 29.81 26.62 7.47
N ILE A 470 29.31 26.76 8.69
CA ILE A 470 28.12 27.55 8.95
C ILE A 470 28.53 28.61 9.95
N TRP A 471 28.21 29.87 9.64
CA TRP A 471 28.72 30.96 10.46
C TRP A 471 27.63 31.55 11.33
N LEU A 472 28.05 32.00 12.51
CA LEU A 472 27.22 32.73 13.43
C LEU A 472 27.74 34.16 13.50
N TYR A 473 26.83 35.11 13.71
CA TYR A 473 27.22 36.50 13.82
C TYR A 473 26.65 36.97 15.17
N LEU A 474 27.46 36.75 16.21
CA LEU A 474 27.08 36.89 17.61
C LEU A 474 27.52 38.23 18.17
N LYS A 475 26.77 38.74 19.13
CA LYS A 475 27.20 39.90 19.88
C LYS A 475 27.97 39.43 21.11
N LEU A 476 29.18 39.93 21.28
CA LEU A 476 30.02 39.57 22.40
C LEU A 476 30.48 40.83 23.13
N ARG A 477 30.83 40.65 24.40
CA ARG A 477 31.20 41.72 25.31
C ARG A 477 32.71 41.75 25.49
N HIS A 478 33.36 42.82 25.03
CA HIS A 478 34.79 43.01 25.21
C HIS A 478 35.08 43.43 26.64
N PRO A 479 36.35 43.34 27.08
CA PRO A 479 36.67 43.80 28.44
C PRO A 479 36.31 45.25 28.69
N ASP A 480 36.33 46.10 27.65
CA ASP A 480 36.00 47.50 27.87
C ASP A 480 34.54 47.68 28.24
N GLY A 481 33.66 46.82 27.72
CA GLY A 481 32.26 46.83 28.06
C GLY A 481 31.33 46.96 26.88
N ARG A 482 31.83 47.13 25.66
CA ARG A 482 31.01 47.32 24.47
C ARG A 482 30.63 45.98 23.86
N TRP A 483 29.48 45.95 23.20
CA TRP A 483 28.97 44.76 22.54
C TRP A 483 29.22 44.89 21.05
N LYS A 484 29.96 43.93 20.49
CA LYS A 484 30.31 43.95 19.08
C LYS A 484 30.08 42.56 18.49
N LYS A 485 29.68 42.53 17.22
CA LYS A 485 29.33 41.28 16.56
C LYS A 485 30.54 40.68 15.85
N HIS A 486 30.72 39.38 16.03
CA HIS A 486 31.82 38.63 15.47
C HIS A 486 31.28 37.37 14.81
N HIS A 487 32.00 36.92 13.77
CA HIS A 487 31.65 35.72 13.04
C HIS A 487 32.38 34.51 13.63
N ILE A 488 31.63 33.46 13.91
CA ILE A 488 32.22 32.23 14.46
C ILE A 488 31.72 31.04 13.66
N PRO A 489 32.60 30.20 13.12
CA PRO A 489 32.17 29.09 12.29
C PRO A 489 32.01 27.80 13.10
N PHE A 490 31.15 26.94 12.58
CA PHE A 490 30.98 25.60 13.14
C PHE A 490 30.66 24.65 12.00
N TYR A 491 30.73 23.35 12.31
CA TYR A 491 30.60 22.32 11.30
C TYR A 491 29.44 21.39 11.65
N ASP A 492 28.60 21.11 10.67
CA ASP A 492 27.52 20.12 10.83
C ASP A 492 27.10 19.65 9.44
N THR A 493 27.48 18.43 9.07
CA THR A 493 27.07 17.92 7.76
C THR A 493 25.57 17.65 7.69
N ARG A 494 24.94 17.28 8.81
CA ARG A 494 23.50 17.08 8.77
C ARG A 494 22.78 18.40 8.52
N PHE A 495 23.16 19.44 9.27
CA PHE A 495 22.55 20.75 9.06
C PHE A 495 22.83 21.27 7.64
N PHE A 496 24.05 21.04 7.16
CA PHE A 496 24.41 21.45 5.80
C PHE A 496 23.56 20.73 4.76
N GLN A 497 23.42 19.40 4.91
CA GLN A 497 22.70 18.60 3.92
C GLN A 497 21.21 18.91 3.93
N GLU A 498 20.59 18.91 5.11
CA GLU A 498 19.14 19.05 5.16
C GLU A 498 18.71 20.46 4.79
N ILE A 499 19.44 21.46 5.23
CA ILE A 499 18.98 22.82 5.02
C ILE A 499 20.01 23.69 4.32
N TYR A 500 21.24 23.67 4.85
CA TYR A 500 22.05 24.88 4.68
C TYR A 500 22.68 24.96 3.29
N ALA A 501 23.04 23.82 2.70
CA ALA A 501 23.64 23.84 1.36
C ALA A 501 22.67 24.41 0.34
N ALA A 502 23.20 25.18 -0.61
CA ALA A 502 22.38 25.87 -1.61
C ALA A 502 22.00 24.93 -2.76
N GLY A 503 20.71 24.87 -3.06
CA GLY A 503 20.23 24.05 -4.15
C GLY A 503 20.34 24.76 -5.49
N ASN A 504 20.69 23.98 -6.51
CA ASN A 504 20.87 24.52 -7.85
C ASN A 504 19.95 23.85 -8.86
N SER A 505 18.87 23.22 -8.39
CA SER A 505 17.94 22.64 -9.35
C SER A 505 16.91 23.67 -9.75
N PRO A 506 16.61 23.75 -11.05
CA PRO A 506 15.59 24.73 -11.49
C PRO A 506 14.20 24.42 -10.97
N VAL A 507 13.85 23.14 -10.86
CA VAL A 507 12.47 22.76 -10.59
C VAL A 507 12.30 22.01 -9.27
N ASP A 508 13.30 21.23 -8.86
CA ASP A 508 13.13 20.41 -7.66
C ASP A 508 13.12 21.25 -6.38
N THR A 509 12.40 20.75 -5.38
CA THR A 509 12.15 21.49 -4.14
C THR A 509 12.00 20.50 -2.99
N CYS A 510 12.20 20.99 -1.77
CA CYS A 510 12.18 20.14 -0.60
C CYS A 510 12.09 20.98 0.66
N GLN A 511 11.64 20.38 1.76
CA GLN A 511 11.76 21.02 3.08
C GLN A 511 13.05 20.63 3.77
N PHE A 512 13.36 19.34 3.75
CA PHE A 512 14.55 18.80 4.36
C PHE A 512 15.08 17.75 3.42
N ARG A 513 16.40 17.70 3.23
CA ARG A 513 16.98 16.68 2.35
C ARG A 513 17.39 15.51 3.23
N THR A 514 16.43 14.62 3.49
CA THR A 514 16.63 13.42 4.28
C THR A 514 15.60 12.40 3.83
N PRO A 515 15.94 11.11 3.84
CA PRO A 515 15.01 10.11 3.30
C PRO A 515 13.61 10.13 3.91
N ARG A 516 13.50 10.40 5.21
CA ARG A 516 12.16 10.45 5.81
C ARG A 516 11.32 11.59 5.27
N PHE A 517 11.94 12.59 4.65
CA PHE A 517 11.21 13.68 4.03
C PHE A 517 11.18 13.57 2.52
N GLY A 518 11.66 12.47 1.96
CA GLY A 518 11.45 12.14 0.56
C GLY A 518 12.61 12.37 -0.39
N TYR A 519 13.78 12.80 0.09
CA TYR A 519 14.91 13.08 -0.78
C TYR A 519 16.06 12.11 -0.49
N HIS A 520 16.63 11.55 -1.56
CA HIS A 520 17.78 10.66 -1.48
C HIS A 520 18.93 11.28 -2.24
N LEU A 521 20.09 11.38 -1.59
CA LEU A 521 21.27 11.90 -2.24
C LEU A 521 21.74 10.93 -3.31
N PRO A 522 22.29 11.43 -4.42
CA PRO A 522 22.82 10.54 -5.45
C PRO A 522 23.98 9.74 -4.89
N LYS A 523 23.98 8.44 -5.19
CA LYS A 523 25.05 7.59 -4.65
C LYS A 523 26.38 7.88 -5.30
N LEU A 524 27.44 7.58 -4.56
CA LEU A 524 28.80 7.81 -5.05
C LEU A 524 29.13 6.79 -6.14
N THR A 525 29.80 7.27 -7.18
CA THR A 525 30.22 6.43 -8.30
C THR A 525 31.63 5.90 -8.03
N ASP A 526 32.12 5.04 -8.92
CA ASP A 526 33.45 4.48 -8.78
C ASP A 526 34.55 5.43 -9.25
N GLN A 527 34.18 6.68 -9.54
CA GLN A 527 35.12 7.71 -9.96
C GLN A 527 35.33 8.77 -8.88
N THR A 528 34.98 8.47 -7.63
CA THR A 528 34.87 9.51 -6.61
C THR A 528 36.23 9.96 -6.10
N ALA A 529 37.08 9.01 -5.69
CA ALA A 529 38.45 9.29 -5.25
C ALA A 529 38.47 10.27 -4.07
N ILE A 530 37.95 9.78 -2.95
CA ILE A 530 38.05 10.50 -1.67
C ILE A 530 39.36 10.16 -0.99
N ARG A 531 40.15 11.19 -0.67
CA ARG A 531 41.43 11.03 0.02
C ARG A 531 41.47 12.07 1.13
N VAL A 532 41.10 11.64 2.35
CA VAL A 532 41.12 12.50 3.54
C VAL A 532 41.50 11.63 4.73
N ASN A 533 41.60 12.23 5.90
CA ASN A 533 41.87 11.47 7.12
C ASN A 533 40.73 10.48 7.36
N LYS A 534 41.07 9.33 7.96
CA LYS A 534 40.05 8.32 8.21
C LYS A 534 38.98 8.84 9.17
N LYS A 535 39.39 9.58 10.19
CA LYS A 535 38.48 10.12 11.20
C LYS A 535 37.48 11.13 10.62
N HIS A 536 37.53 11.35 9.30
CA HIS A 536 36.57 12.23 8.64
C HIS A 536 35.85 11.58 7.47
N VAL A 537 36.19 10.33 7.12
CA VAL A 537 35.75 9.79 5.83
C VAL A 537 34.23 9.87 5.68
N LYS A 538 33.48 9.47 6.72
CA LYS A 538 32.03 9.52 6.65
C LYS A 538 31.56 10.92 6.28
N ALA A 539 32.02 11.93 7.02
CA ALA A 539 31.63 13.29 6.71
C ALA A 539 32.05 13.65 5.30
N ALA A 540 33.28 13.28 4.91
CA ALA A 540 33.73 13.56 3.56
C ALA A 540 32.80 12.93 2.55
N LYS A 541 32.37 11.69 2.80
CA LYS A 541 31.46 11.04 1.88
C LYS A 541 30.20 11.88 1.71
N THR A 542 29.64 12.39 2.81
CA THR A 542 28.43 13.17 2.68
C THR A 542 28.67 14.38 1.78
N GLU A 543 29.78 15.08 2.01
CA GLU A 543 30.08 16.24 1.18
C GLU A 543 30.15 15.81 -0.28
N ALA A 544 30.85 14.70 -0.56
CA ALA A 544 30.98 14.25 -1.93
C ALA A 544 29.62 14.10 -2.56
N ARG A 545 28.70 13.41 -1.87
CA ARG A 545 27.39 13.18 -2.46
C ARG A 545 26.70 14.50 -2.73
N ILE A 546 26.73 15.41 -1.74
CA ILE A 546 26.12 16.71 -1.94
C ILE A 546 26.75 17.41 -3.12
N ARG A 547 28.09 17.37 -3.18
CA ARG A 547 28.80 18.02 -4.27
C ARG A 547 28.40 17.41 -5.60
N LEU A 548 28.32 16.08 -5.66
CA LEU A 548 27.89 15.44 -6.90
C LEU A 548 26.50 15.91 -7.27
N ALA A 549 25.61 15.97 -6.29
CA ALA A 549 24.25 16.44 -6.55
C ALA A 549 24.30 17.84 -7.12
N ILE A 550 25.20 18.69 -6.62
CA ILE A 550 25.31 20.05 -7.13
C ILE A 550 25.81 20.07 -8.57
N GLN A 551 26.76 19.21 -8.95
CA GLN A 551 27.24 19.36 -10.32
C GLN A 551 26.17 18.89 -11.30
N GLN A 552 25.32 17.95 -10.88
CA GLN A 552 24.29 17.40 -11.74
C GLN A 552 23.08 18.31 -11.86
N GLY A 553 23.04 19.42 -11.12
CA GLY A 553 21.84 20.24 -11.11
C GLY A 553 20.67 19.60 -10.41
N THR A 554 20.95 18.71 -9.46
CA THR A 554 19.93 17.88 -8.84
C THR A 554 19.49 18.39 -7.47
N LEU A 555 20.35 19.12 -6.77
CA LEU A 555 20.07 19.49 -5.39
C LEU A 555 18.84 20.38 -5.28
N PRO A 556 17.79 19.93 -4.62
CA PRO A 556 16.56 20.74 -4.51
C PRO A 556 16.78 21.98 -3.68
N VAL A 557 16.01 23.01 -3.97
CA VAL A 557 16.10 24.27 -3.24
C VAL A 557 15.12 24.24 -2.07
N SER A 558 15.63 24.50 -0.87
CA SER A 558 14.77 24.44 0.31
C SER A 558 13.66 25.49 0.20
N ASN A 559 12.47 25.13 0.69
CA ASN A 559 11.33 26.04 0.68
C ASN A 559 10.84 26.33 2.09
N LEU A 560 11.77 26.38 3.05
CA LEU A 560 11.39 26.57 4.44
C LEU A 560 11.11 28.03 4.77
N LYS A 561 11.54 28.96 3.91
CA LYS A 561 11.36 30.40 4.12
C LYS A 561 11.84 30.82 5.51
N ILE A 562 13.13 30.59 5.75
CA ILE A 562 13.76 30.91 7.03
C ILE A 562 14.21 32.37 7.01
N THR A 563 13.79 33.13 8.01
CA THR A 563 14.18 34.53 8.16
C THR A 563 15.15 34.78 9.29
N GLU A 564 15.09 34.01 10.37
CA GLU A 564 15.99 34.17 11.49
C GLU A 564 16.13 32.83 12.21
N ILE A 565 17.32 32.60 12.77
CA ILE A 565 17.60 31.35 13.48
C ILE A 565 18.27 31.67 14.81
N SER A 566 17.75 31.08 15.89
CA SER A 566 18.39 31.22 17.19
C SER A 566 19.57 30.25 17.30
N ALA A 567 20.42 30.49 18.29
CA ALA A 567 21.53 29.58 18.56
C ALA A 567 21.78 29.56 20.07
N THR A 568 21.83 28.38 20.66
CA THR A 568 21.99 28.24 22.10
C THR A 568 23.38 27.69 22.40
N ILE A 569 24.15 28.44 23.19
CA ILE A 569 25.57 28.14 23.42
C ILE A 569 25.80 28.01 24.92
N ASN A 570 26.66 27.07 25.30
CA ASN A 570 27.00 26.85 26.70
C ASN A 570 28.49 27.06 26.93
N SER A 571 28.90 26.93 28.19
CA SER A 571 30.28 27.22 28.58
C SER A 571 31.29 26.30 27.91
N LYS A 572 30.86 25.15 27.40
CA LYS A 572 31.73 24.18 26.75
C LYS A 572 31.82 24.40 25.24
N GLY A 573 31.23 25.47 24.72
CA GLY A 573 31.25 25.71 23.29
C GLY A 573 30.26 24.90 22.50
N GLN A 574 29.36 24.18 23.16
CA GLN A 574 28.35 23.40 22.47
C GLN A 574 27.23 24.32 21.99
N VAL A 575 26.87 24.22 20.71
CA VAL A 575 25.83 25.06 20.13
C VAL A 575 24.66 24.18 19.68
N ARG A 576 23.45 24.70 19.87
CA ARG A 576 22.21 24.06 19.45
C ARG A 576 21.39 25.04 18.65
N ILE A 577 20.83 24.57 17.54
CA ILE A 577 20.13 25.41 16.58
C ILE A 577 18.74 24.84 16.29
N PRO A 578 17.69 25.53 16.70
CA PRO A 578 16.34 25.07 16.36
C PRO A 578 15.82 25.69 15.08
N VAL A 579 15.28 24.85 14.19
CA VAL A 579 14.58 25.29 12.99
C VAL A 579 13.12 24.92 13.17
N LYS A 580 12.26 25.94 13.20
CA LYS A 580 10.82 25.77 13.37
C LYS A 580 10.13 25.95 12.01
N PHE A 581 9.28 25.00 11.66
CA PHE A 581 8.64 25.00 10.35
C PHE A 581 7.14 24.75 10.45
N ASP A 582 6.44 25.20 9.41
CA ASP A 582 4.98 25.13 9.30
C ASP A 582 4.57 23.81 8.67
N VAL A 583 3.50 23.21 9.18
CA VAL A 583 3.10 21.91 8.66
C VAL A 583 1.65 21.79 8.13
N GLY A 584 0.63 21.95 8.97
CA GLY A 584 -0.72 21.82 8.43
C GLY A 584 -1.83 21.77 9.48
N ARG A 585 -3.07 21.73 9.04
CA ARG A 585 -4.28 21.69 9.88
C ARG A 585 -4.70 20.25 10.26
N GLN A 586 -4.33 19.90 11.49
CA GLN A 586 -4.70 18.62 12.09
C GLN A 586 -6.19 18.49 12.49
N LYS A 587 -6.51 17.36 13.10
CA LYS A 587 -7.86 16.95 13.47
C LYS A 587 -7.83 15.84 14.52
N GLY A 588 -9.02 15.58 15.13
CA GLY A 588 -9.25 14.54 16.12
C GLY A 588 -10.59 13.95 15.76
N THR A 589 -11.04 14.36 14.59
CA THR A 589 -12.28 14.04 13.91
C THR A 589 -11.95 13.09 12.76
N LEU A 590 -11.81 11.81 13.08
CA LEU A 590 -11.73 10.80 12.05
C LEU A 590 -12.94 10.89 11.15
N GLN A 591 -12.67 10.96 9.86
CA GLN A 591 -13.70 11.02 8.87
C GLN A 591 -13.68 9.77 8.02
N ILE A 592 -14.62 9.75 7.07
CA ILE A 592 -14.66 8.70 6.07
C ILE A 592 -13.50 8.93 5.12
N GLY A 593 -12.81 7.85 4.75
CA GLY A 593 -11.60 7.94 3.97
C GLY A 593 -10.35 8.16 4.77
N ASP A 594 -10.45 8.66 6.00
CA ASP A 594 -9.28 8.81 6.86
C ASP A 594 -8.69 7.45 7.17
N ARG A 595 -7.36 7.37 7.26
CA ARG A 595 -6.69 6.12 7.52
C ARG A 595 -5.93 6.19 8.84
N PHE A 596 -6.07 5.14 9.65
CA PHE A 596 -5.41 5.08 10.94
C PHE A 596 -4.68 3.77 11.07
N CYS A 597 -3.77 3.71 12.03
CA CYS A 597 -3.07 2.46 12.28
C CYS A 597 -2.83 2.34 13.77
N GLY A 598 -2.51 1.12 14.16
CA GLY A 598 -2.11 0.86 15.53
C GLY A 598 -0.85 0.02 15.53
N TYR A 599 -0.12 0.12 16.62
CA TYR A 599 1.09 -0.68 16.70
C TYR A 599 1.25 -1.27 18.09
N ASP A 600 1.74 -2.51 18.15
CA ASP A 600 2.01 -3.15 19.42
C ASP A 600 3.37 -3.81 19.41
N GLN A 601 3.86 -4.06 20.62
CA GLN A 601 5.19 -4.60 20.86
C GLN A 601 5.10 -6.03 21.39
N ASN A 602 5.94 -6.90 20.84
CA ASN A 602 5.98 -8.31 21.19
C ASN A 602 6.63 -8.52 22.55
N GLN A 603 6.55 -9.77 23.03
CA GLN A 603 7.33 -10.17 24.20
C GLN A 603 8.82 -10.13 23.90
N THR A 604 9.21 -10.37 22.66
CA THR A 604 10.60 -10.29 22.22
C THR A 604 10.99 -8.91 21.73
N ALA A 605 10.16 -7.90 22.02
CA ALA A 605 10.41 -6.51 21.62
C ALA A 605 10.47 -6.37 20.10
N SER A 606 9.61 -7.12 19.41
CA SER A 606 9.45 -6.99 17.97
C SER A 606 8.13 -6.27 17.72
N HIS A 607 8.18 -5.17 16.98
CA HIS A 607 6.99 -4.36 16.83
C HIS A 607 6.20 -4.79 15.60
N ALA A 608 4.90 -4.48 15.62
CA ALA A 608 4.02 -4.82 14.53
C ALA A 608 2.98 -3.72 14.33
N TYR A 609 2.54 -3.56 13.09
CA TYR A 609 1.62 -2.49 12.73
C TYR A 609 0.43 -3.03 11.96
N SER A 610 -0.72 -2.39 12.18
CA SER A 610 -1.96 -2.75 11.51
C SER A 610 -2.62 -1.49 10.98
N LEU A 611 -2.93 -1.48 9.67
CA LEU A 611 -3.40 -0.30 8.96
C LEU A 611 -4.85 -0.52 8.58
N TRP A 612 -5.74 0.36 9.05
CA TRP A 612 -7.18 0.31 8.81
C TRP A 612 -7.67 1.62 8.20
N GLU A 613 -8.87 1.55 7.61
CA GLU A 613 -9.52 2.69 6.98
C GLU A 613 -10.92 2.88 7.53
N VAL A 614 -11.33 4.13 7.68
CA VAL A 614 -12.71 4.46 8.02
C VAL A 614 -13.49 4.58 6.73
N VAL A 615 -14.53 3.77 6.59
CA VAL A 615 -15.26 3.65 5.33
C VAL A 615 -16.72 4.06 5.55
N LYS A 616 -17.34 4.48 4.45
CA LYS A 616 -18.73 4.93 4.48
C LYS A 616 -19.68 3.79 4.80
N GLU A 617 -19.28 2.56 4.53
CA GLU A 617 -20.19 1.43 4.53
C GLU A 617 -19.40 0.15 4.75
N GLY A 618 -20.04 -0.82 5.37
CA GLY A 618 -19.32 -2.02 5.67
C GLY A 618 -19.60 -2.56 7.05
N GLN A 619 -18.53 -2.79 7.79
CA GLN A 619 -18.60 -3.53 9.03
C GLN A 619 -18.38 -2.54 10.18
N TYR A 620 -19.43 -2.37 10.98
CA TYR A 620 -19.51 -1.35 12.02
C TYR A 620 -18.66 -1.70 13.23
N HIS A 621 -18.14 -0.67 13.90
CA HIS A 621 -17.46 -0.83 15.17
C HIS A 621 -18.13 0.07 16.19
N LYS A 622 -18.69 -0.53 17.24
CA LYS A 622 -19.44 0.23 18.21
C LYS A 622 -18.55 1.21 18.96
N GLU A 623 -17.34 0.78 19.32
CA GLU A 623 -16.42 1.61 20.09
C GLU A 623 -16.05 2.88 19.32
N LEU A 624 -15.69 2.73 18.05
CA LEU A 624 -15.36 3.90 17.23
C LEU A 624 -16.58 4.68 16.78
N GLY A 625 -17.74 4.02 16.66
CA GLY A 625 -18.93 4.70 16.21
C GLY A 625 -18.99 4.91 14.72
N CYS A 626 -18.18 4.17 13.96
CA CYS A 626 -18.09 4.34 12.51
C CYS A 626 -17.97 2.96 11.89
N PHE A 627 -17.73 2.93 10.58
CA PHE A 627 -17.51 1.68 9.85
C PHE A 627 -16.02 1.58 9.55
N VAL A 628 -15.44 0.42 9.81
CA VAL A 628 -14.00 0.29 9.58
C VAL A 628 -13.76 -0.78 8.54
N ARG A 629 -12.56 -0.75 7.98
CA ARG A 629 -12.12 -1.75 7.02
C ARG A 629 -10.63 -1.96 7.22
N PHE A 630 -10.19 -3.17 6.97
CA PHE A 630 -8.81 -3.55 7.20
C PHE A 630 -8.01 -3.40 5.92
N ILE A 631 -6.92 -2.64 5.99
CA ILE A 631 -6.14 -2.41 4.78
C ILE A 631 -5.01 -3.41 4.73
N SER A 632 -4.11 -3.36 5.68
CA SER A 632 -2.97 -4.27 5.61
C SER A 632 -2.34 -4.44 6.97
N SER A 633 -1.33 -5.30 7.03
CA SER A 633 -0.68 -5.64 8.27
C SER A 633 0.79 -5.91 7.98
N GLY A 634 1.63 -5.81 9.00
CA GLY A 634 3.05 -6.03 8.80
C GLY A 634 3.93 -6.06 10.04
N ASP A 635 5.23 -6.07 9.83
CA ASP A 635 6.22 -6.09 10.89
C ASP A 635 7.14 -4.89 10.76
N ILE A 636 7.42 -4.20 11.86
CA ILE A 636 8.31 -3.05 11.83
C ILE A 636 9.74 -3.56 11.73
N VAL A 637 10.43 -3.15 10.66
CA VAL A 637 11.77 -3.59 10.31
C VAL A 637 12.62 -2.36 9.99
N SER A 638 13.92 -2.48 10.25
CA SER A 638 14.88 -1.46 9.85
C SER A 638 16.09 -2.18 9.28
N ILE A 639 16.31 -2.06 7.98
CA ILE A 639 17.16 -2.99 7.23
C ILE A 639 18.36 -2.24 6.69
N THR A 640 19.53 -2.86 6.76
CA THR A 640 20.71 -2.35 6.08
C THR A 640 21.36 -3.46 5.29
N GLU A 641 22.01 -3.09 4.20
CA GLU A 641 22.65 -4.07 3.33
C GLU A 641 24.15 -4.09 3.54
N ASN A 642 24.72 -5.27 3.35
CA ASN A 642 26.15 -5.46 3.48
C ASN A 642 26.54 -6.37 2.33
N ARG A 643 27.17 -5.78 1.30
CA ARG A 643 27.48 -6.47 0.05
C ARG A 643 26.27 -7.18 -0.52
N GLY A 644 25.12 -6.51 -0.46
CA GLY A 644 23.90 -7.07 -1.02
C GLY A 644 23.15 -8.01 -0.10
N ASN A 645 23.61 -8.24 1.12
CA ASN A 645 22.90 -9.09 2.06
C ASN A 645 22.17 -8.21 3.07
N GLN A 646 20.88 -8.45 3.27
CA GLN A 646 20.09 -7.58 4.13
C GLN A 646 20.06 -8.11 5.55
N PHE A 647 20.32 -7.23 6.51
CA PHE A 647 20.19 -7.52 7.92
C PHE A 647 19.20 -6.56 8.54
N ASP A 648 18.25 -7.10 9.30
CA ASP A 648 17.28 -6.29 10.02
C ASP A 648 17.88 -6.03 11.41
N GLN A 649 18.34 -4.80 11.64
CA GLN A 649 18.96 -4.49 12.92
C GLN A 649 18.02 -4.75 14.09
N LEU A 650 16.72 -4.54 13.89
CA LEU A 650 15.78 -4.63 15.02
C LEU A 650 15.57 -6.07 15.48
N SER A 651 15.77 -7.06 14.62
CA SER A 651 15.45 -8.43 15.01
C SER A 651 16.45 -9.49 14.54
N TYR A 652 17.57 -9.10 13.94
CA TYR A 652 18.56 -10.09 13.51
C TYR A 652 19.12 -10.83 14.71
N GLU A 653 18.98 -12.16 14.72
CA GLU A 653 19.38 -12.98 15.85
C GLU A 653 20.73 -13.64 15.66
N GLY A 654 21.47 -13.28 14.62
CA GLY A 654 22.84 -13.75 14.45
C GLY A 654 22.94 -14.93 13.52
N LEU A 655 24.17 -15.41 13.38
CA LEU A 655 24.45 -16.54 12.50
C LEU A 655 23.72 -17.80 12.99
N ALA A 656 23.36 -18.66 12.03
CA ALA A 656 22.85 -19.96 12.38
C ALA A 656 23.99 -20.83 12.89
N TYR A 657 23.61 -21.90 13.60
CA TYR A 657 24.50 -22.83 14.28
C TYR A 657 25.68 -23.28 13.41
N PRO A 658 25.46 -23.99 12.29
CA PRO A 658 26.60 -24.57 11.57
C PRO A 658 27.58 -23.53 11.05
N GLN A 659 27.18 -22.27 10.94
CA GLN A 659 28.06 -21.25 10.38
C GLN A 659 29.01 -20.65 11.40
N TYR A 660 28.87 -20.94 12.71
CA TYR A 660 29.88 -20.38 13.62
C TYR A 660 30.61 -21.48 14.40
N ALA A 661 31.00 -22.54 13.70
CA ALA A 661 31.69 -23.65 14.36
C ALA A 661 32.93 -23.17 15.10
N ASP A 662 33.80 -22.41 14.41
CA ASP A 662 35.10 -22.03 14.97
C ASP A 662 34.97 -21.36 16.32
N TRP A 663 34.07 -20.37 16.43
CA TRP A 663 33.89 -19.65 17.68
C TRP A 663 33.55 -20.63 18.80
N ARG A 664 32.61 -21.52 18.52
CA ARG A 664 32.22 -22.59 19.43
C ARG A 664 33.40 -23.47 19.82
N LYS A 665 34.22 -23.88 18.84
CA LYS A 665 35.36 -24.72 19.18
C LYS A 665 36.18 -24.05 20.27
N LYS A 666 36.45 -22.74 20.10
CA LYS A 666 37.22 -22.05 21.10
C LYS A 666 36.50 -22.07 22.43
N ALA A 667 35.21 -21.73 22.41
CA ALA A 667 34.44 -21.74 23.64
C ALA A 667 34.44 -23.14 24.24
N SER A 668 34.19 -24.15 23.39
CA SER A 668 34.16 -25.51 23.90
C SER A 668 35.48 -25.86 24.55
N LYS A 669 36.60 -25.54 23.87
CA LYS A 669 37.89 -25.89 24.42
C LYS A 669 38.03 -25.28 25.80
N PHE A 670 37.70 -24.00 25.93
CA PHE A 670 37.92 -23.32 27.20
C PHE A 670 37.11 -23.99 28.30
N VAL A 671 35.88 -24.38 27.98
CA VAL A 671 35.04 -25.07 28.95
C VAL A 671 35.63 -26.45 29.25
N SER A 672 36.17 -27.11 28.22
CA SER A 672 36.76 -28.43 28.39
C SER A 672 37.91 -28.42 29.39
N LEU A 673 38.96 -27.64 29.08
CA LEU A 673 40.10 -27.52 29.98
C LEU A 673 39.66 -27.19 31.39
N TRP A 674 38.57 -26.45 31.53
CA TRP A 674 38.34 -25.88 32.84
C TRP A 674 37.31 -26.84 33.42
N GLN A 675 36.95 -26.70 34.69
CA GLN A 675 36.08 -27.70 35.29
C GLN A 675 35.20 -27.04 36.32
N ILE A 676 34.10 -27.72 36.65
CA ILE A 676 32.82 -27.27 37.18
C ILE A 676 32.77 -26.10 38.16
N THR A 677 31.58 -25.84 38.69
CA THR A 677 31.43 -24.74 39.62
C THR A 677 30.72 -25.22 40.87
N LYS A 678 30.78 -24.36 41.89
CA LYS A 678 30.18 -24.60 43.20
C LYS A 678 28.70 -25.01 43.12
N ILE A 685 27.63 -28.27 46.47
CA ILE A 685 27.50 -29.14 45.31
C ILE A 685 28.40 -28.66 44.17
N VAL A 686 29.61 -29.23 44.08
CA VAL A 686 30.62 -28.81 43.11
C VAL A 686 30.73 -29.77 41.92
N THR A 687 29.65 -30.47 41.61
CA THR A 687 29.65 -31.47 40.55
C THR A 687 29.52 -30.79 39.18
N VAL A 688 29.34 -31.62 38.14
CA VAL A 688 29.00 -31.17 36.78
C VAL A 688 30.12 -30.34 36.13
N GLU A 689 31.20 -31.05 35.79
CA GLU A 689 32.32 -30.42 35.10
C GLU A 689 31.81 -29.83 33.78
N ALA A 690 32.01 -28.52 33.62
CA ALA A 690 31.24 -27.60 32.79
C ALA A 690 30.73 -28.09 31.43
N LYS A 691 31.54 -28.88 30.70
CA LYS A 691 31.18 -29.34 29.34
C LYS A 691 29.73 -29.75 29.18
N GLU A 692 29.24 -30.60 30.07
CA GLU A 692 27.89 -31.12 29.96
C GLU A 692 26.87 -29.98 29.84
N LYS A 693 26.96 -28.98 30.73
CA LYS A 693 26.07 -27.81 30.63
C LYS A 693 26.26 -27.11 29.29
N PHE A 694 27.52 -26.98 28.85
CA PHE A 694 27.82 -26.43 27.53
C PHE A 694 27.06 -27.21 26.45
N ASP A 695 27.09 -28.54 26.52
CA ASP A 695 26.37 -29.32 25.53
C ASP A 695 24.87 -29.08 25.63
N ALA A 696 24.38 -28.81 26.84
CA ALA A 696 22.97 -28.46 27.01
C ALA A 696 22.59 -27.27 26.14
N ILE A 697 23.51 -26.33 25.94
CA ILE A 697 23.29 -25.27 24.97
C ILE A 697 23.27 -25.84 23.55
N CYS A 698 24.38 -26.48 23.15
CA CYS A 698 24.57 -26.83 21.75
C CYS A 698 23.56 -27.85 21.25
N LYS A 699 22.92 -28.58 22.17
CA LYS A 699 21.98 -29.60 21.78
C LYS A 699 20.68 -28.99 21.25
N TYR A 700 20.38 -27.75 21.65
CA TYR A 700 19.23 -27.03 21.11
C TYR A 700 19.53 -26.38 19.76
N GLN A 701 20.78 -26.41 19.30
CA GLN A 701 21.24 -25.76 18.08
C GLN A 701 20.81 -24.29 18.03
N PRO A 702 21.29 -23.46 18.95
CA PRO A 702 20.84 -22.06 19.01
C PRO A 702 21.58 -21.18 18.00
N ARG A 703 21.02 -20.00 17.77
CA ARG A 703 21.68 -19.01 16.93
C ARG A 703 22.74 -18.27 17.75
N LEU A 704 23.49 -17.39 17.08
CA LEU A 704 24.72 -16.87 17.67
C LEU A 704 24.47 -16.03 18.91
N TYR A 705 23.51 -15.10 18.86
CA TYR A 705 23.35 -14.16 19.98
C TYR A 705 22.72 -14.84 21.19
N LYS A 706 21.79 -15.77 20.97
CA LYS A 706 21.30 -16.59 22.07
C LYS A 706 22.43 -17.42 22.67
N PHE A 707 23.27 -18.01 21.81
CA PHE A 707 24.45 -18.71 22.29
C PHE A 707 25.34 -17.81 23.12
N ASN A 708 25.54 -16.57 22.66
CA ASN A 708 26.40 -15.65 23.39
C ASN A 708 25.82 -15.31 24.76
N LYS A 709 24.51 -15.11 24.84
CA LYS A 709 23.91 -14.84 26.14
C LYS A 709 24.09 -16.04 27.07
N GLU A 710 23.74 -17.23 26.60
CA GLU A 710 23.81 -18.41 27.46
C GLU A 710 25.24 -18.72 27.88
N TYR A 711 26.18 -18.57 26.95
CA TYR A 711 27.59 -18.79 27.28
C TYR A 711 28.11 -17.72 28.22
N ALA A 712 27.64 -16.49 28.08
CA ALA A 712 28.01 -15.46 29.06
C ALA A 712 27.52 -15.86 30.44
N TYR A 713 26.31 -16.38 30.53
CA TYR A 713 25.80 -16.85 31.81
C TYR A 713 26.69 -17.98 32.35
N LEU A 714 27.12 -18.88 31.46
CA LEU A 714 27.98 -19.98 31.90
C LEU A 714 29.34 -19.49 32.39
N LEU A 715 29.96 -18.51 31.72
CA LEU A 715 31.19 -17.93 32.26
C LEU A 715 30.97 -17.27 33.60
N ARG A 716 29.85 -16.57 33.75
CA ARG A 716 29.51 -16.02 35.06
C ARG A 716 29.51 -17.11 36.12
N ASP A 717 28.81 -18.21 35.82
CA ASP A 717 28.74 -19.33 36.74
C ASP A 717 30.13 -19.87 37.05
N ILE A 718 30.98 -20.02 36.03
CA ILE A 718 32.35 -20.50 36.26
C ILE A 718 33.11 -19.53 37.15
N VAL A 719 32.99 -18.25 36.86
CA VAL A 719 33.76 -17.24 37.59
C VAL A 719 33.40 -17.27 39.06
N ARG A 720 32.12 -17.56 39.37
CA ARG A 720 31.62 -17.46 40.74
C ARG A 720 32.53 -18.10 41.80
N GLY A 721 32.80 -19.40 41.71
CA GLY A 721 33.48 -20.11 42.79
C GLY A 721 34.99 -20.01 42.85
N LYS A 722 35.62 -19.94 41.68
CA LYS A 722 37.05 -20.00 41.45
C LYS A 722 37.94 -19.13 42.36
N SER A 723 39.19 -19.57 42.54
CA SER A 723 40.21 -18.91 43.38
C SER A 723 40.82 -17.69 42.69
N LEU A 724 41.38 -16.79 43.53
CA LEU A 724 42.00 -15.57 43.04
C LEU A 724 43.12 -15.83 42.03
N VAL A 725 43.97 -16.82 42.29
CA VAL A 725 45.05 -17.10 41.34
C VAL A 725 44.47 -17.67 40.05
N GLU A 726 43.39 -18.46 40.16
CA GLU A 726 42.76 -19.02 38.96
C GLU A 726 42.20 -17.91 38.07
N LEU A 727 41.56 -16.91 38.69
CA LEU A 727 40.89 -15.85 37.94
C LEU A 727 41.86 -15.14 37.01
N GLN A 728 43.16 -15.27 37.29
CA GLN A 728 44.19 -14.62 36.49
C GLN A 728 44.01 -14.95 35.02
N GLN A 729 43.88 -16.24 34.74
CA GLN A 729 43.71 -16.67 33.37
C GLN A 729 42.27 -16.51 32.90
N ILE A 730 41.29 -16.70 33.79
CA ILE A 730 39.91 -16.55 33.37
C ILE A 730 39.69 -15.14 32.82
N ARG A 731 40.40 -14.14 33.40
CA ARG A 731 40.31 -12.79 32.90
C ARG A 731 40.63 -12.74 31.41
N GLN A 732 41.78 -13.30 31.01
CA GLN A 732 42.13 -13.21 29.60
C GLN A 732 41.10 -13.91 28.74
N GLU A 733 40.51 -15.02 29.21
CA GLU A 733 39.54 -15.66 28.34
C GLU A 733 38.27 -14.82 28.26
N ILE A 734 37.87 -14.21 29.38
CA ILE A 734 36.77 -13.24 29.31
C ILE A 734 37.09 -12.18 28.28
N PHE A 735 38.33 -11.71 28.24
CA PHE A 735 38.66 -10.66 27.29
C PHE A 735 38.43 -11.13 25.86
N ARG A 736 38.91 -12.33 25.50
CA ARG A 736 38.65 -12.77 24.12
C ARG A 736 37.16 -12.86 23.88
N PHE A 737 36.39 -13.25 24.90
CA PHE A 737 34.96 -13.40 24.69
C PHE A 737 34.33 -12.06 24.35
N ILE A 738 34.79 -10.99 25.00
CA ILE A 738 34.10 -9.72 24.85
C ILE A 738 34.66 -8.88 23.71
N GLU A 739 35.89 -9.13 23.28
CA GLU A 739 36.57 -8.23 22.37
C GLU A 739 36.92 -8.83 21.02
N GLN A 740 36.98 -10.17 20.89
CA GLN A 740 37.42 -10.78 19.64
C GLN A 740 36.33 -11.59 18.95
N ASP A 741 36.29 -11.41 17.63
CA ASP A 741 35.66 -12.14 16.53
C ASP A 741 34.15 -12.07 16.49
N CYS A 742 33.53 -12.17 17.67
CA CYS A 742 32.07 -12.18 17.74
C CYS A 742 31.60 -11.63 19.08
N GLY A 743 32.50 -11.07 19.89
CA GLY A 743 32.08 -10.48 21.14
C GLY A 743 31.18 -9.30 20.86
N VAL A 744 30.37 -8.97 21.86
CA VAL A 744 29.38 -7.92 21.72
C VAL A 744 29.99 -6.59 21.29
N THR A 745 31.25 -6.34 21.63
CA THR A 745 31.85 -5.07 21.21
C THR A 745 32.09 -5.03 19.71
N ARG A 746 32.07 -6.17 19.02
CA ARG A 746 32.24 -6.23 17.57
C ARG A 746 30.96 -6.60 16.83
N LEU A 747 30.26 -7.64 17.25
CA LEU A 747 28.94 -7.96 16.70
C LEU A 747 27.85 -7.76 17.74
N GLY A 748 26.64 -7.62 17.20
CA GLY A 748 25.44 -7.50 17.99
C GLY A 748 24.48 -6.58 17.27
N SER A 749 23.27 -7.05 17.05
CA SER A 749 22.24 -6.29 16.38
C SER A 749 21.55 -5.42 17.43
N LEU A 750 20.39 -4.87 17.11
CA LEU A 750 19.61 -4.14 18.09
C LEU A 750 18.54 -5.02 18.73
N SER A 751 18.62 -6.34 18.55
CA SER A 751 17.59 -7.23 19.04
C SER A 751 17.62 -7.30 20.58
N LEU A 752 16.48 -7.71 21.14
CA LEU A 752 16.42 -7.96 22.58
C LEU A 752 17.48 -8.97 23.00
N SER A 753 17.80 -9.91 22.11
CA SER A 753 18.81 -10.91 22.42
C SER A 753 20.16 -10.26 22.69
N THR A 754 20.56 -9.32 21.84
CA THR A 754 21.86 -8.67 22.00
C THR A 754 21.90 -7.84 23.28
N LEU A 755 20.80 -7.15 23.58
CA LEU A 755 20.76 -6.33 24.79
C LEU A 755 20.85 -7.20 26.03
N GLU A 756 20.15 -8.34 26.04
CA GLU A 756 20.28 -9.27 27.15
C GLU A 756 21.69 -9.85 27.21
N THR A 757 22.35 -10.03 26.06
CA THR A 757 23.73 -10.49 26.06
C THR A 757 24.64 -9.47 26.72
N VAL A 758 24.44 -8.18 26.42
CA VAL A 758 25.23 -7.12 27.06
C VAL A 758 24.99 -7.10 28.55
N LYS A 759 23.73 -7.25 28.96
CA LYS A 759 23.41 -7.33 30.38
C LYS A 759 24.14 -8.49 31.04
N ALA A 760 24.15 -9.65 30.39
CA ALA A 760 24.83 -10.83 30.92
C ALA A 760 26.34 -10.65 30.99
N VAL A 761 26.94 -9.99 29.99
CA VAL A 761 28.38 -9.76 30.02
C VAL A 761 28.74 -8.84 31.19
N LYS A 762 27.92 -7.81 31.42
CA LYS A 762 28.10 -6.98 32.61
C LYS A 762 27.97 -7.81 33.88
N GLY A 763 27.00 -8.73 33.90
CA GLY A 763 26.88 -9.64 35.03
C GLY A 763 28.12 -10.51 35.23
N ILE A 764 28.73 -10.93 34.12
CA ILE A 764 29.98 -11.68 34.19
C ILE A 764 31.03 -10.86 34.91
N ILE A 765 31.20 -9.61 34.49
CA ILE A 765 32.26 -8.79 35.08
C ILE A 765 31.95 -8.51 36.55
N TYR A 766 30.69 -8.28 36.89
CA TYR A 766 30.33 -8.07 38.29
C TYR A 766 30.62 -9.31 39.13
N SER A 767 30.30 -10.49 38.60
CA SER A 767 30.59 -11.73 39.31
C SER A 767 32.09 -11.93 39.48
N TYR A 768 32.86 -11.58 38.46
CA TYR A 768 34.32 -11.54 38.57
C TYR A 768 34.76 -10.68 39.73
N PHE A 769 34.25 -9.46 39.80
CA PHE A 769 34.70 -8.53 40.83
C PHE A 769 34.34 -9.06 42.22
N SER A 770 33.12 -9.59 42.37
CA SER A 770 32.71 -10.17 43.64
C SER A 770 33.60 -11.35 44.03
N THR A 771 33.80 -12.29 43.09
CA THR A 771 34.63 -13.46 43.37
C THR A 771 36.05 -13.09 43.75
N ALA A 772 36.66 -12.20 42.97
CA ALA A 772 38.04 -11.81 43.26
C ALA A 772 38.14 -11.06 44.60
N LEU A 773 37.20 -10.17 44.89
CA LEU A 773 37.28 -9.42 46.13
C LEU A 773 36.70 -10.15 47.34
N ASN A 774 35.98 -11.26 47.13
CA ASN A 774 35.28 -11.96 48.21
C ASN A 774 34.42 -11.00 49.02
N ALA A 775 33.67 -10.16 48.31
CA ALA A 775 32.71 -9.23 48.91
C ALA A 775 31.49 -9.99 49.41
N SER A 776 30.80 -9.42 50.39
CA SER A 776 29.66 -10.12 50.98
C SER A 776 28.65 -9.10 51.48
N LYS A 777 27.63 -9.60 52.20
CA LYS A 777 26.57 -8.72 52.68
C LYS A 777 27.08 -7.69 53.69
N ASN A 778 27.92 -8.12 54.63
CA ASN A 778 28.51 -7.19 55.59
C ASN A 778 29.87 -6.66 55.13
N ASN A 779 30.45 -7.24 54.07
CA ASN A 779 31.72 -6.77 53.52
C ASN A 779 31.42 -6.42 52.06
N PRO A 780 30.83 -5.24 51.84
CA PRO A 780 30.47 -4.82 50.48
C PRO A 780 31.61 -4.16 49.72
N ILE A 781 31.41 -4.05 48.41
CA ILE A 781 32.36 -3.46 47.49
C ILE A 781 31.73 -2.28 46.77
N SER A 782 32.56 -1.30 46.42
CA SER A 782 32.13 -0.10 45.71
C SER A 782 32.84 -0.04 44.35
N ASP A 783 32.28 0.77 43.45
CA ASP A 783 32.90 0.99 42.13
C ASP A 783 34.35 1.42 42.27
N GLU A 784 34.63 2.27 43.27
CA GLU A 784 35.97 2.75 43.53
C GLU A 784 36.94 1.58 43.71
N GLN A 785 36.51 0.56 44.47
CA GLN A 785 37.34 -0.61 44.69
C GLN A 785 37.52 -1.44 43.42
N ARG A 786 36.46 -1.58 42.63
CA ARG A 786 36.57 -2.32 41.37
C ARG A 786 37.56 -1.64 40.43
N LYS A 787 37.45 -0.32 40.29
CA LYS A 787 38.35 0.43 39.42
C LYS A 787 39.80 0.31 39.89
N GLU A 788 40.03 0.53 41.20
CA GLU A 788 41.39 0.43 41.72
C GLU A 788 41.95 -0.98 41.57
N PHE A 789 41.12 -2.00 41.82
CA PHE A 789 41.57 -3.38 41.73
C PHE A 789 41.97 -3.74 40.29
N ASP A 790 41.05 -3.57 39.35
CA ASP A 790 41.28 -3.95 37.95
C ASP A 790 40.73 -2.83 37.08
N PRO A 791 41.59 -1.92 36.62
CA PRO A 791 41.07 -0.76 35.86
C PRO A 791 40.61 -1.10 34.46
N GLU A 792 41.34 -1.96 33.73
CA GLU A 792 40.98 -2.27 32.35
C GLU A 792 39.61 -2.96 32.29
N LEU A 793 39.33 -3.82 33.26
CA LEU A 793 38.05 -4.51 33.19
C LEU A 793 36.91 -3.54 33.54
N PHE A 794 37.19 -2.56 34.39
CA PHE A 794 36.22 -1.52 34.64
C PHE A 794 36.03 -0.67 33.37
N ALA A 795 37.09 -0.58 32.56
CA ALA A 795 36.97 0.08 31.26
C ALA A 795 36.04 -0.68 30.32
N LEU A 796 36.12 -2.01 30.29
CA LEU A 796 35.11 -2.76 29.54
C LEU A 796 33.71 -2.55 30.11
N LEU A 797 33.58 -2.43 31.43
CA LEU A 797 32.25 -2.11 31.98
C LEU A 797 31.73 -0.80 31.40
N GLU A 798 32.58 0.24 31.41
CA GLU A 798 32.22 1.52 30.82
C GLU A 798 31.79 1.36 29.37
N LYS A 799 32.64 0.69 28.57
CA LYS A 799 32.36 0.55 27.14
C LYS A 799 31.08 -0.22 26.90
N LEU A 800 30.83 -1.26 27.69
CA LEU A 800 29.63 -2.07 27.54
C LEU A 800 28.38 -1.26 27.85
N GLU A 801 28.41 -0.47 28.93
CA GLU A 801 27.24 0.35 29.24
C GLU A 801 27.03 1.42 28.17
N LEU A 802 28.11 1.98 27.64
CA LEU A 802 27.97 2.94 26.54
C LEU A 802 27.34 2.29 25.31
N ILE A 803 27.80 1.08 24.96
CA ILE A 803 27.21 0.33 23.86
C ILE A 803 25.73 0.11 24.10
N ARG A 804 25.38 -0.32 25.32
CA ARG A 804 23.97 -0.52 25.67
C ARG A 804 23.15 0.74 25.42
N THR A 805 23.63 1.88 25.93
CA THR A 805 22.86 3.11 25.83
C THR A 805 22.68 3.55 24.38
N ARG A 806 23.76 3.50 23.61
CA ARG A 806 23.71 3.89 22.21
C ARG A 806 22.82 2.96 21.39
N LYS A 807 22.89 1.67 21.67
CA LYS A 807 22.05 0.70 21.00
C LYS A 807 20.58 0.97 21.29
N LYS A 808 20.25 1.24 22.57
CA LYS A 808 18.87 1.53 22.93
C LYS A 808 18.35 2.77 22.22
N LYS A 809 19.14 3.83 22.20
CA LYS A 809 18.71 5.06 21.53
C LYS A 809 18.47 4.81 20.05
N GLN A 810 19.40 4.10 19.41
CA GLN A 810 19.30 3.81 17.99
C GLN A 810 18.07 2.96 17.70
N LYS A 811 17.78 1.99 18.57
CA LYS A 811 16.59 1.16 18.40
C LYS A 811 15.31 2.00 18.46
N VAL A 812 15.21 2.88 19.45
CA VAL A 812 14.00 3.71 19.54
C VAL A 812 13.84 4.56 18.28
N GLU A 813 14.93 5.19 17.84
CA GLU A 813 14.85 6.03 16.65
C GLU A 813 14.48 5.23 15.41
N ARG A 814 15.08 4.05 15.22
CA ARG A 814 14.82 3.28 14.02
C ARG A 814 13.39 2.75 14.00
N ILE A 815 12.87 2.32 15.14
CA ILE A 815 11.47 1.88 15.15
C ILE A 815 10.56 3.04 14.76
N ALA A 816 10.82 4.23 15.31
CA ALA A 816 10.00 5.39 14.95
C ALA A 816 10.10 5.70 13.46
N ASN A 817 11.31 5.68 12.91
CA ASN A 817 11.49 5.95 11.47
C ASN A 817 10.72 4.96 10.63
N SER A 818 10.83 3.67 10.96
CA SER A 818 10.17 2.64 10.16
C SER A 818 8.66 2.82 10.19
N LEU A 819 8.10 3.08 11.37
CA LEU A 819 6.65 3.25 11.44
C LEU A 819 6.20 4.50 10.67
N ILE A 820 6.97 5.59 10.77
CA ILE A 820 6.58 6.81 10.06
C ILE A 820 6.66 6.61 8.54
N GLN A 821 7.69 5.92 8.05
CA GLN A 821 7.73 5.63 6.62
C GLN A 821 6.55 4.77 6.21
N THR A 822 6.23 3.74 7.01
CA THR A 822 5.07 2.91 6.65
C THR A 822 3.80 3.75 6.57
N CYS A 823 3.63 4.67 7.52
CA CYS A 823 2.48 5.56 7.48
C CYS A 823 2.49 6.45 6.25
N LEU A 824 3.65 6.99 5.90
CA LEU A 824 3.74 7.89 4.75
C LEU A 824 3.46 7.17 3.45
N GLU A 825 3.84 5.90 3.34
CA GLU A 825 3.59 5.16 2.11
C GLU A 825 2.11 4.83 1.92
N ASN A 826 1.33 4.80 2.99
CA ASN A 826 -0.06 4.34 2.92
C ASN A 826 -1.08 5.44 3.25
N ASN A 827 -0.73 6.72 3.11
CA ASN A 827 -1.60 7.84 3.50
C ASN A 827 -2.20 7.66 4.89
N ILE A 828 -1.46 7.07 5.82
CA ILE A 828 -1.97 6.93 7.17
C ILE A 828 -1.91 8.30 7.85
N LYS A 829 -3.05 8.74 8.38
CA LYS A 829 -3.15 10.03 9.05
C LYS A 829 -3.27 9.92 10.55
N PHE A 830 -3.46 8.72 11.10
CA PHE A 830 -3.53 8.59 12.55
C PHE A 830 -2.71 7.40 13.00
N ILE A 831 -2.07 7.53 14.16
CA ILE A 831 -1.30 6.46 14.76
C ILE A 831 -1.79 6.27 16.17
N ARG A 832 -1.92 5.03 16.61
CA ARG A 832 -2.31 4.75 17.98
C ARG A 832 -1.37 3.73 18.59
N GLY A 833 -0.88 4.06 19.79
CA GLY A 833 0.05 3.20 20.49
C GLY A 833 -0.24 3.19 21.98
N GLU A 834 0.50 2.36 22.71
CA GLU A 834 0.28 2.21 24.15
C GLU A 834 1.02 3.33 24.86
N GLY A 835 0.32 4.41 25.10
CA GLY A 835 0.84 5.52 25.87
C GLY A 835 -0.31 6.43 26.19
N ASP A 836 -0.04 7.46 26.96
CA ASP A 836 -1.02 8.52 27.11
C ASP A 836 -0.32 9.86 26.99
N LEU A 837 -1.01 10.80 26.37
CA LEU A 837 -0.45 12.12 26.10
C LEU A 837 -0.69 12.91 27.38
N SER A 838 0.33 12.97 28.23
CA SER A 838 0.20 13.35 29.64
C SER A 838 -0.63 14.61 29.87
N SER A 852 4.97 -0.11 34.96
CA SER A 852 3.97 0.73 34.32
C SER A 852 4.38 1.07 32.90
N MET A 853 5.63 0.76 32.57
CA MET A 853 6.17 1.07 31.25
C MET A 853 7.37 0.19 30.99
N ASP A 854 7.78 0.19 29.73
CA ASP A 854 9.03 -0.39 29.27
C ASP A 854 9.82 0.78 28.72
N TRP A 855 11.15 0.70 28.80
CA TRP A 855 11.90 1.81 28.21
C TRP A 855 11.64 1.86 26.73
N LEU A 856 11.48 0.69 26.10
CA LEU A 856 11.20 0.64 24.67
C LEU A 856 9.81 1.19 24.38
N ALA A 857 8.81 0.83 25.17
CA ALA A 857 7.47 1.37 24.94
C ALA A 857 7.45 2.88 25.14
N ARG A 858 8.04 3.35 26.24
CA ARG A 858 8.07 4.78 26.51
C ARG A 858 8.84 5.52 25.42
N GLY A 859 10.00 4.98 25.05
CA GLY A 859 10.82 5.63 24.05
C GLY A 859 10.15 5.71 22.70
N VAL A 860 9.56 4.60 22.24
CA VAL A 860 8.90 4.59 20.95
C VAL A 860 7.71 5.55 20.96
N PHE A 861 6.92 5.54 22.03
CA PHE A 861 5.78 6.45 22.08
C PHE A 861 6.24 7.90 22.06
N ASN A 862 7.26 8.24 22.84
CA ASN A 862 7.70 9.62 22.89
C ASN A 862 8.35 10.04 21.58
N LYS A 863 9.04 9.13 20.91
CA LYS A 863 9.66 9.45 19.64
C LYS A 863 8.62 9.64 18.54
N ILE A 864 7.59 8.79 18.50
CA ILE A 864 6.52 9.01 17.54
C ILE A 864 5.77 10.30 17.86
N ARG A 865 5.59 10.61 19.16
CA ARG A 865 5.02 11.90 19.53
C ARG A 865 5.87 13.04 18.98
N GLN A 866 7.19 12.84 18.94
CA GLN A 866 8.11 13.84 18.42
C GLN A 866 8.05 13.93 16.89
N LEU A 867 7.91 12.79 16.21
CA LEU A 867 8.06 12.70 14.75
C LEU A 867 6.76 12.89 13.98
N ALA A 868 5.65 12.32 14.45
CA ALA A 868 4.40 12.37 13.70
C ALA A 868 3.91 13.80 13.40
N PRO A 869 3.94 14.76 14.33
CA PRO A 869 3.49 16.12 13.98
C PRO A 869 4.30 16.76 12.87
N MET A 870 5.48 16.22 12.56
CA MET A 870 6.29 16.78 11.49
C MET A 870 5.70 16.46 10.13
N HIS A 871 4.98 15.34 10.03
CA HIS A 871 4.36 14.89 8.80
C HIS A 871 2.86 15.05 8.84
N ASN A 872 2.37 15.88 9.76
CA ASN A 872 0.96 16.20 9.89
C ASN A 872 0.18 14.91 10.21
N ILE A 873 0.82 14.04 10.99
CA ILE A 873 0.24 12.79 11.44
C ILE A 873 -0.12 12.95 12.91
N THR A 874 -1.29 12.44 13.29
CA THR A 874 -1.83 12.66 14.62
C THR A 874 -1.65 11.40 15.46
N LEU A 875 -1.09 11.56 16.66
CA LEU A 875 -0.78 10.44 17.52
C LEU A 875 -1.75 10.37 18.70
N PHE A 876 -2.21 9.15 18.98
CA PHE A 876 -3.11 8.86 20.08
C PHE A 876 -2.53 7.76 20.94
N GLY A 877 -2.88 7.79 22.20
CA GLY A 877 -2.47 6.75 23.11
C GLY A 877 -3.66 6.04 23.69
N CYS A 878 -3.47 4.83 24.18
CA CYS A 878 -4.56 4.03 24.71
C CYS A 878 -4.00 3.09 25.78
N GLY A 879 -4.90 2.31 26.39
CA GLY A 879 -4.48 1.38 27.40
C GLY A 879 -4.53 -0.04 26.89
N SER A 880 -3.36 -0.66 26.75
CA SER A 880 -3.27 -2.00 26.18
C SER A 880 -3.43 -3.00 27.31
N LEU A 881 -4.66 -3.43 27.52
CA LEU A 881 -4.97 -4.49 28.49
C LEU A 881 -5.42 -5.73 27.72
N TYR A 882 -4.63 -6.79 27.80
CA TYR A 882 -4.91 -8.06 27.13
C TYR A 882 -5.13 -7.89 25.62
N THR A 883 -4.46 -6.91 25.01
CA THR A 883 -4.56 -6.76 23.56
C THR A 883 -4.02 -7.97 22.82
N SER A 884 -3.19 -8.77 23.47
CA SER A 884 -2.67 -9.99 22.84
C SER A 884 -3.76 -11.02 22.61
N HIS A 885 -4.87 -10.96 23.36
CA HIS A 885 -5.91 -11.97 23.30
C HIS A 885 -7.25 -11.51 22.79
N GLN A 886 -7.49 -10.20 22.65
CA GLN A 886 -8.78 -9.71 22.18
C GLN A 886 -9.01 -10.09 20.73
N ASP A 887 -10.27 -10.31 20.37
CA ASP A 887 -10.65 -10.70 19.02
C ASP A 887 -11.06 -9.45 18.26
N PRO A 888 -10.31 -9.03 17.24
CA PRO A 888 -10.63 -7.75 16.55
C PRO A 888 -12.01 -7.78 15.90
N LEU A 889 -12.69 -6.63 15.97
CA LEU A 889 -14.04 -6.39 15.48
C LEU A 889 -15.10 -7.19 16.23
N VAL A 890 -14.71 -8.03 17.17
CA VAL A 890 -15.64 -8.76 18.01
C VAL A 890 -15.54 -8.34 19.47
N HIS A 891 -14.32 -8.13 19.96
CA HIS A 891 -14.16 -7.68 21.34
C HIS A 891 -14.68 -6.27 21.48
N ARG A 892 -15.53 -6.06 22.48
CA ARG A 892 -16.23 -4.80 22.73
C ARG A 892 -17.15 -4.42 21.59
N ASN A 893 -17.55 -5.38 20.76
CA ASN A 893 -18.48 -5.13 19.67
C ASN A 893 -19.60 -6.17 19.72
N PRO A 894 -20.54 -6.02 20.67
CA PRO A 894 -20.43 -5.21 21.89
C PRO A 894 -19.95 -6.03 23.09
N ASP A 895 -19.82 -7.33 22.88
CA ASP A 895 -19.88 -8.32 23.96
C ASP A 895 -18.61 -8.54 24.77
N LYS A 896 -17.43 -8.12 24.32
CA LYS A 896 -16.17 -8.57 24.93
C LYS A 896 -15.81 -10.04 24.77
N ALA A 897 -15.20 -10.41 23.64
CA ALA A 897 -14.76 -11.77 23.41
C ALA A 897 -13.23 -11.83 23.33
N MET A 898 -12.66 -12.86 23.94
CA MET A 898 -11.22 -13.10 23.96
C MET A 898 -10.95 -14.53 23.57
N LYS A 899 -9.71 -14.81 23.16
CA LYS A 899 -9.30 -16.14 22.76
C LYS A 899 -7.88 -16.38 23.23
N CYS A 900 -7.44 -17.63 23.14
CA CYS A 900 -6.07 -17.96 23.54
C CYS A 900 -5.15 -17.89 22.32
N ARG A 901 -3.85 -17.96 22.58
CA ARG A 901 -2.85 -17.97 21.54
C ARG A 901 -2.48 -19.40 21.19
N TRP A 902 -2.31 -19.67 19.90
CA TRP A 902 -2.03 -21.01 19.40
C TRP A 902 -0.67 -21.04 18.73
N ALA A 903 -0.13 -22.24 18.55
CA ALA A 903 1.07 -22.42 17.74
C ALA A 903 0.89 -23.63 16.84
N ALA A 904 1.57 -23.60 15.69
CA ALA A 904 1.45 -24.64 14.69
C ALA A 904 2.73 -25.45 14.64
N ILE A 905 2.63 -26.75 14.92
CA ILE A 905 3.78 -27.64 15.00
C ILE A 905 3.48 -28.96 14.29
N PRO A 906 4.43 -29.50 13.53
CA PRO A 906 4.24 -30.84 12.96
C PRO A 906 4.19 -31.90 14.05
N VAL A 907 3.29 -32.87 13.86
CA VAL A 907 3.10 -33.91 14.86
C VAL A 907 4.35 -34.76 15.07
N LYS A 908 5.27 -34.82 14.09
CA LYS A 908 6.50 -35.58 14.33
C LYS A 908 7.30 -35.02 15.50
N ASP A 909 7.13 -33.74 15.81
CA ASP A 909 7.95 -33.05 16.80
C ASP A 909 7.15 -32.68 18.05
N ILE A 910 5.97 -33.27 18.27
CA ILE A 910 5.32 -33.12 19.56
C ILE A 910 6.10 -33.89 20.59
N GLY A 911 6.69 -33.17 21.55
CA GLY A 911 7.46 -33.76 22.62
C GLY A 911 6.77 -33.69 23.97
N ASP A 912 7.57 -33.99 25.00
CA ASP A 912 7.08 -34.01 26.37
C ASP A 912 6.63 -32.62 26.81
N TRP A 913 7.31 -31.58 26.30
CA TRP A 913 6.99 -30.21 26.69
C TRP A 913 5.61 -29.79 26.18
N VAL A 914 5.17 -30.32 25.04
CA VAL A 914 3.83 -30.03 24.56
C VAL A 914 2.80 -30.57 25.55
N LEU A 915 3.03 -31.79 26.05
CA LEU A 915 2.10 -32.38 27.02
C LEU A 915 2.11 -31.60 28.33
N ARG A 916 3.29 -31.16 28.77
CA ARG A 916 3.38 -30.29 29.93
C ARG A 916 2.58 -29.02 29.75
N LYS A 917 2.73 -28.36 28.61
CA LYS A 917 2.02 -27.11 28.36
C LYS A 917 0.52 -27.35 28.33
N LEU A 918 0.08 -28.46 27.73
CA LEU A 918 -1.34 -28.80 27.71
C LEU A 918 -1.87 -28.99 29.13
N SER A 919 -1.12 -29.73 29.96
CA SER A 919 -1.57 -29.95 31.33
C SER A 919 -1.64 -28.62 32.09
N GLN A 920 -0.58 -27.81 31.98
CA GLN A 920 -0.54 -26.55 32.72
C GLN A 920 -1.67 -25.61 32.30
N ASN A 921 -1.92 -25.50 31.00
CA ASN A 921 -3.04 -24.71 30.52
C ASN A 921 -4.37 -25.28 30.99
N LEU A 922 -4.45 -26.60 31.14
CA LEU A 922 -5.72 -27.21 31.50
C LEU A 922 -6.02 -27.01 32.99
N ARG A 923 -5.00 -27.07 33.86
CA ARG A 923 -5.18 -26.81 35.28
C ARG A 923 -5.32 -25.33 35.64
N ALA A 924 -5.30 -24.42 34.67
CA ALA A 924 -5.24 -22.99 34.96
C ALA A 924 -6.53 -22.27 34.58
N LYS A 925 -7.67 -22.89 34.85
CA LYS A 925 -8.96 -22.27 34.52
C LYS A 925 -9.18 -21.00 35.33
N ASN A 926 -8.74 -20.99 36.59
CA ASN A 926 -9.10 -19.92 37.51
C ASN A 926 -8.31 -18.64 37.26
N ILE A 927 -7.03 -18.77 36.96
CA ILE A 927 -6.10 -17.63 36.97
C ILE A 927 -6.16 -16.84 35.66
N GLY A 928 -7.05 -15.84 35.60
CA GLY A 928 -7.08 -14.88 34.52
C GLY A 928 -7.03 -15.45 33.11
N THR A 929 -5.97 -15.10 32.37
CA THR A 929 -5.86 -15.48 30.97
C THR A 929 -5.84 -17.00 30.79
N GLY A 930 -5.45 -17.73 31.83
CA GLY A 930 -5.48 -19.18 31.76
C GLY A 930 -6.85 -19.72 31.40
N GLU A 931 -7.92 -19.04 31.85
CA GLU A 931 -9.25 -19.49 31.49
C GLU A 931 -9.37 -19.65 29.98
N TYR A 932 -8.96 -18.63 29.22
CA TYR A 932 -9.05 -18.73 27.78
C TYR A 932 -8.23 -19.91 27.28
N TYR A 933 -7.02 -20.06 27.81
CA TYR A 933 -6.17 -21.16 27.39
C TYR A 933 -6.80 -22.48 27.77
N HIS A 934 -7.42 -22.53 28.95
CA HIS A 934 -8.20 -23.70 29.34
C HIS A 934 -9.14 -24.08 28.21
N GLN A 935 -10.02 -23.15 27.83
CA GLN A 935 -11.00 -23.49 26.82
C GLN A 935 -10.31 -23.87 25.51
N GLY A 936 -9.19 -23.22 25.20
CA GLY A 936 -8.47 -23.57 23.99
C GLY A 936 -8.13 -25.04 23.97
N VAL A 937 -7.56 -25.54 25.08
CA VAL A 937 -7.22 -26.95 25.16
C VAL A 937 -8.48 -27.79 24.98
N LYS A 938 -9.58 -27.39 25.64
CA LYS A 938 -10.84 -28.08 25.43
C LYS A 938 -11.19 -28.11 23.95
N GLU A 939 -11.20 -26.93 23.31
CA GLU A 939 -11.49 -26.88 21.88
C GLU A 939 -10.54 -27.79 21.13
N PHE A 940 -9.26 -27.73 21.50
CA PHE A 940 -8.25 -28.57 20.87
C PHE A 940 -8.67 -30.03 20.91
N LEU A 941 -9.01 -30.53 22.10
CA LEU A 941 -9.40 -31.93 22.22
C LEU A 941 -10.64 -32.20 21.37
N SER A 942 -11.63 -31.31 21.45
CA SER A 942 -12.86 -31.52 20.70
C SER A 942 -12.57 -31.61 19.22
N HIS A 943 -11.60 -30.83 18.74
CA HIS A 943 -11.28 -30.85 17.33
C HIS A 943 -10.62 -32.17 16.94
N TYR A 944 -9.64 -32.61 17.71
CA TYR A 944 -8.89 -33.79 17.33
C TYR A 944 -9.49 -35.06 17.90
N GLU A 945 -10.62 -34.95 18.61
CA GLU A 945 -11.31 -36.08 19.20
C GLU A 945 -10.37 -36.88 20.10
N LEU A 946 -9.78 -36.17 21.06
CA LEU A 946 -8.87 -36.76 22.04
C LEU A 946 -9.38 -36.57 23.46
N GLN A 947 -10.69 -36.37 23.63
CA GLN A 947 -11.26 -36.09 24.95
C GLN A 947 -10.90 -37.17 25.97
N ASP A 948 -10.77 -38.42 25.52
CA ASP A 948 -10.46 -39.53 26.43
C ASP A 948 -9.16 -39.32 27.18
N LEU A 949 -8.22 -38.60 26.58
CA LEU A 949 -6.93 -38.35 27.22
C LEU A 949 -7.01 -37.27 28.29
N GLU A 950 -8.09 -36.47 28.28
CA GLU A 950 -8.17 -35.29 29.14
C GLU A 950 -7.87 -35.63 30.59
N GLU A 951 -8.52 -36.66 31.13
CA GLU A 951 -8.30 -37.03 32.53
C GLU A 951 -6.84 -37.41 32.77
N GLU A 952 -6.25 -38.19 31.85
CA GLU A 952 -4.84 -38.52 31.98
C GLU A 952 -3.96 -37.27 31.88
N LEU A 953 -4.39 -36.28 31.11
CA LEU A 953 -3.65 -35.02 31.08
C LEU A 953 -3.79 -34.26 32.39
N LEU A 954 -4.91 -34.41 33.10
CA LEU A 954 -5.04 -33.82 34.42
C LEU A 954 -4.06 -34.45 35.40
N LYS A 955 -3.73 -35.73 35.21
CA LYS A 955 -2.78 -36.43 36.06
C LYS A 955 -1.33 -36.14 35.68
N TRP A 956 -1.09 -35.45 34.58
CA TRP A 956 0.27 -35.21 34.11
C TRP A 956 0.95 -34.25 35.07
N ARG A 957 1.82 -34.77 35.92
CA ARG A 957 2.66 -33.94 36.77
C ARG A 957 4.09 -34.05 36.27
N SER A 958 4.96 -33.21 36.85
CA SER A 958 6.23 -32.86 36.23
C SER A 958 7.05 -34.09 35.85
N ASP A 959 7.43 -34.92 36.82
CA ASP A 959 8.42 -35.96 36.58
C ASP A 959 7.91 -37.37 36.91
N ARG A 960 6.58 -37.59 36.89
CA ARG A 960 6.05 -38.91 37.18
C ARG A 960 6.55 -39.95 36.20
N LYS A 961 6.78 -41.17 36.71
CA LYS A 961 7.09 -42.29 35.84
C LYS A 961 5.88 -42.67 34.99
N SER A 962 4.68 -42.65 35.59
CA SER A 962 3.46 -43.08 34.93
C SER A 962 2.93 -42.06 33.92
N ASN A 963 3.63 -40.96 33.69
CA ASN A 963 3.19 -39.94 32.74
C ASN A 963 2.82 -40.55 31.40
N ILE A 964 1.67 -40.13 30.87
CA ILE A 964 1.32 -40.45 29.48
C ILE A 964 2.40 -39.87 28.58
N PRO A 965 3.09 -40.70 27.81
CA PRO A 965 4.22 -40.22 27.00
C PRO A 965 3.76 -39.52 25.71
N CYS A 966 4.72 -38.80 25.11
CA CYS A 966 4.42 -38.04 23.91
C CYS A 966 4.10 -38.93 22.72
N TRP A 967 4.71 -40.11 22.63
CA TRP A 967 4.47 -40.97 21.47
C TRP A 967 3.05 -41.49 21.42
N VAL A 968 2.35 -41.60 22.56
CA VAL A 968 0.92 -41.90 22.53
C VAL A 968 0.19 -40.84 21.72
N LEU A 969 0.46 -39.56 22.06
CA LEU A 969 -0.18 -38.45 21.37
C LEU A 969 0.18 -38.44 19.89
N GLN A 970 1.45 -38.68 19.57
CA GLN A 970 1.86 -38.68 18.17
C GLN A 970 1.18 -39.79 17.38
N ASN A 971 1.11 -41.00 17.95
CA ASN A 971 0.48 -42.11 17.25
C ASN A 971 -1.00 -41.80 17.02
N ARG A 972 -1.65 -41.26 18.05
CA ARG A 972 -3.07 -40.92 17.96
C ARG A 972 -3.33 -39.82 16.92
N LEU A 973 -2.54 -38.74 16.96
CA LEU A 973 -2.71 -37.64 16.01
C LEU A 973 -2.35 -38.05 14.59
N ALA A 974 -1.35 -38.92 14.42
CA ALA A 974 -1.03 -39.43 13.09
C ALA A 974 -2.20 -40.24 12.55
N GLU A 975 -2.80 -41.09 13.40
CA GLU A 975 -4.07 -41.74 13.06
C GLU A 975 -5.12 -40.73 12.59
N LYS A 976 -5.24 -39.62 13.32
CA LYS A 976 -6.32 -38.67 13.01
C LYS A 976 -6.04 -37.90 11.72
N LEU A 977 -4.77 -37.68 11.39
CA LEU A 977 -4.39 -36.88 10.22
C LEU A 977 -3.57 -37.65 9.20
N GLY A 978 -3.49 -38.97 9.29
CA GLY A 978 -2.79 -39.75 8.27
C GLY A 978 -1.29 -39.98 8.38
N ASN A 979 -0.53 -38.91 8.63
CA ASN A 979 0.92 -38.99 8.62
C ASN A 979 1.50 -38.34 9.86
N LYS A 980 2.82 -38.47 10.00
CA LYS A 980 3.56 -37.80 11.06
C LYS A 980 4.07 -36.42 10.66
N GLU A 981 3.87 -36.03 9.40
CA GLU A 981 4.28 -34.71 8.91
C GLU A 981 3.16 -33.68 8.95
N ALA A 982 1.97 -34.06 9.40
CA ALA A 982 0.84 -33.15 9.46
C ALA A 982 1.06 -32.07 10.52
N VAL A 983 0.40 -30.94 10.33
CA VAL A 983 0.55 -29.78 11.20
C VAL A 983 -0.65 -29.72 12.14
N VAL A 984 -0.39 -29.58 13.44
CA VAL A 984 -1.44 -29.46 14.44
C VAL A 984 -1.27 -28.12 15.16
N TYR A 985 -2.39 -27.63 15.67
CA TYR A 985 -2.42 -26.37 16.40
C TYR A 985 -2.60 -26.67 17.88
N ILE A 986 -1.73 -26.10 18.70
CA ILE A 986 -1.68 -26.40 20.12
C ILE A 986 -1.81 -25.09 20.89
N PRO A 987 -2.74 -24.99 21.83
CA PRO A 987 -2.80 -23.78 22.68
C PRO A 987 -1.58 -23.70 23.59
N VAL A 988 -0.70 -22.74 23.35
CA VAL A 988 0.49 -22.55 24.16
C VAL A 988 0.64 -21.06 24.46
N ARG A 989 1.26 -20.76 25.61
CA ARG A 989 1.52 -19.36 25.92
C ARG A 989 2.49 -18.74 24.94
N GLY A 990 2.23 -17.48 24.58
CA GLY A 990 3.08 -16.79 23.64
C GLY A 990 3.17 -17.48 22.30
N GLY A 991 2.09 -18.08 21.84
CA GLY A 991 2.11 -18.71 20.53
C GLY A 991 2.09 -17.67 19.44
N ARG A 992 2.58 -18.07 18.27
CA ARG A 992 2.68 -17.13 17.16
C ARG A 992 1.43 -17.08 16.29
N ILE A 993 0.45 -17.94 16.55
CA ILE A 993 -0.74 -18.05 15.73
C ILE A 993 -1.93 -17.59 16.55
N TYR A 994 -2.77 -16.75 15.96
CA TYR A 994 -4.01 -16.33 16.61
C TYR A 994 -5.17 -16.69 15.70
N PHE A 995 -6.19 -17.32 16.29
CA PHE A 995 -7.39 -17.72 15.57
C PHE A 995 -8.40 -16.58 15.63
N ALA A 996 -8.49 -15.80 14.56
CA ALA A 996 -9.32 -14.61 14.54
C ALA A 996 -10.66 -14.88 13.88
N THR A 997 -11.69 -14.17 14.37
CA THR A 997 -13.02 -14.27 13.79
C THR A 997 -13.03 -13.77 12.35
N HIS A 998 -12.28 -12.69 12.07
CA HIS A 998 -12.21 -12.10 10.76
C HIS A 998 -10.77 -12.08 10.29
N LYS A 999 -10.58 -11.81 9.00
CA LYS A 999 -9.26 -11.70 8.41
C LYS A 999 -8.71 -10.32 8.77
N VAL A 1000 -7.91 -10.26 9.83
CA VAL A 1000 -7.39 -8.99 10.32
C VAL A 1000 -5.86 -9.03 10.36
N ALA A 1001 -5.27 -9.83 9.48
CA ALA A 1001 -3.83 -9.90 9.34
C ALA A 1001 -3.48 -10.26 7.91
N THR A 1002 -2.46 -9.60 7.37
CA THR A 1002 -2.01 -9.88 6.03
C THR A 1002 -1.41 -11.28 5.95
N GLY A 1003 -1.81 -12.04 4.93
CA GLY A 1003 -1.35 -13.41 4.77
C GLY A 1003 -2.14 -14.44 5.54
N ALA A 1004 -3.23 -14.03 6.21
CA ALA A 1004 -4.02 -14.94 6.99
C ALA A 1004 -4.72 -15.95 6.10
N VAL A 1005 -4.82 -17.19 6.58
CA VAL A 1005 -5.52 -18.20 5.80
C VAL A 1005 -6.77 -18.61 6.57
N SER A 1006 -7.71 -19.22 5.85
CA SER A 1006 -8.97 -19.63 6.45
C SER A 1006 -8.95 -21.14 6.70
N ILE A 1007 -9.30 -21.55 7.91
CA ILE A 1007 -9.44 -22.96 8.25
C ILE A 1007 -10.76 -23.14 9.01
N VAL A 1008 -11.05 -24.39 9.34
CA VAL A 1008 -12.17 -24.74 10.20
C VAL A 1008 -11.59 -25.52 11.37
N PHE A 1009 -11.72 -24.96 12.58
CA PHE A 1009 -11.25 -25.59 13.81
C PHE A 1009 -12.42 -25.72 14.76
N ASP A 1010 -12.64 -26.94 15.26
CA ASP A 1010 -13.76 -27.27 16.15
C ASP A 1010 -15.08 -26.76 15.56
N GLN A 1011 -15.27 -27.06 14.28
CA GLN A 1011 -16.45 -26.65 13.52
C GLN A 1011 -16.71 -25.16 13.62
N LYS A 1012 -15.63 -24.38 13.54
CA LYS A 1012 -15.73 -22.93 13.62
C LYS A 1012 -14.83 -22.37 12.53
N GLN A 1013 -15.36 -21.47 11.70
CA GLN A 1013 -14.51 -20.86 10.69
C GLN A 1013 -13.59 -19.88 11.39
N VAL A 1014 -12.32 -19.93 11.02
CA VAL A 1014 -11.30 -19.18 11.71
C VAL A 1014 -10.26 -18.69 10.71
N TRP A 1015 -9.70 -17.53 10.98
CA TRP A 1015 -8.56 -17.04 10.22
C TRP A 1015 -7.29 -17.24 11.04
N VAL A 1016 -6.39 -18.08 10.51
CA VAL A 1016 -5.05 -18.22 11.05
C VAL A 1016 -4.30 -16.94 10.72
N CYS A 1017 -4.04 -16.13 11.75
CA CYS A 1017 -3.43 -14.82 11.62
C CYS A 1017 -2.14 -14.78 12.42
N ASN A 1018 -1.24 -13.89 11.98
CA ASN A 1018 -0.07 -13.57 12.78
C ASN A 1018 -0.51 -12.92 14.08
N ALA A 1019 -0.15 -13.54 15.20
CA ALA A 1019 -0.67 -13.10 16.49
C ALA A 1019 -0.29 -11.66 16.80
N ASP A 1020 0.94 -11.28 16.48
CA ASP A 1020 1.40 -9.93 16.75
C ASP A 1020 0.63 -8.93 15.90
N HIS A 1021 0.31 -9.33 14.67
CA HIS A 1021 -0.49 -8.48 13.80
C HIS A 1021 -1.90 -8.31 14.37
N VAL A 1022 -2.44 -9.36 14.98
CA VAL A 1022 -3.72 -9.24 15.66
C VAL A 1022 -3.61 -8.25 16.82
N ALA A 1023 -2.53 -8.32 17.58
CA ALA A 1023 -2.35 -7.37 18.68
C ALA A 1023 -2.28 -5.94 18.17
N ALA A 1024 -1.58 -5.73 17.05
CA ALA A 1024 -1.52 -4.40 16.44
C ALA A 1024 -2.90 -3.93 16.00
N ALA A 1025 -3.69 -4.83 15.42
CA ALA A 1025 -5.06 -4.47 15.04
C ALA A 1025 -5.88 -4.09 16.26
N ASN A 1026 -5.71 -4.83 17.35
CA ASN A 1026 -6.43 -4.52 18.58
C ASN A 1026 -6.05 -3.15 19.10
N ILE A 1027 -4.76 -2.80 19.06
CA ILE A 1027 -4.33 -1.48 19.47
C ILE A 1027 -4.93 -0.41 18.57
N ALA A 1028 -5.04 -0.71 17.26
CA ALA A 1028 -5.61 0.24 16.32
C ALA A 1028 -7.10 0.50 16.55
N LEU A 1029 -7.80 -0.43 17.19
CA LEU A 1029 -9.25 -0.33 17.41
C LEU A 1029 -9.60 -0.03 18.86
N THR A 1030 -8.68 0.62 19.58
CA THR A 1030 -8.85 0.95 20.98
C THR A 1030 -9.13 2.44 21.10
N VAL A 1031 -10.09 2.80 21.94
CA VAL A 1031 -10.38 4.21 22.16
C VAL A 1031 -10.22 4.62 23.62
N LYS A 1032 -10.23 3.68 24.56
CA LYS A 1032 -10.16 3.99 25.98
C LYS A 1032 -8.74 3.73 26.47
N GLY A 1033 -8.16 4.74 27.12
CA GLY A 1033 -6.78 4.65 27.58
C GLY A 1033 -6.60 4.37 29.06
N SER D 1 -22.52 17.74 -8.61
CA SER D 1 -22.04 16.66 -7.76
C SER D 1 -22.75 15.35 -8.09
N MET D 2 -22.63 14.37 -7.19
CA MET D 2 -23.24 13.05 -7.33
C MET D 2 -22.96 12.29 -8.61
N SER D 3 -21.82 11.60 -8.61
CA SER D 3 -21.51 10.64 -9.64
C SER D 3 -22.49 9.48 -9.54
N SER D 4 -22.99 9.01 -10.69
CA SER D 4 -23.95 7.92 -10.74
C SER D 4 -23.41 6.84 -11.67
N ALA D 5 -23.75 5.58 -11.36
CA ALA D 5 -23.33 4.43 -12.15
C ALA D 5 -24.47 3.44 -12.18
N ILE D 6 -24.41 2.54 -13.16
CA ILE D 6 -25.44 1.53 -13.34
C ILE D 6 -24.78 0.16 -13.32
N LYS D 7 -25.37 -0.76 -12.55
CA LYS D 7 -25.02 -2.15 -12.51
C LYS D 7 -26.26 -2.85 -13.06
N SER D 8 -26.10 -3.88 -13.87
CA SER D 8 -27.25 -4.56 -14.43
C SER D 8 -27.14 -6.06 -14.24
N TYR D 9 -28.30 -6.71 -14.30
CA TYR D 9 -28.45 -8.13 -14.08
C TYR D 9 -29.26 -8.73 -15.23
N LYS D 10 -28.98 -9.97 -15.57
CA LYS D 10 -29.59 -10.62 -16.71
C LYS D 10 -30.04 -12.04 -16.35
N SER D 11 -31.21 -12.42 -16.84
CA SER D 11 -31.78 -13.74 -16.60
C SER D 11 -32.87 -14.00 -17.63
N VAL D 12 -33.66 -15.04 -17.39
CA VAL D 12 -34.81 -15.36 -18.23
C VAL D 12 -36.02 -15.57 -17.34
N LEU D 13 -37.17 -15.09 -17.78
CA LEU D 13 -38.40 -15.22 -17.02
C LEU D 13 -38.91 -16.64 -17.08
N ARG D 14 -39.52 -17.10 -15.99
CA ARG D 14 -40.08 -18.44 -15.90
C ARG D 14 -41.55 -18.35 -15.51
N PRO D 15 -42.42 -17.90 -16.42
CA PRO D 15 -43.85 -17.82 -16.11
C PRO D 15 -44.52 -19.17 -16.35
N ASN D 16 -45.74 -19.29 -15.80
CA ASN D 16 -46.56 -20.48 -16.01
C ASN D 16 -47.26 -20.38 -17.35
N GLU D 17 -48.15 -21.35 -17.65
CA GLU D 17 -48.77 -21.39 -18.98
C GLU D 17 -49.63 -20.15 -19.25
N ARG D 18 -50.52 -19.78 -18.31
CA ARG D 18 -51.35 -18.59 -18.53
C ARG D 18 -50.47 -17.38 -18.75
N LYS D 19 -49.62 -17.08 -17.78
CA LYS D 19 -48.82 -15.87 -17.83
C LYS D 19 -47.79 -15.92 -18.94
N ASN D 20 -47.31 -17.10 -19.32
CA ASN D 20 -46.42 -17.17 -20.47
C ASN D 20 -47.13 -16.73 -21.73
N GLN D 21 -48.37 -17.22 -21.93
CA GLN D 21 -49.10 -16.77 -23.11
C GLN D 21 -49.46 -15.29 -23.01
N LEU D 22 -49.78 -14.80 -21.82
CA LEU D 22 -50.07 -13.38 -21.65
C LEU D 22 -48.85 -12.54 -22.04
N LEU D 23 -47.66 -12.94 -21.58
CA LEU D 23 -46.45 -12.22 -21.88
C LEU D 23 -46.13 -12.26 -23.38
N LYS D 24 -46.26 -13.44 -23.99
CA LYS D 24 -45.97 -13.53 -25.43
C LYS D 24 -46.97 -12.71 -26.25
N SER D 25 -48.25 -12.75 -25.88
CA SER D 25 -49.23 -11.94 -26.59
C SER D 25 -48.94 -10.45 -26.43
N THR D 26 -48.59 -10.03 -25.21
CA THR D 26 -48.28 -8.62 -24.98
C THR D 26 -47.05 -8.20 -25.79
N ILE D 27 -46.01 -9.02 -25.80
CA ILE D 27 -44.80 -8.68 -26.55
C ILE D 27 -45.09 -8.66 -28.06
N GLN D 28 -45.92 -9.59 -28.54
CA GLN D 28 -46.26 -9.58 -29.95
C GLN D 28 -47.07 -8.35 -30.31
N CYS D 29 -48.01 -7.97 -29.44
CA CYS D 29 -48.74 -6.72 -29.58
C CYS D 29 -47.79 -5.53 -29.68
N LEU D 30 -46.77 -5.53 -28.83
CA LEU D 30 -45.84 -4.41 -28.80
C LEU D 30 -44.96 -4.38 -30.06
N GLU D 31 -44.50 -5.54 -30.55
CA GLU D 31 -43.86 -5.57 -31.87
C GLU D 31 -44.76 -5.03 -32.97
N ASP D 32 -46.01 -5.50 -32.99
CA ASP D 32 -46.88 -5.12 -34.10
C ASP D 32 -47.10 -3.62 -34.10
N GLY D 33 -47.37 -3.04 -32.94
CA GLY D 33 -47.46 -1.60 -32.85
C GLY D 33 -46.16 -0.90 -33.17
N SER D 34 -45.03 -1.50 -32.77
CA SER D 34 -43.71 -0.90 -33.04
C SER D 34 -43.44 -0.83 -34.53
N ALA D 35 -43.75 -1.92 -35.26
CA ALA D 35 -43.58 -1.92 -36.69
C ALA D 35 -44.52 -0.94 -37.37
N PHE D 36 -45.76 -0.84 -36.86
CA PHE D 36 -46.67 0.16 -37.42
C PHE D 36 -46.13 1.57 -37.26
N PHE D 37 -45.73 1.97 -36.02
CA PHE D 37 -45.11 3.29 -35.93
C PHE D 37 -43.86 3.38 -36.77
N PHE D 38 -43.14 2.29 -36.94
CA PHE D 38 -41.94 2.37 -37.77
C PHE D 38 -42.30 2.85 -39.16
N LYS D 39 -43.33 2.24 -39.75
CA LYS D 39 -43.71 2.66 -41.09
C LYS D 39 -44.25 4.09 -41.11
N MET D 40 -45.13 4.42 -40.16
CA MET D 40 -45.72 5.75 -40.15
C MET D 40 -44.69 6.83 -39.87
N LEU D 41 -43.77 6.60 -38.94
CA LEU D 41 -42.71 7.54 -38.65
C LEU D 41 -41.75 7.66 -39.82
N GLN D 42 -41.56 6.56 -40.56
CA GLN D 42 -40.78 6.63 -41.79
C GLN D 42 -41.41 7.61 -42.76
N GLY D 43 -42.74 7.57 -42.88
CA GLY D 43 -43.43 8.56 -43.70
C GLY D 43 -43.27 9.98 -43.17
N LEU D 44 -43.49 10.18 -41.86
CA LEU D 44 -43.33 11.52 -41.28
C LEU D 44 -41.94 12.09 -41.54
N PHE D 45 -40.90 11.33 -41.20
CA PHE D 45 -39.54 11.82 -41.41
C PHE D 45 -39.25 12.02 -42.88
N GLY D 46 -39.90 11.24 -43.76
CA GLY D 46 -39.89 11.57 -45.17
C GLY D 46 -40.52 12.90 -45.49
N GLY D 47 -41.40 13.39 -44.61
CA GLY D 47 -42.04 14.66 -44.89
C GLY D 47 -41.35 15.93 -44.41
N ILE D 48 -40.09 15.86 -43.99
CA ILE D 48 -39.43 17.04 -43.45
C ILE D 48 -38.92 17.92 -44.60
N THR D 49 -38.72 19.20 -44.28
CA THR D 49 -38.33 20.23 -45.23
C THR D 49 -37.01 20.86 -44.82
N PRO D 50 -36.29 21.51 -45.76
CA PRO D 50 -35.01 22.13 -45.39
C PRO D 50 -35.09 23.15 -44.26
N GLU D 51 -36.19 23.90 -44.18
CA GLU D 51 -36.31 24.97 -43.20
C GLU D 51 -36.32 24.39 -41.79
N ILE D 52 -36.95 23.23 -41.64
CA ILE D 52 -36.98 22.51 -40.37
C ILE D 52 -35.57 22.15 -39.96
N VAL D 53 -34.77 21.66 -40.91
CA VAL D 53 -33.39 21.30 -40.61
C VAL D 53 -32.61 22.54 -40.20
N ARG D 54 -32.94 23.71 -40.78
CA ARG D 54 -32.35 24.96 -40.29
C ARG D 54 -32.65 25.21 -38.81
N PHE D 55 -33.93 25.12 -38.40
CA PHE D 55 -34.18 25.41 -36.98
C PHE D 55 -33.50 24.40 -36.08
N SER D 56 -33.46 23.13 -36.50
CA SER D 56 -32.79 22.13 -35.67
C SER D 56 -31.27 22.28 -35.68
N THR D 57 -30.71 22.95 -36.69
CA THR D 57 -29.27 23.11 -36.86
C THR D 57 -28.76 24.50 -36.46
N GLU D 58 -29.59 25.32 -35.82
CA GLU D 58 -29.15 26.67 -35.43
C GLU D 58 -27.95 26.60 -34.50
N GLN D 59 -27.89 25.60 -33.63
CA GLN D 59 -26.98 25.60 -32.49
C GLN D 59 -25.67 24.86 -32.72
N GLU D 60 -25.51 24.17 -33.84
CA GLU D 60 -24.41 23.23 -33.99
C GLU D 60 -23.03 23.88 -34.17
N LYS D 61 -22.02 23.24 -33.57
CA LYS D 61 -20.63 23.69 -33.70
C LYS D 61 -20.19 23.71 -35.14
N GLN D 62 -20.40 22.60 -35.85
CA GLN D 62 -20.00 22.45 -37.24
C GLN D 62 -21.19 22.80 -38.12
N GLN D 63 -20.98 23.72 -39.06
CA GLN D 63 -21.91 23.92 -40.17
C GLN D 63 -22.27 22.60 -40.83
N GLN D 64 -23.58 22.34 -40.87
CA GLN D 64 -24.18 21.11 -41.32
C GLN D 64 -24.69 21.24 -42.74
N ASP D 65 -24.78 20.09 -43.41
CA ASP D 65 -25.34 20.01 -44.77
C ASP D 65 -26.83 19.70 -44.66
N ILE D 66 -27.67 20.66 -45.04
CA ILE D 66 -29.11 20.45 -44.99
C ILE D 66 -29.56 19.52 -46.10
N ALA D 67 -28.99 19.68 -47.29
CA ALA D 67 -29.43 18.87 -48.42
C ALA D 67 -29.23 17.39 -48.12
N LEU D 68 -28.09 17.03 -47.52
CA LEU D 68 -27.83 15.62 -47.23
C LEU D 68 -28.75 15.09 -46.14
N TRP D 69 -29.06 15.91 -45.12
CA TRP D 69 -30.00 15.46 -44.09
C TRP D 69 -31.37 15.22 -44.70
N CYS D 70 -31.83 16.13 -45.55
CA CYS D 70 -33.07 15.94 -46.28
C CYS D 70 -33.01 14.67 -47.12
N ALA D 71 -31.87 14.42 -47.77
CA ALA D 71 -31.76 13.24 -48.62
C ALA D 71 -31.86 11.96 -47.81
N VAL D 72 -31.12 11.87 -46.70
CA VAL D 72 -31.10 10.65 -45.90
C VAL D 72 -32.46 10.40 -45.26
N ASN D 73 -33.20 11.45 -44.91
CA ASN D 73 -34.54 11.23 -44.37
C ASN D 73 -35.60 11.00 -45.45
N TRP D 74 -35.38 11.50 -46.68
CA TRP D 74 -36.36 11.35 -47.76
C TRP D 74 -36.26 10.02 -48.49
N PHE D 75 -35.08 9.41 -48.56
CA PHE D 75 -34.91 8.15 -49.27
C PHE D 75 -34.21 7.15 -48.38
N ARG D 76 -34.83 5.99 -48.20
CA ARG D 76 -34.20 5.02 -47.32
C ARG D 76 -34.17 3.65 -47.97
N PRO D 77 -33.15 2.88 -47.71
CA PRO D 77 -33.24 1.45 -48.03
C PRO D 77 -33.87 0.69 -46.88
N VAL D 78 -34.90 -0.09 -47.19
CA VAL D 78 -35.72 -0.76 -46.20
C VAL D 78 -35.92 -2.21 -46.59
N SER D 79 -36.42 -2.99 -45.64
CA SER D 79 -36.82 -4.36 -45.89
C SER D 79 -38.20 -4.38 -46.53
N GLN D 80 -38.62 -5.57 -46.96
CA GLN D 80 -39.94 -5.72 -47.54
C GLN D 80 -41.03 -5.37 -46.54
N ASP D 81 -40.73 -5.49 -45.24
CA ASP D 81 -41.74 -5.27 -44.21
C ASP D 81 -42.21 -3.83 -44.17
N SER D 82 -41.31 -2.88 -44.41
CA SER D 82 -41.62 -1.45 -44.30
C SER D 82 -41.28 -0.73 -45.60
N LEU D 83 -41.85 -1.22 -46.70
CA LEU D 83 -41.65 -0.67 -48.03
C LEU D 83 -42.98 -0.39 -48.68
N THR D 84 -43.20 0.87 -49.08
CA THR D 84 -44.44 1.28 -49.73
C THR D 84 -44.22 1.76 -51.15
N HIS D 85 -43.36 2.77 -51.37
CA HIS D 85 -43.17 3.37 -52.68
C HIS D 85 -41.73 3.12 -53.15
N THR D 86 -41.57 2.08 -53.97
CA THR D 86 -40.27 1.70 -54.52
C THR D 86 -39.70 2.76 -55.44
N ILE D 87 -38.38 2.93 -55.41
CA ILE D 87 -37.67 3.83 -56.30
C ILE D 87 -36.38 3.16 -56.76
N ALA D 88 -36.00 3.42 -58.01
CA ALA D 88 -34.85 2.78 -58.64
C ALA D 88 -33.59 3.62 -58.46
N SER D 89 -32.42 2.99 -58.63
CA SER D 89 -31.13 3.62 -58.38
C SER D 89 -30.75 4.66 -59.41
N ASP D 90 -31.60 4.82 -60.43
CA ASP D 90 -31.53 5.87 -61.43
C ASP D 90 -32.38 7.08 -61.08
N ASN D 91 -33.64 6.83 -60.78
CA ASN D 91 -34.63 7.88 -60.50
C ASN D 91 -34.41 8.69 -59.24
N LEU D 92 -33.60 8.17 -58.32
CA LEU D 92 -33.33 8.83 -57.05
C LEU D 92 -32.94 10.30 -57.20
N VAL D 93 -31.82 10.57 -57.87
CA VAL D 93 -31.40 11.96 -58.04
C VAL D 93 -32.46 12.79 -58.74
N GLU D 94 -33.06 12.24 -59.79
CA GLU D 94 -34.09 12.97 -60.54
C GLU D 94 -35.26 13.41 -59.67
N LYS D 95 -35.70 12.56 -58.75
CA LYS D 95 -36.79 12.90 -57.88
C LYS D 95 -36.36 13.81 -56.74
N PHE D 96 -35.13 13.63 -56.28
CA PHE D 96 -34.63 14.47 -55.21
C PHE D 96 -34.63 15.90 -55.70
N GLU D 97 -34.02 16.11 -56.86
CA GLU D 97 -33.96 17.42 -57.47
C GLU D 97 -35.36 18.00 -57.61
N GLU D 98 -36.33 17.16 -57.94
CA GLU D 98 -37.71 17.59 -58.04
C GLU D 98 -38.22 18.07 -56.68
N TYR D 99 -37.84 17.39 -55.61
CA TYR D 99 -38.31 17.76 -54.27
C TYR D 99 -37.60 18.93 -53.60
N TYR D 100 -36.31 19.08 -53.86
CA TYR D 100 -35.51 20.13 -53.22
C TYR D 100 -35.49 21.43 -54.02
N GLY D 101 -35.73 21.36 -55.33
CA GLY D 101 -35.66 22.53 -56.19
C GLY D 101 -34.25 23.05 -56.39
N GLY D 102 -33.29 22.16 -56.58
CA GLY D 102 -31.90 22.54 -56.78
C GLY D 102 -31.12 21.33 -57.24
N THR D 103 -29.87 21.58 -57.63
CA THR D 103 -29.05 20.50 -58.14
C THR D 103 -28.68 19.55 -56.99
N ALA D 104 -28.80 18.26 -57.24
CA ALA D 104 -28.48 17.27 -56.23
C ALA D 104 -27.00 17.35 -55.87
N SER D 105 -26.73 17.45 -54.57
CA SER D 105 -25.37 17.60 -54.08
C SER D 105 -24.52 16.40 -54.49
N ASP D 106 -23.21 16.64 -54.58
CA ASP D 106 -22.28 15.57 -54.91
C ASP D 106 -22.30 14.48 -53.84
N ALA D 107 -22.33 14.89 -52.57
CA ALA D 107 -22.40 13.92 -51.48
C ALA D 107 -23.68 13.10 -51.55
N ILE D 108 -24.80 13.75 -51.86
CA ILE D 108 -26.06 13.03 -52.01
C ILE D 108 -25.99 12.08 -53.21
N LYS D 109 -25.34 12.50 -54.29
CA LYS D 109 -25.19 11.58 -55.41
C LYS D 109 -24.42 10.33 -55.01
N GLN D 110 -23.38 10.49 -54.20
CA GLN D 110 -22.71 9.29 -53.67
C GLN D 110 -23.63 8.45 -52.79
N TYR D 111 -24.42 9.09 -51.92
CA TYR D 111 -25.37 8.33 -51.12
C TYR D 111 -26.31 7.50 -52.01
N PHE D 112 -26.83 8.11 -53.08
CA PHE D 112 -27.71 7.37 -53.97
C PHE D 112 -26.95 6.33 -54.80
N SER D 113 -25.73 6.67 -55.22
CA SER D 113 -24.96 5.84 -56.15
C SER D 113 -24.15 4.79 -55.39
N ALA D 114 -24.86 3.94 -54.65
CA ALA D 114 -24.22 3.07 -53.67
C ALA D 114 -24.74 1.64 -53.80
N SER D 115 -23.94 0.72 -53.28
CA SER D 115 -24.37 -0.67 -53.18
C SER D 115 -25.40 -0.79 -52.07
N ILE D 116 -26.33 -1.72 -52.24
CA ILE D 116 -27.43 -1.84 -51.30
C ILE D 116 -27.53 -3.31 -50.90
N GLY D 117 -28.18 -3.55 -49.77
CA GLY D 117 -28.26 -4.90 -49.25
C GLY D 117 -28.97 -5.84 -50.22
N GLU D 118 -28.64 -7.13 -50.10
CA GLU D 118 -29.22 -8.11 -51.01
C GLU D 118 -30.74 -8.17 -50.83
N SER D 119 -31.21 -8.06 -49.59
CA SER D 119 -32.61 -8.19 -49.22
C SER D 119 -33.25 -6.84 -48.93
N TYR D 120 -32.60 -5.75 -49.29
CA TYR D 120 -33.05 -4.39 -48.99
C TYR D 120 -33.27 -3.64 -50.30
N TYR D 121 -34.32 -2.81 -50.33
CA TYR D 121 -34.67 -2.05 -51.53
C TYR D 121 -34.92 -0.58 -51.16
N TRP D 122 -34.80 0.30 -52.15
CA TRP D 122 -34.99 1.72 -51.91
C TRP D 122 -36.46 2.07 -51.73
N ASN D 123 -36.69 3.19 -51.03
CA ASN D 123 -38.03 3.67 -50.72
C ASN D 123 -38.03 5.20 -50.74
N ASP D 124 -38.96 5.76 -51.50
CA ASP D 124 -39.26 7.19 -51.58
C ASP D 124 -40.13 7.57 -50.37
N CYS D 125 -39.47 8.06 -49.31
CA CYS D 125 -40.21 8.44 -48.10
C CYS D 125 -41.09 9.67 -48.31
N ARG D 126 -40.69 10.62 -49.16
CA ARG D 126 -41.57 11.77 -49.42
C ARG D 126 -42.89 11.34 -50.05
N GLN D 127 -42.83 10.47 -51.06
CA GLN D 127 -44.07 9.99 -51.65
C GLN D 127 -44.91 9.25 -50.62
N GLN D 128 -44.25 8.51 -49.73
CA GLN D 128 -44.96 7.86 -48.64
C GLN D 128 -45.65 8.89 -47.78
N TYR D 129 -45.00 10.03 -47.56
CA TYR D 129 -45.56 11.11 -46.76
C TYR D 129 -46.83 11.66 -47.41
N TYR D 130 -46.79 11.87 -48.72
CA TYR D 130 -47.99 12.34 -49.43
C TYR D 130 -49.13 11.33 -49.34
N ASP D 131 -48.82 10.04 -49.52
CA ASP D 131 -49.88 9.04 -49.44
C ASP D 131 -50.41 8.90 -48.02
N LEU D 132 -49.56 9.13 -47.02
CA LEU D 132 -50.01 9.17 -45.64
C LEU D 132 -50.93 10.36 -45.40
N CYS D 133 -50.63 11.50 -46.03
CA CYS D 133 -51.49 12.66 -45.91
C CYS D 133 -52.88 12.38 -46.47
N ARG D 134 -52.97 11.73 -47.64
CA ARG D 134 -54.29 11.29 -48.08
C ARG D 134 -54.91 10.29 -47.10
N GLU D 135 -54.20 9.20 -46.80
CA GLU D 135 -54.82 8.15 -46.00
C GLU D 135 -55.30 8.68 -44.65
N LEU D 136 -54.70 9.77 -44.16
CA LEU D 136 -55.27 10.49 -43.01
C LEU D 136 -56.34 11.48 -43.40
N GLY D 137 -56.53 11.76 -44.69
CA GLY D 137 -57.58 12.69 -45.05
C GLY D 137 -57.31 14.13 -44.73
N VAL D 138 -56.04 14.53 -44.59
CA VAL D 138 -55.67 15.89 -44.24
C VAL D 138 -54.90 16.49 -45.41
N GLU D 139 -54.73 17.80 -45.36
CA GLU D 139 -53.92 18.47 -46.37
C GLU D 139 -52.45 18.35 -46.00
N VAL D 140 -51.60 18.37 -47.03
CA VAL D 140 -50.17 18.16 -46.81
C VAL D 140 -49.63 19.19 -45.82
N SER D 141 -50.04 20.45 -45.99
CA SER D 141 -49.49 21.53 -45.18
C SER D 141 -49.93 21.43 -43.72
N ASP D 142 -51.08 20.82 -43.45
CA ASP D 142 -51.50 20.67 -42.06
C ASP D 142 -50.55 19.73 -41.32
N LEU D 143 -50.26 18.57 -41.91
CA LEU D 143 -49.32 17.64 -41.30
C LEU D 143 -47.91 18.21 -41.29
N THR D 144 -47.53 19.00 -42.29
CA THR D 144 -46.25 19.70 -42.22
C THR D 144 -46.20 20.65 -41.02
N HIS D 145 -47.30 21.36 -40.75
CA HIS D 145 -47.41 22.17 -39.54
C HIS D 145 -47.16 21.36 -38.28
N ASP D 146 -47.88 20.25 -38.14
CA ASP D 146 -47.74 19.45 -36.93
C ASP D 146 -46.33 18.89 -36.80
N LEU D 147 -45.72 18.52 -37.94
CA LEU D 147 -44.35 18.02 -37.93
C LEU D 147 -43.37 19.12 -37.54
N GLU D 148 -43.62 20.35 -38.00
CA GLU D 148 -42.81 21.50 -37.61
C GLU D 148 -42.83 21.66 -36.10
N ILE D 149 -44.03 21.57 -35.50
CA ILE D 149 -44.15 21.72 -34.06
C ILE D 149 -43.39 20.61 -33.34
N LEU D 150 -43.56 19.37 -33.79
CA LEU D 150 -42.91 18.25 -33.12
C LEU D 150 -41.39 18.35 -33.19
N CYS D 151 -40.86 18.75 -34.34
CA CYS D 151 -39.42 18.92 -34.46
C CYS D 151 -38.94 20.08 -33.57
N ARG D 152 -39.71 21.16 -33.51
CA ARG D 152 -39.39 22.27 -32.61
C ARG D 152 -39.38 21.81 -31.16
N GLU D 153 -40.44 21.12 -30.75
CA GLU D 153 -40.57 20.65 -29.37
C GLU D 153 -39.69 19.49 -29.09
N LYS D 154 -38.75 19.17 -30.00
CA LYS D 154 -37.85 18.03 -29.85
C LYS D 154 -38.62 16.77 -29.48
N CYS D 155 -39.86 16.67 -29.97
CA CYS D 155 -40.62 15.43 -29.81
C CYS D 155 -40.10 14.38 -30.78
N LEU D 156 -39.59 14.83 -31.93
CA LEU D 156 -38.92 14.01 -32.91
C LEU D 156 -37.47 14.45 -33.01
N ALA D 157 -36.64 13.57 -33.55
CA ALA D 157 -35.21 13.82 -33.68
C ALA D 157 -34.92 14.33 -35.08
N VAL D 158 -34.19 15.42 -35.18
CA VAL D 158 -33.85 15.93 -36.48
C VAL D 158 -32.32 16.00 -36.47
N ALA D 159 -31.71 16.28 -37.61
CA ALA D 159 -30.32 15.98 -37.94
C ALA D 159 -29.29 15.82 -36.80
N THR D 160 -29.22 16.81 -35.93
CA THR D 160 -28.32 16.78 -34.78
C THR D 160 -28.98 17.10 -33.44
N GLU D 161 -30.27 17.33 -33.42
CA GLU D 161 -30.97 17.64 -32.19
C GLU D 161 -31.80 16.43 -31.80
N SER D 162 -31.36 15.71 -30.77
CA SER D 162 -32.06 14.52 -30.33
C SER D 162 -33.35 14.91 -29.61
N ASN D 163 -34.30 13.98 -29.64
CA ASN D 163 -35.60 14.18 -29.04
C ASN D 163 -35.57 14.11 -27.53
N GLN D 164 -36.64 14.60 -26.91
CA GLN D 164 -36.76 14.51 -25.47
C GLN D 164 -37.58 13.25 -25.32
N ASN D 165 -36.90 12.17 -24.96
CA ASN D 165 -37.47 10.84 -24.78
C ASN D 165 -38.75 10.43 -25.52
N ASN D 166 -39.85 10.39 -24.79
CA ASN D 166 -41.13 9.87 -25.29
C ASN D 166 -42.24 10.87 -25.01
N SER D 167 -41.86 12.14 -24.93
CA SER D 167 -42.78 13.24 -24.70
C SER D 167 -43.85 13.36 -25.79
N ILE D 168 -43.60 12.84 -26.99
CA ILE D 168 -44.51 13.03 -28.11
C ILE D 168 -45.90 12.49 -27.77
N ILE D 169 -45.96 11.35 -27.07
CA ILE D 169 -47.26 10.74 -26.78
C ILE D 169 -48.10 11.65 -25.90
N SER D 170 -47.51 12.11 -24.78
CA SER D 170 -48.24 13.00 -23.88
C SER D 170 -48.54 14.33 -24.55
N VAL D 171 -47.60 14.83 -25.36
CA VAL D 171 -47.80 16.13 -25.99
C VAL D 171 -48.91 16.07 -27.04
N LEU D 172 -48.88 15.05 -27.88
CA LEU D 172 -49.81 14.93 -29.00
C LEU D 172 -51.10 14.19 -28.63
N PHE D 173 -50.99 13.01 -28.05
CA PHE D 173 -52.19 12.23 -27.82
C PHE D 173 -52.70 12.33 -26.39
N GLY D 174 -51.81 12.59 -25.43
CA GLY D 174 -52.27 12.75 -24.07
C GLY D 174 -52.83 14.14 -23.88
N THR D 175 -54.12 14.23 -23.56
CA THR D 175 -54.75 15.52 -23.34
C THR D 175 -55.56 15.53 -22.05
N GLU D 268 -47.27 23.46 -28.18
CA GLU D 268 -47.74 22.10 -28.11
C GLU D 268 -49.26 22.05 -27.89
N ARG D 269 -49.98 23.04 -28.45
CA ARG D 269 -51.41 23.11 -28.24
C ARG D 269 -52.18 23.51 -29.51
N ASP D 270 -51.57 23.41 -30.69
CA ASP D 270 -52.09 24.07 -31.87
C ASP D 270 -52.39 23.12 -33.03
N TRP D 271 -52.50 21.83 -32.76
CA TRP D 271 -52.47 20.86 -33.85
C TRP D 271 -53.62 21.00 -34.82
N CYS D 272 -53.33 20.61 -36.06
CA CYS D 272 -54.23 20.59 -37.20
C CYS D 272 -54.79 19.19 -37.43
N CYS D 273 -53.93 18.18 -37.33
CA CYS D 273 -54.26 16.81 -37.63
C CYS D 273 -54.45 15.92 -36.40
N GLN D 274 -54.32 16.49 -35.19
CA GLN D 274 -54.25 15.68 -33.97
C GLN D 274 -55.29 14.57 -33.91
N GLU D 275 -56.55 14.91 -34.16
CA GLU D 275 -57.61 13.91 -34.08
C GLU D 275 -57.34 12.80 -35.10
N GLU D 276 -56.98 13.19 -36.32
CA GLU D 276 -56.72 12.22 -37.39
C GLU D 276 -55.54 11.32 -37.03
N LEU D 277 -54.45 11.90 -36.51
CA LEU D 277 -53.30 11.11 -36.10
C LEU D 277 -53.66 10.13 -35.01
N ARG D 278 -54.40 10.59 -33.99
CA ARG D 278 -54.78 9.71 -32.90
C ARG D 278 -55.67 8.57 -33.38
N SER D 279 -56.67 8.89 -34.22
CA SER D 279 -57.54 7.84 -34.74
C SER D 279 -56.77 6.87 -35.61
N TYR D 280 -55.85 7.37 -36.43
CA TYR D 280 -55.07 6.49 -37.30
C TYR D 280 -54.28 5.48 -36.46
N VAL D 281 -53.54 6.00 -35.47
CA VAL D 281 -52.72 5.13 -34.64
C VAL D 281 -53.59 4.16 -33.86
N GLU D 282 -54.64 4.66 -33.21
CA GLU D 282 -55.50 3.82 -32.38
C GLU D 282 -56.23 2.77 -33.21
N GLN D 283 -56.71 3.13 -34.39
CA GLN D 283 -57.35 2.16 -35.27
C GLN D 283 -56.38 1.07 -35.67
N ASN D 284 -55.17 1.47 -36.08
CA ASN D 284 -54.24 0.47 -36.58
C ASN D 284 -53.60 -0.34 -35.46
N THR D 285 -53.33 0.24 -34.30
CA THR D 285 -52.72 -0.67 -33.32
C THR D 285 -53.62 -1.20 -32.22
N ILE D 286 -53.73 -0.44 -31.12
CA ILE D 286 -54.47 -0.85 -29.93
C ILE D 286 -55.00 0.41 -29.25
N GLN D 287 -55.93 0.22 -28.32
CA GLN D 287 -56.50 1.40 -27.68
C GLN D 287 -55.41 2.15 -26.92
N TYR D 288 -55.63 3.44 -26.77
CA TYR D 288 -54.64 4.33 -26.20
C TYR D 288 -54.16 3.85 -24.84
N ASP D 289 -52.85 3.65 -24.74
CA ASP D 289 -52.17 3.47 -23.46
C ASP D 289 -50.84 4.21 -23.55
N LEU D 290 -50.61 5.12 -22.60
CA LEU D 290 -49.40 5.95 -22.66
C LEU D 290 -48.13 5.10 -22.65
N TRP D 291 -48.07 4.10 -21.77
CA TRP D 291 -46.85 3.29 -21.67
C TRP D 291 -46.62 2.48 -22.95
N ALA D 292 -47.66 1.82 -23.45
CA ALA D 292 -47.49 0.93 -24.60
C ALA D 292 -47.15 1.73 -25.85
N TRP D 293 -47.88 2.82 -26.09
CA TRP D 293 -47.57 3.68 -27.23
C TRP D 293 -46.18 4.27 -27.08
N GLY D 294 -45.77 4.60 -25.86
CA GLY D 294 -44.43 5.09 -25.65
C GLY D 294 -43.36 4.09 -26.05
N GLU D 295 -43.55 2.83 -25.67
CA GLU D 295 -42.56 1.82 -26.02
C GLU D 295 -42.50 1.57 -27.53
N MET D 296 -43.68 1.51 -28.18
CA MET D 296 -43.74 1.34 -29.63
C MET D 296 -43.01 2.47 -30.34
N PHE D 297 -43.36 3.71 -29.97
CA PHE D 297 -42.73 4.87 -30.56
C PHE D 297 -41.23 4.84 -30.35
N ASN D 298 -40.80 4.49 -29.13
CA ASN D 298 -39.37 4.52 -28.84
C ASN D 298 -38.61 3.59 -29.77
N LYS D 299 -39.10 2.36 -29.92
CA LYS D 299 -38.38 1.40 -30.77
C LYS D 299 -38.30 1.90 -32.21
N ALA D 300 -39.44 2.35 -32.75
CA ALA D 300 -39.46 2.80 -34.14
C ALA D 300 -38.57 4.01 -34.36
N HIS D 301 -38.72 5.02 -33.51
CA HIS D 301 -37.97 6.26 -33.66
C HIS D 301 -36.47 6.02 -33.50
N THR D 302 -36.08 5.18 -32.54
CA THR D 302 -34.66 4.91 -32.34
C THR D 302 -34.05 4.28 -33.57
N ALA D 303 -34.71 3.25 -34.13
CA ALA D 303 -34.19 2.64 -35.35
C ALA D 303 -34.01 3.66 -36.47
N LEU D 304 -35.06 4.45 -36.72
CA LEU D 304 -34.98 5.39 -37.84
C LEU D 304 -33.91 6.45 -37.64
N LYS D 305 -33.82 7.02 -36.43
CA LYS D 305 -32.88 8.12 -36.23
C LYS D 305 -31.44 7.63 -36.31
N ILE D 306 -31.15 6.47 -35.71
CA ILE D 306 -29.77 5.99 -35.77
C ILE D 306 -29.38 5.70 -37.22
N LYS D 307 -30.28 5.08 -38.00
CA LYS D 307 -29.88 4.76 -39.37
C LYS D 307 -29.76 6.00 -40.25
N SER D 308 -30.60 7.02 -40.04
CA SER D 308 -30.48 8.24 -40.82
C SER D 308 -29.14 8.94 -40.55
N THR D 309 -28.78 9.08 -39.28
CA THR D 309 -27.49 9.70 -38.96
C THR D 309 -26.33 8.89 -39.52
N ARG D 310 -26.41 7.56 -39.43
CA ARG D 310 -25.37 6.73 -40.01
C ARG D 310 -25.25 6.98 -41.51
N ASN D 311 -26.37 7.11 -42.21
CA ASN D 311 -26.31 7.33 -43.66
C ASN D 311 -25.70 8.69 -43.99
N TYR D 312 -26.00 9.72 -43.19
CA TYR D 312 -25.38 11.01 -43.46
C TYR D 312 -23.86 10.94 -43.35
N ASN D 313 -23.37 10.37 -42.24
CA ASN D 313 -21.92 10.22 -42.08
C ASN D 313 -21.34 9.35 -43.18
N PHE D 314 -22.05 8.28 -43.55
CA PHE D 314 -21.59 7.37 -44.60
C PHE D 314 -21.46 8.09 -45.93
N ALA D 315 -22.44 8.94 -46.26
CA ALA D 315 -22.40 9.66 -47.53
C ALA D 315 -21.20 10.59 -47.59
N LYS D 316 -20.94 11.33 -46.50
CA LYS D 316 -19.77 12.20 -46.51
C LYS D 316 -18.47 11.40 -46.64
N GLN D 317 -18.35 10.31 -45.88
CA GLN D 317 -17.14 9.49 -45.95
C GLN D 317 -16.96 8.89 -47.35
N ARG D 318 -18.06 8.45 -47.97
CA ARG D 318 -17.99 7.88 -49.31
C ARG D 318 -17.58 8.91 -50.34
N LEU D 319 -18.08 10.14 -50.22
CA LEU D 319 -17.65 11.19 -51.14
C LEU D 319 -16.15 11.43 -51.01
N GLU D 320 -15.62 11.44 -49.78
CA GLU D 320 -14.18 11.61 -49.63
C GLU D 320 -13.41 10.42 -50.21
N GLN D 321 -13.93 9.20 -50.03
CA GLN D 321 -13.32 8.02 -50.63
C GLN D 321 -13.22 8.17 -52.15
N PHE D 322 -14.32 8.62 -52.77
CA PHE D 322 -14.33 8.81 -54.21
C PHE D 322 -13.37 9.91 -54.64
N LYS D 323 -13.41 11.05 -53.96
CA LYS D 323 -12.51 12.15 -54.34
C LYS D 323 -11.06 11.67 -54.30
N GLU D 324 -10.72 10.81 -53.36
CA GLU D 324 -9.37 10.25 -53.37
C GLU D 324 -9.19 9.08 -54.34
N ILE D 325 -10.28 8.52 -54.91
CA ILE D 325 -10.11 7.31 -55.72
C ILE D 325 -9.45 7.63 -57.04
N GLN D 326 -9.63 8.84 -57.54
CA GLN D 326 -9.07 9.21 -58.82
C GLN D 326 -7.72 9.85 -58.66
N SER D 327 -7.26 10.00 -57.41
CA SER D 327 -6.05 10.73 -57.09
C SER D 327 -4.82 10.12 -57.76
N LEU D 328 -4.76 8.80 -57.85
CA LEU D 328 -3.56 8.15 -58.35
C LEU D 328 -3.20 8.73 -59.71
N ASN D 329 -1.91 9.01 -59.90
CA ASN D 329 -1.45 9.37 -61.22
C ASN D 329 -1.68 8.21 -62.19
N ASN D 330 -1.03 7.07 -61.93
CA ASN D 330 -1.08 5.89 -62.78
C ASN D 330 -1.09 4.63 -61.92
N LEU D 331 -1.90 3.62 -62.31
CA LEU D 331 -2.02 2.44 -61.47
C LEU D 331 -0.90 1.43 -61.71
N LEU D 332 0.09 1.84 -62.48
CA LEU D 332 1.32 1.08 -62.64
C LEU D 332 1.90 0.56 -61.30
N VAL D 333 2.12 1.43 -60.32
CA VAL D 333 2.59 0.93 -59.02
C VAL D 333 1.54 0.03 -58.40
N VAL D 334 0.26 0.36 -58.55
CA VAL D 334 -0.81 -0.44 -57.97
C VAL D 334 -0.81 -1.83 -58.58
N LYS D 335 -0.63 -1.92 -59.89
CA LYS D 335 -0.60 -3.23 -60.55
C LYS D 335 0.57 -4.07 -60.03
N LYS D 336 1.75 -3.46 -59.84
CA LYS D 336 2.88 -4.24 -59.34
C LYS D 336 2.67 -4.69 -57.90
N LEU D 337 2.15 -3.81 -57.04
CA LEU D 337 1.78 -4.23 -55.68
C LEU D 337 0.78 -5.38 -55.72
N ASN D 338 -0.25 -5.26 -56.54
CA ASN D 338 -1.28 -6.29 -56.61
C ASN D 338 -0.68 -7.60 -57.14
N ASP D 339 0.30 -7.49 -58.05
CA ASP D 339 1.02 -8.58 -58.67
C ASP D 339 1.99 -9.28 -57.74
N PHE D 340 2.37 -8.62 -56.64
CA PHE D 340 2.84 -9.38 -55.48
C PHE D 340 2.18 -10.73 -55.29
N PHE D 341 0.86 -10.79 -55.40
CA PHE D 341 0.17 -12.07 -55.22
C PHE D 341 0.61 -13.09 -56.27
N ASP D 342 0.79 -12.63 -57.51
CA ASP D 342 1.19 -13.55 -58.57
C ASP D 342 2.54 -14.18 -58.30
N SER D 343 3.49 -13.37 -57.83
CA SER D 343 4.87 -13.82 -57.61
C SER D 343 4.94 -14.92 -56.55
N GLU D 344 6.12 -15.53 -56.46
CA GLU D 344 6.40 -16.68 -55.60
C GLU D 344 6.42 -16.35 -54.11
N PHE D 345 6.44 -15.08 -53.70
CA PHE D 345 6.51 -14.78 -52.27
C PHE D 345 5.25 -15.26 -51.58
N PHE D 346 4.12 -15.15 -52.25
CA PHE D 346 2.84 -15.50 -51.67
C PHE D 346 2.50 -16.91 -52.15
N SER D 347 2.26 -17.81 -51.20
CA SER D 347 1.87 -19.17 -51.47
C SER D 347 0.47 -19.45 -50.94
N GLY D 348 -0.17 -18.43 -50.37
CA GLY D 348 -1.44 -18.64 -49.73
C GLY D 348 -2.50 -19.12 -50.70
N GLU D 349 -3.50 -19.80 -50.15
CA GLU D 349 -4.59 -20.36 -50.95
C GLU D 349 -5.45 -19.26 -51.57
N GLU D 350 -5.63 -18.14 -50.88
CA GLU D 350 -6.58 -17.11 -51.30
C GLU D 350 -5.97 -15.73 -51.21
N THR D 351 -6.44 -14.85 -52.09
CA THR D 351 -5.90 -13.51 -52.19
C THR D 351 -6.61 -12.55 -51.24
N TYR D 352 -5.98 -11.40 -51.00
CA TYR D 352 -6.49 -10.40 -50.08
C TYR D 352 -6.02 -9.02 -50.50
N THR D 353 -6.82 -8.01 -50.14
CA THR D 353 -6.48 -6.64 -50.47
C THR D 353 -5.28 -6.17 -49.65
N ILE D 354 -4.42 -5.39 -50.29
CA ILE D 354 -3.19 -4.91 -49.67
C ILE D 354 -3.44 -3.50 -49.18
N CYS D 355 -3.65 -3.35 -47.88
CA CYS D 355 -3.92 -2.08 -47.26
C CYS D 355 -2.63 -1.43 -46.74
N VAL D 356 -2.76 -0.18 -46.31
CA VAL D 356 -1.59 0.59 -45.90
C VAL D 356 -0.89 -0.07 -44.73
N HIS D 357 -1.66 -0.59 -43.78
CA HIS D 357 -1.05 -1.18 -42.58
C HIS D 357 -0.21 -2.41 -42.89
N HIS D 358 -0.50 -3.11 -43.99
CA HIS D 358 0.32 -4.25 -44.37
C HIS D 358 1.75 -3.82 -44.69
N LEU D 359 1.94 -2.59 -45.13
CA LEU D 359 3.25 -2.06 -45.46
C LEU D 359 3.92 -1.34 -44.29
N GLY D 360 3.20 -1.16 -43.18
CA GLY D 360 3.69 -0.38 -42.07
C GLY D 360 3.37 1.10 -42.14
N GLY D 361 2.69 1.54 -43.19
CA GLY D 361 2.29 2.93 -43.29
C GLY D 361 3.49 3.85 -43.41
N LYS D 362 3.39 5.00 -42.73
CA LYS D 362 4.39 6.06 -42.85
C LYS D 362 5.81 5.53 -42.67
N ASP D 363 6.01 4.65 -41.69
CA ASP D 363 7.37 4.22 -41.36
C ASP D 363 8.04 3.43 -42.49
N LEU D 364 7.26 2.93 -43.46
CA LEU D 364 7.90 2.30 -44.61
C LEU D 364 8.84 3.28 -45.29
N SER D 365 8.46 4.56 -45.34
CA SER D 365 9.36 5.59 -45.85
C SER D 365 10.64 5.65 -45.02
N LYS D 366 10.49 5.71 -43.69
CA LYS D 366 11.65 5.55 -42.82
C LYS D 366 12.36 4.25 -43.11
N LEU D 367 11.59 3.19 -43.36
CA LEU D 367 12.24 1.93 -43.71
C LEU D 367 13.09 2.10 -44.96
N TYR D 368 12.58 2.73 -46.01
CA TYR D 368 13.49 2.85 -47.16
C TYR D 368 14.74 3.60 -46.75
N LYS D 369 14.56 4.69 -45.97
CA LYS D 369 15.72 5.48 -45.51
C LYS D 369 16.74 4.57 -44.85
N ALA D 370 16.26 3.63 -44.03
CA ALA D 370 17.17 2.67 -43.41
C ALA D 370 17.72 1.72 -44.46
N TRP D 371 16.86 1.26 -45.38
CA TRP D 371 17.33 0.61 -46.61
C TRP D 371 18.38 1.38 -47.38
N GLU D 372 18.52 2.70 -47.23
CA GLU D 372 19.61 3.34 -47.97
C GLU D 372 20.95 2.88 -47.41
N ASP D 373 20.98 2.39 -46.16
CA ASP D 373 22.21 1.98 -45.51
C ASP D 373 23.00 1.03 -46.41
N ASP D 374 22.43 -0.14 -46.72
CA ASP D 374 22.78 -1.01 -47.84
C ASP D 374 21.89 -2.25 -47.80
N PRO D 375 21.95 -3.15 -48.81
CA PRO D 375 21.20 -4.40 -48.70
C PRO D 375 21.87 -5.44 -47.79
N ALA D 376 22.80 -5.01 -46.93
CA ALA D 376 23.59 -5.95 -46.14
C ALA D 376 22.69 -6.91 -45.37
N ASP D 377 21.71 -6.37 -44.65
CA ASP D 377 20.71 -7.19 -43.95
C ASP D 377 19.40 -6.42 -43.96
N PRO D 378 18.67 -6.43 -45.08
CA PRO D 378 17.39 -5.69 -45.11
C PRO D 378 16.45 -6.21 -44.06
N GLU D 379 16.62 -7.50 -43.79
CA GLU D 379 15.82 -8.24 -42.84
C GLU D 379 15.84 -7.64 -41.46
N ASN D 380 17.02 -7.22 -40.98
CA ASN D 380 17.08 -6.67 -39.62
C ASN D 380 16.18 -5.45 -39.52
N ALA D 381 16.24 -4.54 -40.50
CA ALA D 381 15.36 -3.38 -40.51
C ALA D 381 13.90 -3.80 -40.62
N ILE D 382 13.63 -4.80 -41.44
CA ILE D 382 12.26 -5.33 -41.51
C ILE D 382 11.80 -5.73 -40.11
N VAL D 383 12.62 -6.52 -39.43
CA VAL D 383 12.16 -7.12 -38.18
C VAL D 383 11.97 -6.01 -37.14
N VAL D 384 12.94 -5.09 -37.05
CA VAL D 384 12.87 -3.99 -36.08
C VAL D 384 11.62 -3.17 -36.30
N LEU D 385 11.34 -2.80 -37.53
CA LEU D 385 10.17 -1.99 -37.82
C LEU D 385 8.91 -2.73 -37.44
N CYS D 386 8.83 -3.98 -37.85
CA CYS D 386 7.65 -4.78 -37.56
C CYS D 386 7.49 -4.91 -36.07
N ASP D 387 8.59 -5.19 -35.39
CA ASP D 387 8.50 -5.34 -33.95
C ASP D 387 8.02 -4.05 -33.33
N ASP D 388 8.57 -2.91 -33.75
CA ASP D 388 8.16 -1.66 -33.17
C ASP D 388 6.67 -1.39 -33.43
N LEU D 389 6.21 -1.68 -34.64
CA LEU D 389 4.81 -1.45 -34.97
C LEU D 389 3.89 -2.32 -34.13
N LYS D 390 4.29 -3.58 -33.90
CA LYS D 390 3.48 -4.50 -33.07
C LYS D 390 3.40 -4.12 -31.58
N ASN D 391 4.55 -3.86 -30.94
CA ASN D 391 4.71 -3.10 -29.70
C ASN D 391 3.81 -1.86 -29.55
N ASN D 392 3.93 -0.87 -30.43
CA ASN D 392 3.22 0.38 -30.13
C ASN D 392 1.74 0.35 -30.49
N PHE D 393 1.43 0.43 -31.75
CA PHE D 393 0.01 0.57 -32.08
C PHE D 393 -0.61 -0.38 -33.09
N LYS D 394 -0.29 -0.16 -34.35
CA LYS D 394 -0.88 -0.92 -35.45
C LYS D 394 -0.51 -2.38 -35.56
N LYS D 395 -1.23 -3.08 -36.42
CA LYS D 395 -0.98 -4.47 -36.68
C LYS D 395 0.38 -4.56 -37.34
N GLU D 396 1.17 -5.55 -36.96
CA GLU D 396 2.49 -5.69 -37.56
C GLU D 396 2.35 -5.96 -39.04
N PRO D 397 3.15 -5.28 -39.86
CA PRO D 397 3.11 -5.47 -41.30
C PRO D 397 3.54 -6.89 -41.64
N ILE D 398 2.90 -7.48 -42.65
CA ILE D 398 3.33 -8.80 -43.04
C ILE D 398 4.66 -8.71 -43.77
N ARG D 399 5.62 -9.50 -43.32
CA ARG D 399 6.99 -9.41 -43.79
C ARG D 399 7.11 -9.83 -45.25
N ASN D 400 6.35 -10.85 -45.66
CA ASN D 400 6.47 -11.38 -47.02
C ASN D 400 6.30 -10.30 -48.08
N ILE D 401 5.22 -9.51 -47.97
CA ILE D 401 4.95 -8.50 -48.99
C ILE D 401 6.07 -7.46 -49.01
N LEU D 402 6.56 -7.09 -47.82
CA LEU D 402 7.67 -6.16 -47.71
C LEU D 402 8.96 -6.72 -48.29
N ARG D 403 9.20 -8.02 -48.20
CA ARG D 403 10.35 -8.58 -48.94
C ARG D 403 10.14 -8.41 -50.44
N TYR D 404 8.90 -8.64 -50.90
CA TYR D 404 8.62 -8.43 -52.32
C TYR D 404 8.79 -6.96 -52.71
N ILE D 405 8.41 -6.03 -51.83
CA ILE D 405 8.65 -4.60 -52.08
C ILE D 405 10.15 -4.30 -52.11
N PHE D 406 10.91 -4.96 -51.24
CA PHE D 406 12.35 -4.83 -51.27
C PHE D 406 12.89 -5.24 -52.63
N THR D 407 12.24 -6.22 -53.26
CA THR D 407 12.64 -6.60 -54.62
C THR D 407 12.58 -5.41 -55.58
N ILE D 408 11.53 -4.60 -55.51
CA ILE D 408 11.30 -3.57 -56.53
C ILE D 408 11.52 -2.15 -55.99
N ARG D 409 12.34 -2.02 -54.93
CA ARG D 409 12.42 -0.79 -54.14
C ARG D 409 12.95 0.40 -54.90
N GLN D 410 14.09 0.26 -55.53
CA GLN D 410 14.56 1.29 -56.40
C GLN D 410 13.46 1.86 -57.34
N GLU D 411 12.80 1.08 -58.22
CA GLU D 411 11.87 1.63 -59.23
C GLU D 411 10.55 2.18 -58.64
N CYS D 412 9.88 1.44 -57.75
CA CYS D 412 8.46 1.75 -57.64
C CYS D 412 8.17 3.04 -56.86
N SER D 413 8.52 3.08 -55.58
CA SER D 413 8.92 4.29 -54.85
C SER D 413 8.65 3.99 -53.39
N ALA D 414 8.72 4.99 -52.51
CA ALA D 414 8.09 4.88 -51.21
C ALA D 414 6.71 5.55 -51.23
N GLN D 415 6.67 6.84 -51.59
CA GLN D 415 5.38 7.56 -51.62
C GLN D 415 4.43 6.92 -52.63
N ASP D 416 4.94 6.56 -53.81
CA ASP D 416 4.08 6.03 -54.86
C ASP D 416 3.43 4.70 -54.46
N ILE D 417 4.22 3.75 -53.92
CA ILE D 417 3.62 2.48 -53.53
C ILE D 417 2.66 2.66 -52.37
N LEU D 418 3.03 3.49 -51.39
CA LEU D 418 2.22 3.62 -50.19
C LEU D 418 0.88 4.28 -50.56
N ALA D 419 0.92 5.26 -51.46
CA ALA D 419 -0.31 5.79 -52.03
C ALA D 419 -1.06 4.72 -52.82
N ALA D 420 -0.35 3.82 -53.48
CA ALA D 420 -1.01 2.73 -54.21
C ALA D 420 -1.76 1.82 -53.24
N ALA D 421 -1.16 1.53 -52.10
CA ALA D 421 -1.84 0.76 -51.06
C ALA D 421 -3.06 1.51 -50.57
N LYS D 422 -2.93 2.83 -50.41
CA LYS D 422 -4.10 3.64 -50.06
C LYS D 422 -5.17 3.52 -51.12
N TYR D 423 -4.79 3.47 -52.40
CA TYR D 423 -5.76 3.31 -53.48
C TYR D 423 -6.48 1.98 -53.37
N ASN D 424 -5.73 0.89 -53.11
CA ASN D 424 -6.37 -0.40 -52.93
C ASN D 424 -7.40 -0.34 -51.79
N GLN D 425 -7.00 0.26 -50.67
CA GLN D 425 -7.89 0.42 -49.53
C GLN D 425 -9.16 1.15 -49.92
N GLN D 426 -8.99 2.32 -50.55
CA GLN D 426 -10.11 3.19 -50.81
C GLN D 426 -11.06 2.59 -51.83
N LEU D 427 -10.53 1.97 -52.89
CA LEU D 427 -11.42 1.33 -53.85
C LEU D 427 -12.20 0.20 -53.19
N ASP D 428 -11.53 -0.65 -52.39
CA ASP D 428 -12.28 -1.75 -51.79
C ASP D 428 -13.35 -1.23 -50.84
N ARG D 429 -13.03 -0.22 -50.03
CA ARG D 429 -14.04 0.34 -49.13
C ARG D 429 -15.19 0.96 -49.92
N TYR D 430 -14.87 1.73 -50.96
CA TYR D 430 -15.91 2.35 -51.78
C TYR D 430 -16.85 1.31 -52.37
N LYS D 431 -16.29 0.24 -52.92
CA LYS D 431 -17.12 -0.73 -53.63
C LYS D 431 -17.89 -1.63 -52.67
N SER D 432 -17.26 -2.04 -51.57
CA SER D 432 -17.80 -3.09 -50.72
C SER D 432 -18.85 -2.58 -49.75
N GLN D 433 -18.52 -1.56 -48.96
CA GLN D 433 -19.41 -1.16 -47.87
C GLN D 433 -20.68 -0.53 -48.42
N LYS D 434 -21.81 -1.15 -48.10
CA LYS D 434 -23.13 -0.75 -48.55
C LYS D 434 -23.69 0.35 -47.66
N ALA D 435 -24.76 0.99 -48.12
CA ALA D 435 -25.43 2.02 -47.35
C ALA D 435 -26.34 1.40 -46.30
N ASN D 436 -26.40 2.05 -45.14
CA ASN D 436 -27.13 1.49 -44.00
C ASN D 436 -28.63 1.41 -44.30
N PRO D 437 -29.26 0.25 -44.14
CA PRO D 437 -30.70 0.15 -44.32
C PRO D 437 -31.46 0.35 -43.02
N SER D 438 -32.72 0.75 -43.17
CA SER D 438 -33.61 1.00 -42.03
C SER D 438 -34.53 -0.19 -41.86
N VAL D 439 -34.29 -0.98 -40.80
CA VAL D 439 -35.10 -2.14 -40.48
C VAL D 439 -35.43 -2.06 -39.01
N LEU D 440 -36.53 -2.72 -38.62
CA LEU D 440 -37.14 -2.48 -37.31
C LEU D 440 -36.18 -2.79 -36.17
N GLY D 441 -35.57 -3.97 -36.18
CA GLY D 441 -34.67 -4.37 -35.11
C GLY D 441 -35.34 -5.29 -34.11
N ASN D 442 -34.51 -5.86 -33.24
CA ASN D 442 -34.96 -6.90 -32.31
C ASN D 442 -34.85 -6.50 -30.83
N GLN D 443 -34.81 -5.20 -30.54
CA GLN D 443 -34.68 -4.76 -29.16
C GLN D 443 -35.94 -5.08 -28.37
N GLY D 444 -35.79 -5.17 -27.04
CA GLY D 444 -36.89 -5.50 -26.16
C GLY D 444 -37.64 -4.27 -25.68
N PHE D 445 -38.67 -4.53 -24.89
CA PHE D 445 -39.53 -3.49 -24.35
C PHE D 445 -39.34 -3.38 -22.85
N THR D 446 -39.33 -2.16 -22.34
CA THR D 446 -38.97 -1.90 -20.94
C THR D 446 -40.22 -1.59 -20.14
N TRP D 447 -40.48 -2.39 -19.12
CA TRP D 447 -41.51 -2.13 -18.15
C TRP D 447 -40.91 -1.26 -17.06
N THR D 448 -41.60 -0.18 -16.73
CA THR D 448 -41.14 0.77 -15.73
C THR D 448 -41.68 0.37 -14.35
N ASN D 449 -40.81 0.44 -13.35
CA ASN D 449 -41.13 0.03 -11.98
C ASN D 449 -41.71 -1.39 -11.97
N ALA D 450 -41.00 -2.31 -12.59
CA ALA D 450 -41.51 -3.66 -12.82
C ALA D 450 -41.14 -4.67 -11.76
N VAL D 451 -40.07 -4.46 -11.00
CA VAL D 451 -39.61 -5.44 -10.01
C VAL D 451 -40.15 -5.03 -8.65
N ILE D 452 -40.72 -5.99 -7.92
CA ILE D 452 -41.18 -5.67 -6.57
C ILE D 452 -39.97 -5.42 -5.69
N LEU D 453 -40.06 -4.42 -4.82
CA LEU D 453 -38.91 -4.00 -4.04
C LEU D 453 -38.49 -5.11 -3.07
N PRO D 454 -37.19 -5.19 -2.74
CA PRO D 454 -36.74 -6.27 -1.84
C PRO D 454 -37.39 -6.22 -0.47
N GLU D 455 -37.63 -5.03 0.08
CA GLU D 455 -38.32 -4.98 1.38
C GLU D 455 -39.79 -5.35 1.25
N LYS D 456 -40.39 -5.11 0.08
CA LYS D 456 -41.79 -5.46 -0.15
C LYS D 456 -41.94 -6.84 -0.78
N ALA D 457 -40.90 -7.64 -0.80
CA ALA D 457 -40.96 -8.94 -1.45
C ALA D 457 -41.71 -9.96 -0.60
N GLN D 458 -42.21 -10.98 -1.26
CA GLN D 458 -42.84 -12.14 -0.62
C GLN D 458 -41.91 -13.34 -0.69
N ARG D 459 -41.49 -13.84 0.47
CA ARG D 459 -40.53 -14.94 0.51
C ARG D 459 -41.08 -16.14 1.26
N ASN D 460 -40.99 -17.29 0.63
CA ASN D 460 -41.33 -18.57 1.25
C ASN D 460 -40.05 -19.22 1.76
N ASP D 461 -39.41 -18.55 2.71
CA ASP D 461 -38.11 -19.02 3.20
C ASP D 461 -38.30 -20.25 4.07
N ARG D 462 -37.66 -21.34 3.69
CA ARG D 462 -37.65 -22.53 4.50
C ARG D 462 -36.35 -22.65 5.27
N PRO D 463 -36.37 -23.31 6.43
CA PRO D 463 -35.12 -23.46 7.20
C PRO D 463 -33.99 -24.15 6.45
N ASN D 464 -34.29 -25.10 5.58
CA ASN D 464 -33.22 -25.77 4.84
C ASN D 464 -32.94 -25.17 3.48
N SER D 465 -33.68 -24.13 3.06
CA SER D 465 -33.40 -23.46 1.79
C SER D 465 -34.17 -22.15 1.73
N LEU D 466 -33.49 -21.09 1.29
CA LEU D 466 -34.12 -19.79 1.15
C LEU D 466 -34.99 -19.74 -0.11
N ASP D 467 -35.74 -18.66 -0.22
CA ASP D 467 -36.59 -18.42 -1.39
C ASP D 467 -35.78 -17.61 -2.40
N LEU D 468 -35.35 -18.27 -3.47
CA LEU D 468 -34.44 -17.71 -4.46
C LEU D 468 -35.15 -17.06 -5.64
N ARG D 469 -36.42 -16.69 -5.47
CA ARG D 469 -37.22 -16.14 -6.56
C ARG D 469 -37.25 -14.62 -6.45
N ILE D 470 -37.25 -13.94 -7.60
CA ILE D 470 -37.47 -12.51 -7.67
C ILE D 470 -38.66 -12.30 -8.58
N TRP D 471 -39.65 -11.53 -8.12
CA TRP D 471 -40.89 -11.41 -8.86
C TRP D 471 -41.01 -10.05 -9.54
N LEU D 472 -41.64 -10.07 -10.72
CA LEU D 472 -41.97 -8.87 -11.46
C LEU D 472 -43.48 -8.70 -11.41
N TYR D 473 -43.95 -7.47 -11.41
CA TYR D 473 -45.38 -7.24 -11.38
C TYR D 473 -45.64 -6.35 -12.59
N LEU D 474 -45.92 -7.03 -13.72
CA LEU D 474 -46.00 -6.43 -15.05
C LEU D 474 -47.43 -6.17 -15.45
N LYS D 475 -47.64 -5.15 -16.27
CA LYS D 475 -48.94 -4.96 -16.89
C LYS D 475 -48.95 -5.69 -18.23
N LEU D 476 -49.92 -6.56 -18.41
CA LEU D 476 -50.04 -7.33 -19.64
C LEU D 476 -51.44 -7.12 -20.20
N ARG D 477 -51.54 -7.30 -21.52
CA ARG D 477 -52.76 -7.04 -22.26
C ARG D 477 -53.46 -8.35 -22.59
N HIS D 478 -54.66 -8.53 -22.03
CA HIS D 478 -55.46 -9.73 -22.26
C HIS D 478 -56.08 -9.72 -23.66
N PRO D 479 -56.57 -10.87 -24.14
CA PRO D 479 -57.23 -10.88 -25.45
C PRO D 479 -58.41 -9.93 -25.55
N ASP D 480 -59.12 -9.70 -24.44
CA ASP D 480 -60.26 -8.80 -24.47
C ASP D 480 -59.85 -7.36 -24.73
N GLY D 481 -58.67 -6.97 -24.25
CA GLY D 481 -58.12 -5.64 -24.46
C GLY D 481 -57.76 -4.89 -23.19
N ARG D 482 -58.04 -5.42 -22.01
CA ARG D 482 -57.76 -4.71 -20.76
C ARG D 482 -56.34 -5.01 -20.28
N TRP D 483 -55.77 -4.06 -19.54
CA TRP D 483 -54.42 -4.18 -19.01
C TRP D 483 -54.48 -4.55 -17.53
N LYS D 484 -53.86 -5.68 -17.17
CA LYS D 484 -53.86 -6.11 -15.78
C LYS D 484 -52.46 -6.54 -15.38
N LYS D 485 -52.13 -6.35 -14.11
CA LYS D 485 -50.81 -6.66 -13.61
C LYS D 485 -50.75 -8.09 -13.06
N HIS D 486 -49.68 -8.79 -13.44
CA HIS D 486 -49.46 -10.17 -13.06
C HIS D 486 -48.04 -10.33 -12.52
N HIS D 487 -47.89 -11.30 -11.61
CA HIS D 487 -46.61 -11.59 -11.00
C HIS D 487 -45.90 -12.69 -11.79
N ILE D 488 -44.65 -12.45 -12.16
CA ILE D 488 -43.88 -13.42 -12.92
C ILE D 488 -42.51 -13.58 -12.25
N PRO D 489 -42.11 -14.80 -11.90
CA PRO D 489 -40.86 -15.00 -11.18
C PRO D 489 -39.69 -15.32 -12.09
N PHE D 490 -38.50 -14.98 -11.62
CA PHE D 490 -37.26 -15.36 -12.30
C PHE D 490 -36.20 -15.63 -11.23
N TYR D 491 -35.10 -16.24 -11.68
CA TYR D 491 -34.05 -16.72 -10.79
C TYR D 491 -32.73 -16.04 -11.16
N ASP D 492 -32.03 -15.52 -10.16
CA ASP D 492 -30.69 -14.95 -10.39
C ASP D 492 -29.96 -14.92 -9.06
N THR D 493 -28.99 -15.83 -8.86
CA THR D 493 -28.28 -15.83 -7.58
C THR D 493 -27.37 -14.61 -7.44
N ARG D 494 -26.84 -14.07 -8.53
CA ARG D 494 -26.04 -12.85 -8.40
C ARG D 494 -26.89 -11.68 -7.93
N PHE D 495 -28.05 -11.49 -8.57
CA PHE D 495 -28.94 -10.42 -8.14
C PHE D 495 -29.40 -10.65 -6.71
N PHE D 496 -29.70 -11.91 -6.38
CA PHE D 496 -30.16 -12.24 -5.02
C PHE D 496 -29.08 -11.91 -4.01
N GLN D 497 -27.85 -12.32 -4.29
CA GLN D 497 -26.75 -12.12 -3.35
C GLN D 497 -26.41 -10.64 -3.18
N GLU D 498 -26.25 -9.92 -4.31
CA GLU D 498 -25.76 -8.55 -4.22
C GLU D 498 -26.80 -7.62 -3.65
N ILE D 499 -28.05 -7.78 -4.03
CA ILE D 499 -29.09 -6.83 -3.63
C ILE D 499 -30.28 -7.52 -2.97
N TYR D 500 -30.82 -8.54 -3.61
CA TYR D 500 -32.20 -8.92 -3.31
C TYR D 500 -32.33 -9.66 -1.99
N ALA D 501 -31.31 -10.41 -1.56
CA ALA D 501 -31.43 -11.11 -0.28
C ALA D 501 -31.63 -10.11 0.85
N ALA D 502 -32.49 -10.46 1.80
CA ALA D 502 -32.77 -9.56 2.91
C ALA D 502 -31.67 -9.71 3.96
N GLY D 503 -31.01 -8.61 4.30
CA GLY D 503 -29.96 -8.63 5.30
C GLY D 503 -30.55 -8.45 6.69
N ASN D 504 -29.96 -9.14 7.66
CA ASN D 504 -30.42 -9.10 9.05
C ASN D 504 -29.31 -8.66 9.99
N SER D 505 -28.35 -7.90 9.50
CA SER D 505 -27.34 -7.44 10.44
C SER D 505 -27.85 -6.21 11.17
N PRO D 506 -27.65 -6.16 12.49
CA PRO D 506 -28.09 -4.97 13.23
C PRO D 506 -27.31 -3.73 12.84
N VAL D 507 -26.01 -3.88 12.60
CA VAL D 507 -25.14 -2.74 12.39
C VAL D 507 -24.46 -2.76 11.02
N ASP D 508 -24.17 -3.93 10.47
CA ASP D 508 -23.43 -4.00 9.22
C ASP D 508 -24.27 -3.52 8.04
N THR D 509 -23.59 -2.95 7.04
CA THR D 509 -24.25 -2.31 5.91
C THR D 509 -23.35 -2.42 4.68
N CYS D 510 -23.94 -2.25 3.49
CA CYS D 510 -23.21 -2.39 2.24
C CYS D 510 -24.04 -1.82 1.08
N GLN D 511 -23.37 -1.52 -0.05
CA GLN D 511 -24.12 -1.20 -1.27
C GLN D 511 -24.39 -2.46 -2.08
N PHE D 512 -23.37 -3.27 -2.28
CA PHE D 512 -23.47 -4.53 -3.01
C PHE D 512 -22.65 -5.57 -2.27
N ARG D 513 -23.17 -6.79 -2.20
CA ARG D 513 -22.44 -7.86 -1.54
C ARG D 513 -21.64 -8.61 -2.59
N THR D 514 -20.44 -8.10 -2.87
CA THR D 514 -19.52 -8.71 -3.80
C THR D 514 -18.11 -8.28 -3.40
N PRO D 515 -17.11 -9.13 -3.58
CA PRO D 515 -15.77 -8.81 -3.05
C PRO D 515 -15.22 -7.48 -3.53
N ARG D 516 -15.48 -7.09 -4.78
CA ARG D 516 -14.97 -5.81 -5.25
C ARG D 516 -15.61 -4.63 -4.51
N PHE D 517 -16.74 -4.83 -3.85
CA PHE D 517 -17.37 -3.80 -3.05
C PHE D 517 -17.18 -4.03 -1.55
N GLY D 518 -16.36 -5.00 -1.16
CA GLY D 518 -15.89 -5.14 0.20
C GLY D 518 -16.52 -6.23 1.05
N TYR D 519 -17.45 -7.02 0.51
CA TYR D 519 -18.12 -8.05 1.29
C TYR D 519 -17.75 -9.45 0.79
N HIS D 520 -17.42 -10.33 1.73
CA HIS D 520 -17.14 -11.73 1.46
C HIS D 520 -18.13 -12.60 2.22
N LEU D 521 -18.80 -13.50 1.50
CA LEU D 521 -19.74 -14.40 2.17
C LEU D 521 -18.99 -15.39 3.04
N PRO D 522 -19.57 -15.78 4.17
CA PRO D 522 -18.90 -16.79 5.01
C PRO D 522 -18.77 -18.09 4.24
N LYS D 523 -17.57 -18.69 4.31
CA LYS D 523 -17.34 -19.92 3.58
C LYS D 523 -18.11 -21.09 4.17
N LEU D 524 -18.39 -22.08 3.33
CA LEU D 524 -19.12 -23.25 3.77
C LEU D 524 -18.23 -24.12 4.64
N THR D 525 -18.81 -24.63 5.72
CA THR D 525 -18.13 -25.49 6.66
C THR D 525 -18.35 -26.95 6.27
N ASP D 526 -17.71 -27.86 7.01
CA ASP D 526 -17.83 -29.28 6.74
C ASP D 526 -19.11 -29.89 7.31
N GLN D 527 -20.06 -29.05 7.73
CA GLN D 527 -21.37 -29.48 8.23
C GLN D 527 -22.48 -29.18 7.22
N THR D 528 -22.13 -28.89 5.97
CA THR D 528 -23.08 -28.23 5.06
C THR D 528 -24.11 -29.20 4.48
N ALA D 529 -23.67 -30.31 3.89
CA ALA D 529 -24.55 -31.35 3.36
C ALA D 529 -25.54 -30.80 2.32
N ILE D 530 -24.97 -30.36 1.20
CA ILE D 530 -25.74 -29.92 0.04
C ILE D 530 -26.08 -31.15 -0.80
N ARG D 531 -27.38 -31.36 -1.06
CA ARG D 531 -27.83 -32.49 -1.88
C ARG D 531 -28.87 -31.97 -2.87
N VAL D 532 -28.42 -31.67 -4.09
CA VAL D 532 -29.28 -31.20 -5.17
C VAL D 532 -28.76 -31.76 -6.49
N ASN D 533 -29.45 -31.47 -7.59
CA ASN D 533 -28.96 -31.87 -8.90
C ASN D 533 -27.61 -31.23 -9.18
N LYS D 534 -26.77 -31.94 -9.94
CA LYS D 534 -25.44 -31.41 -10.24
C LYS D 534 -25.54 -30.12 -11.04
N LYS D 535 -26.46 -30.05 -12.00
CA LYS D 535 -26.64 -28.88 -12.86
C LYS D 535 -27.07 -27.64 -12.08
N HIS D 536 -27.16 -27.76 -10.75
CA HIS D 536 -27.49 -26.61 -9.91
C HIS D 536 -26.49 -26.38 -8.78
N VAL D 537 -25.50 -27.26 -8.61
CA VAL D 537 -24.72 -27.26 -7.36
C VAL D 537 -24.11 -25.89 -7.09
N LYS D 538 -23.50 -25.26 -8.11
CA LYS D 538 -22.90 -23.95 -7.91
C LYS D 538 -23.90 -22.96 -7.33
N ALA D 539 -25.07 -22.84 -7.97
CA ALA D 539 -26.10 -21.94 -7.46
C ALA D 539 -26.49 -22.35 -6.05
N ALA D 540 -26.66 -23.65 -5.81
CA ALA D 540 -27.02 -24.11 -4.48
C ALA D 540 -25.99 -23.64 -3.47
N LYS D 541 -24.70 -23.76 -3.82
CA LYS D 541 -23.66 -23.33 -2.89
C LYS D 541 -23.84 -21.87 -2.52
N THR D 542 -24.12 -21.00 -3.50
CA THR D 542 -24.29 -19.60 -3.18
C THR D 542 -25.41 -19.44 -2.16
N GLU D 543 -26.54 -20.10 -2.41
CA GLU D 543 -27.64 -20.00 -1.47
C GLU D 543 -27.19 -20.44 -0.10
N ALA D 544 -26.46 -21.56 -0.02
CA ALA D 544 -26.02 -22.04 1.27
C ALA D 544 -25.26 -20.96 2.01
N ARG D 545 -24.28 -20.35 1.34
CA ARG D 545 -23.47 -19.35 2.01
C ARG D 545 -24.35 -18.20 2.47
N ILE D 546 -25.24 -17.73 1.60
CA ILE D 546 -26.10 -16.62 1.98
C ILE D 546 -26.93 -17.01 3.19
N ARG D 547 -27.49 -18.22 3.15
CA ARG D 547 -28.33 -18.65 4.25
C ARG D 547 -27.52 -18.73 5.53
N LEU D 548 -26.29 -19.23 5.42
CA LEU D 548 -25.41 -19.28 6.59
C LEU D 548 -25.23 -17.88 7.17
N ALA D 549 -24.99 -16.89 6.31
CA ALA D 549 -24.82 -15.52 6.79
C ALA D 549 -26.07 -15.04 7.51
N ILE D 550 -27.25 -15.38 6.97
CA ILE D 550 -28.49 -14.99 7.62
C ILE D 550 -28.62 -15.69 8.96
N GLN D 551 -28.16 -16.93 9.03
CA GLN D 551 -28.27 -17.70 10.26
C GLN D 551 -27.36 -17.12 11.34
N GLN D 552 -26.22 -16.56 10.95
CA GLN D 552 -25.26 -15.96 11.88
C GLN D 552 -25.62 -14.53 12.26
N GLY D 553 -26.64 -13.94 11.63
CA GLY D 553 -26.88 -12.52 11.80
C GLY D 553 -25.84 -11.64 11.14
N THR D 554 -25.20 -12.14 10.08
CA THR D 554 -24.05 -11.47 9.48
C THR D 554 -24.40 -10.76 8.18
N LEU D 555 -25.46 -11.17 7.48
CA LEU D 555 -25.74 -10.66 6.14
C LEU D 555 -26.04 -9.16 6.19
N PRO D 556 -25.19 -8.33 5.58
CA PRO D 556 -25.35 -6.89 5.67
C PRO D 556 -26.61 -6.41 4.98
N VAL D 557 -27.16 -5.32 5.51
CA VAL D 557 -28.38 -4.74 4.96
C VAL D 557 -28.03 -3.66 3.94
N SER D 558 -28.52 -3.84 2.73
CA SER D 558 -28.21 -2.93 1.63
C SER D 558 -28.73 -1.52 1.93
N ASN D 559 -27.98 -0.51 1.49
CA ASN D 559 -28.34 0.88 1.70
C ASN D 559 -28.50 1.63 0.39
N LEU D 560 -29.00 0.96 -0.64
CA LEU D 560 -29.07 1.58 -1.96
C LEU D 560 -30.25 2.52 -2.09
N LYS D 561 -31.24 2.44 -1.20
CA LYS D 561 -32.44 3.26 -1.26
C LYS D 561 -33.07 3.17 -2.65
N ILE D 562 -33.48 1.96 -2.99
CA ILE D 562 -34.12 1.70 -4.28
C ILE D 562 -35.60 1.97 -4.14
N THR D 563 -36.13 2.78 -5.04
CA THR D 563 -37.55 3.12 -5.05
C THR D 563 -38.32 2.41 -6.16
N GLU D 564 -37.68 2.20 -7.31
CA GLU D 564 -38.30 1.48 -8.41
C GLU D 564 -37.19 0.88 -9.25
N ILE D 565 -37.50 -0.25 -9.89
CA ILE D 565 -36.56 -0.93 -10.75
C ILE D 565 -37.26 -1.23 -12.06
N SER D 566 -36.62 -0.86 -13.18
CA SER D 566 -37.15 -1.21 -14.48
C SER D 566 -36.77 -2.64 -14.85
N ALA D 567 -37.46 -3.18 -15.86
CA ALA D 567 -37.13 -4.50 -16.37
C ALA D 567 -37.37 -4.53 -17.87
N THR D 568 -36.37 -4.96 -18.63
CA THR D 568 -36.46 -4.97 -20.09
C THR D 568 -36.55 -6.40 -20.58
N ILE D 569 -37.64 -6.72 -21.29
CA ILE D 569 -37.98 -8.08 -21.66
C ILE D 569 -38.12 -8.16 -23.17
N ASN D 570 -37.69 -9.28 -23.75
CA ASN D 570 -37.77 -9.49 -25.19
C ASN D 570 -38.64 -10.72 -25.49
N SER D 571 -38.82 -10.98 -26.78
CA SER D 571 -39.71 -12.05 -27.23
C SER D 571 -39.28 -13.42 -26.75
N LYS D 572 -38.01 -13.57 -26.37
CA LYS D 572 -37.49 -14.85 -25.90
C LYS D 572 -37.60 -15.02 -24.39
N GLY D 573 -38.26 -14.09 -23.71
CA GLY D 573 -38.39 -14.20 -22.27
C GLY D 573 -37.17 -13.81 -21.47
N GLN D 574 -36.13 -13.27 -22.12
CA GLN D 574 -34.94 -12.83 -21.42
C GLN D 574 -35.19 -11.48 -20.79
N VAL D 575 -34.86 -11.34 -19.51
CA VAL D 575 -35.11 -10.11 -18.77
C VAL D 575 -33.76 -9.49 -18.40
N ARG D 576 -33.71 -8.16 -18.43
CA ARG D 576 -32.52 -7.39 -18.08
C ARG D 576 -32.88 -6.36 -17.02
N ILE D 577 -32.09 -6.27 -15.97
CA ILE D 577 -32.47 -5.42 -14.84
C ILE D 577 -31.35 -4.45 -14.48
N PRO D 578 -31.56 -3.15 -14.68
CA PRO D 578 -30.54 -2.16 -14.28
C PRO D 578 -30.76 -1.59 -12.90
N VAL D 579 -29.72 -1.52 -12.08
CA VAL D 579 -29.74 -0.82 -10.80
C VAL D 579 -28.84 0.40 -10.92
N LYS D 580 -29.41 1.58 -10.75
CA LYS D 580 -28.66 2.83 -10.84
C LYS D 580 -28.39 3.34 -9.43
N PHE D 581 -27.14 3.67 -9.14
CA PHE D 581 -26.76 4.09 -7.81
C PHE D 581 -25.85 5.31 -7.84
N ASP D 582 -25.86 6.02 -6.71
CA ASP D 582 -25.04 7.20 -6.49
C ASP D 582 -23.72 6.75 -5.89
N VAL D 583 -22.64 7.41 -6.27
CA VAL D 583 -21.30 6.98 -5.90
C VAL D 583 -20.67 7.93 -4.87
N GLY D 584 -20.53 9.21 -5.22
CA GLY D 584 -19.96 10.19 -4.32
C GLY D 584 -19.82 11.50 -5.07
N ARG D 585 -19.35 12.53 -4.37
CA ARG D 585 -19.14 13.79 -5.05
C ARG D 585 -17.99 13.67 -6.05
N GLN D 586 -18.10 14.38 -7.16
CA GLN D 586 -17.20 14.18 -8.29
C GLN D 586 -15.89 14.92 -8.08
N LYS D 587 -14.77 14.30 -8.46
CA LYS D 587 -13.50 15.02 -8.32
C LYS D 587 -12.86 15.61 -9.58
N GLY D 588 -12.26 14.76 -10.43
CA GLY D 588 -11.81 15.18 -11.75
C GLY D 588 -10.55 16.03 -11.88
N THR D 589 -9.97 16.58 -10.79
CA THR D 589 -9.01 17.69 -10.95
C THR D 589 -7.52 17.49 -10.58
N LEU D 590 -7.11 16.46 -9.80
CA LEU D 590 -5.70 16.36 -9.39
C LEU D 590 -5.11 17.46 -8.51
N GLN D 591 -5.26 17.30 -7.21
CA GLN D 591 -4.67 18.18 -6.21
C GLN D 591 -3.51 17.47 -5.51
N ILE D 592 -2.92 18.15 -4.53
CA ILE D 592 -1.88 17.57 -3.71
C ILE D 592 -2.50 16.51 -2.79
N GLY D 593 -1.80 15.39 -2.63
CA GLY D 593 -2.30 14.24 -1.92
C GLY D 593 -3.10 13.27 -2.77
N ASP D 594 -3.61 13.72 -3.91
CA ASP D 594 -4.33 12.83 -4.82
C ASP D 594 -3.38 11.77 -5.35
N ARG D 595 -3.90 10.56 -5.55
CA ARG D 595 -3.09 9.45 -6.02
C ARG D 595 -3.58 8.98 -7.39
N PHE D 596 -2.63 8.76 -8.30
CA PHE D 596 -2.98 8.32 -9.64
C PHE D 596 -2.11 7.12 -10.01
N CYS D 597 -2.52 6.41 -11.04
CA CYS D 597 -1.72 5.28 -11.50
C CYS D 597 -1.82 5.18 -13.00
N GLY D 598 -0.91 4.39 -13.56
CA GLY D 598 -0.95 4.06 -14.96
C GLY D 598 -0.76 2.57 -15.13
N TYR D 599 -1.27 2.07 -16.25
CA TYR D 599 -1.13 0.65 -16.52
C TYR D 599 -0.72 0.44 -17.97
N ASP D 600 0.12 -0.57 -18.19
CA ASP D 600 0.58 -0.92 -19.53
C ASP D 600 0.47 -2.40 -19.81
N GLN D 601 0.47 -2.71 -21.11
CA GLN D 601 0.33 -4.07 -21.60
C GLN D 601 1.62 -4.56 -22.25
N ASN D 602 2.01 -5.78 -21.91
CA ASN D 602 3.23 -6.42 -22.38
C ASN D 602 3.07 -6.91 -23.82
N GLN D 603 4.20 -7.31 -24.40
CA GLN D 603 4.16 -8.06 -25.65
C GLN D 603 3.49 -9.41 -25.47
N THR D 604 3.62 -9.99 -24.28
CA THR D 604 2.98 -11.24 -23.91
C THR D 604 1.59 -11.03 -23.30
N ALA D 605 1.04 -9.82 -23.44
CA ALA D 605 -0.30 -9.47 -22.96
C ALA D 605 -0.45 -9.66 -21.45
N SER D 606 0.63 -9.38 -20.72
CA SER D 606 0.60 -9.38 -19.26
C SER D 606 0.69 -7.94 -18.79
N HIS D 607 -0.25 -7.51 -17.97
CA HIS D 607 -0.33 -6.10 -17.62
C HIS D 607 0.50 -5.79 -16.39
N ALA D 608 0.85 -4.52 -16.25
CA ALA D 608 1.62 -4.03 -15.11
C ALA D 608 1.11 -2.65 -14.72
N TYR D 609 1.26 -2.32 -13.43
CA TYR D 609 0.73 -1.06 -12.90
C TYR D 609 1.80 -0.32 -12.11
N SER D 610 1.72 1.01 -12.16
CA SER D 610 2.62 1.89 -11.43
C SER D 610 1.80 2.98 -10.74
N LEU D 611 2.01 3.14 -9.43
CA LEU D 611 1.18 3.97 -8.56
C LEU D 611 2.01 5.16 -8.09
N TRP D 612 1.55 6.38 -8.37
CA TRP D 612 2.23 7.62 -8.02
C TRP D 612 1.33 8.54 -7.21
N GLU D 613 1.96 9.49 -6.52
CA GLU D 613 1.27 10.46 -5.69
C GLU D 613 1.67 11.88 -6.09
N VAL D 614 0.73 12.80 -6.02
CA VAL D 614 1.01 14.23 -6.21
C VAL D 614 1.38 14.80 -4.86
N VAL D 615 2.57 15.38 -4.77
CA VAL D 615 3.13 15.80 -3.50
C VAL D 615 3.33 17.31 -3.50
N LYS D 616 3.38 17.87 -2.28
CA LYS D 616 3.57 19.30 -2.11
C LYS D 616 4.93 19.76 -2.61
N GLU D 617 5.89 18.85 -2.57
CA GLU D 617 7.30 19.21 -2.68
C GLU D 617 8.08 17.97 -3.13
N GLY D 618 9.16 18.20 -3.89
CA GLY D 618 10.06 17.13 -4.37
C GLY D 618 10.61 17.23 -5.80
N GLN D 619 10.22 16.25 -6.58
CA GLN D 619 10.51 16.16 -8.00
C GLN D 619 9.31 16.71 -8.77
N TYR D 620 9.62 17.62 -9.67
CA TYR D 620 8.77 18.38 -10.52
C TYR D 620 8.69 17.66 -11.86
N HIS D 621 7.49 17.62 -12.39
CA HIS D 621 7.24 17.08 -13.71
C HIS D 621 6.60 18.17 -14.55
N LYS D 622 7.26 18.51 -15.65
CA LYS D 622 6.80 19.64 -16.48
C LYS D 622 5.47 19.35 -17.16
N GLU D 623 5.27 18.12 -17.67
CA GLU D 623 4.00 17.76 -18.31
C GLU D 623 2.83 17.94 -17.36
N LEU D 624 2.94 17.38 -16.15
CA LEU D 624 1.86 17.48 -15.18
C LEU D 624 1.78 18.87 -14.55
N GLY D 625 2.89 19.59 -14.45
CA GLY D 625 2.86 20.89 -13.83
C GLY D 625 2.82 20.85 -12.32
N CYS D 626 3.17 19.72 -11.72
CA CYS D 626 3.10 19.52 -10.28
C CYS D 626 4.35 18.76 -9.85
N PHE D 627 4.36 18.35 -8.59
CA PHE D 627 5.43 17.53 -8.05
C PHE D 627 4.90 16.11 -7.91
N VAL D 628 5.69 15.15 -8.36
CA VAL D 628 5.22 13.77 -8.32
C VAL D 628 6.13 12.97 -7.42
N ARG D 629 5.63 11.82 -7.01
CA ARG D 629 6.38 10.89 -6.21
C ARG D 629 5.97 9.49 -6.59
N PHE D 630 6.89 8.56 -6.48
CA PHE D 630 6.63 7.18 -6.84
C PHE D 630 6.21 6.43 -5.60
N ILE D 631 5.06 5.77 -5.67
CA ILE D 631 4.55 5.07 -4.50
C ILE D 631 4.98 3.62 -4.63
N SER D 632 4.48 2.95 -5.66
CA SER D 632 4.80 1.52 -5.76
C SER D 632 4.59 1.05 -7.19
N SER D 633 4.92 -0.22 -7.40
CA SER D 633 4.89 -0.83 -8.71
C SER D 633 4.47 -2.28 -8.52
N GLY D 634 3.91 -2.89 -9.58
CA GLY D 634 3.64 -4.31 -9.43
C GLY D 634 3.03 -4.89 -10.68
N ASP D 635 2.77 -6.20 -10.67
CA ASP D 635 2.14 -6.75 -11.87
C ASP D 635 0.68 -7.01 -11.55
N ILE D 636 -0.15 -6.98 -12.59
CA ILE D 636 -1.55 -7.38 -12.47
C ILE D 636 -1.69 -8.89 -12.56
N VAL D 637 -2.38 -9.46 -11.58
CA VAL D 637 -2.53 -10.89 -11.42
C VAL D 637 -3.97 -11.15 -11.00
N SER D 638 -4.48 -12.32 -11.38
CA SER D 638 -5.80 -12.76 -10.93
C SER D 638 -5.63 -14.23 -10.57
N ILE D 639 -5.72 -14.56 -9.29
CA ILE D 639 -5.24 -15.83 -8.76
C ILE D 639 -6.40 -16.64 -8.20
N THR D 640 -6.37 -17.94 -8.46
CA THR D 640 -7.30 -18.88 -7.84
C THR D 640 -6.52 -20.03 -7.24
N GLU D 641 -7.04 -20.60 -6.16
CA GLU D 641 -6.38 -21.70 -5.50
C GLU D 641 -7.06 -23.01 -5.85
N ASN D 642 -6.24 -24.05 -5.91
CA ASN D 642 -6.67 -25.41 -6.20
C ASN D 642 -5.94 -26.26 -5.18
N ARG D 643 -6.68 -26.68 -4.16
CA ARG D 643 -6.14 -27.45 -3.03
C ARG D 643 -4.91 -26.76 -2.43
N GLY D 644 -5.01 -25.45 -2.26
CA GLY D 644 -3.94 -24.69 -1.64
C GLY D 644 -2.82 -24.25 -2.56
N ASN D 645 -2.87 -24.58 -3.85
CA ASN D 645 -1.86 -24.14 -4.80
C ASN D 645 -2.42 -23.01 -5.64
N GLN D 646 -1.66 -21.93 -5.78
CA GLN D 646 -2.14 -20.75 -6.49
C GLN D 646 -1.77 -20.81 -7.96
N PHE D 647 -2.76 -20.53 -8.81
CA PHE D 647 -2.55 -20.38 -10.25
C PHE D 647 -3.04 -19.01 -10.67
N ASP D 648 -2.19 -18.30 -11.42
CA ASP D 648 -2.55 -17.01 -11.98
C ASP D 648 -3.14 -17.27 -13.36
N GLN D 649 -4.47 -17.13 -13.48
CA GLN D 649 -5.08 -17.40 -14.77
C GLN D 649 -4.53 -16.50 -15.87
N LEU D 650 -4.15 -15.26 -15.53
CA LEU D 650 -3.75 -14.31 -16.56
C LEU D 650 -2.39 -14.64 -17.17
N SER D 651 -1.52 -15.37 -16.47
CA SER D 651 -0.18 -15.59 -17.00
C SER D 651 0.36 -17.00 -16.78
N TYR D 652 -0.44 -17.93 -16.24
CA TYR D 652 0.06 -19.28 -16.01
C TYR D 652 0.39 -19.95 -17.33
N GLU D 653 1.63 -20.38 -17.49
CA GLU D 653 2.08 -20.95 -18.75
C GLU D 653 2.12 -22.47 -18.73
N GLY D 654 1.57 -23.10 -17.70
CA GLY D 654 1.40 -24.54 -17.68
C GLY D 654 2.50 -25.25 -16.92
N LEU D 655 2.39 -26.58 -16.95
CA LEU D 655 3.36 -27.42 -16.28
C LEU D 655 4.75 -27.25 -16.88
N ALA D 656 5.77 -27.42 -16.03
CA ALA D 656 7.13 -27.46 -16.53
C ALA D 656 7.37 -28.78 -17.25
N TYR D 657 8.43 -28.81 -18.07
CA TYR D 657 8.79 -29.94 -18.91
C TYR D 657 8.72 -31.27 -18.16
N PRO D 658 9.54 -31.48 -17.11
CA PRO D 658 9.63 -32.83 -16.53
C PRO D 658 8.31 -33.35 -16.01
N GLN D 659 7.35 -32.46 -15.74
CA GLN D 659 6.10 -32.90 -15.13
C GLN D 659 5.07 -33.41 -16.14
N TYR D 660 5.28 -33.26 -17.46
CA TYR D 660 4.32 -33.85 -18.38
C TYR D 660 4.95 -34.87 -19.31
N ALA D 661 5.87 -35.67 -18.76
CA ALA D 661 6.61 -36.65 -19.55
C ALA D 661 5.65 -37.55 -20.31
N ASP D 662 4.69 -38.14 -19.62
CA ASP D 662 3.78 -39.08 -20.26
C ASP D 662 3.08 -38.43 -21.44
N TRP D 663 2.54 -37.22 -21.26
CA TRP D 663 1.85 -36.56 -22.36
C TRP D 663 2.80 -36.40 -23.54
N ARG D 664 4.01 -35.92 -23.25
CA ARG D 664 5.05 -35.81 -24.25
C ARG D 664 5.32 -37.15 -24.91
N LYS D 665 5.40 -38.20 -24.09
CA LYS D 665 5.65 -39.53 -24.60
C LYS D 665 4.59 -39.92 -25.63
N LYS D 666 3.31 -39.66 -25.32
CA LYS D 666 2.26 -40.00 -26.28
C LYS D 666 2.48 -39.24 -27.57
N ALA D 667 2.77 -37.94 -27.47
CA ALA D 667 3.05 -37.15 -28.65
C ALA D 667 4.22 -37.76 -29.41
N SER D 668 5.25 -38.18 -28.68
CA SER D 668 6.40 -38.80 -29.32
C SER D 668 5.95 -39.99 -30.15
N LYS D 669 5.09 -40.84 -29.56
CA LYS D 669 4.62 -42.00 -30.31
C LYS D 669 4.01 -41.57 -31.62
N PHE D 670 3.08 -40.62 -31.58
CA PHE D 670 2.39 -40.27 -32.82
C PHE D 670 3.38 -39.73 -33.84
N VAL D 671 4.34 -38.93 -33.39
CA VAL D 671 5.32 -38.37 -34.31
C VAL D 671 6.21 -39.47 -34.89
N SER D 672 6.59 -40.45 -34.07
CA SER D 672 7.44 -41.54 -34.54
C SER D 672 6.77 -42.34 -35.64
N LEU D 673 5.61 -42.95 -35.31
CA LEU D 673 4.88 -43.77 -36.27
C LEU D 673 4.63 -43.04 -37.57
N TRP D 674 4.44 -41.72 -37.53
CA TRP D 674 3.92 -41.13 -38.74
C TRP D 674 5.17 -40.54 -39.39
N GLN D 675 5.06 -40.05 -40.61
CA GLN D 675 6.28 -39.67 -41.29
C GLN D 675 5.99 -38.47 -42.18
N ILE D 676 7.06 -37.78 -42.57
CA ILE D 676 7.22 -36.38 -42.94
C ILE D 676 6.12 -35.67 -43.72
N THR D 677 6.40 -34.44 -44.10
CA THR D 677 5.43 -33.67 -44.85
C THR D 677 6.07 -33.06 -46.09
N LYS D 678 5.20 -32.58 -46.97
CA LYS D 678 5.58 -31.95 -48.22
C LYS D 678 6.61 -30.83 -48.04
N ILE D 685 10.27 -30.91 -51.88
CA ILE D 685 10.92 -31.19 -50.61
C ILE D 685 10.05 -32.07 -49.71
N VAL D 686 10.24 -33.40 -49.78
CA VAL D 686 9.43 -34.35 -49.03
C VAL D 686 10.19 -34.98 -47.86
N THR D 687 11.21 -34.32 -47.35
CA THR D 687 12.07 -34.85 -46.29
C THR D 687 11.47 -34.67 -44.89
N VAL D 688 12.27 -34.95 -43.86
CA VAL D 688 12.01 -34.72 -42.43
C VAL D 688 10.87 -35.51 -41.78
N GLU D 689 11.07 -36.82 -41.56
CA GLU D 689 10.01 -37.66 -40.98
C GLU D 689 9.67 -37.34 -39.52
N ALA D 690 9.34 -36.07 -39.27
CA ALA D 690 8.59 -35.52 -38.14
C ALA D 690 9.28 -35.53 -36.77
N LYS D 691 10.00 -36.58 -36.47
CA LYS D 691 10.65 -36.67 -35.17
C LYS D 691 11.71 -35.59 -34.96
N GLU D 692 12.35 -35.14 -36.03
CA GLU D 692 13.39 -34.13 -35.88
C GLU D 692 12.80 -32.85 -35.30
N LYS D 693 11.64 -32.46 -35.83
CA LYS D 693 10.95 -31.26 -35.37
C LYS D 693 10.50 -31.44 -33.93
N PHE D 694 10.04 -32.63 -33.60
CA PHE D 694 9.57 -32.93 -32.26
C PHE D 694 10.72 -32.79 -31.28
N ASP D 695 11.89 -33.28 -31.66
CA ASP D 695 13.09 -33.19 -30.83
C ASP D 695 13.49 -31.74 -30.65
N ALA D 696 13.37 -30.96 -31.71
CA ALA D 696 13.67 -29.54 -31.65
C ALA D 696 12.74 -28.84 -30.65
N ILE D 697 11.48 -29.21 -30.66
CA ILE D 697 10.52 -28.64 -29.72
C ILE D 697 10.89 -29.00 -28.28
N CYS D 698 11.30 -30.25 -28.08
CA CYS D 698 11.65 -30.76 -26.76
C CYS D 698 13.04 -30.33 -26.30
N LYS D 699 13.91 -29.95 -27.22
CA LYS D 699 15.29 -29.60 -26.91
C LYS D 699 15.38 -28.26 -26.21
N TYR D 700 14.38 -27.39 -26.43
CA TYR D 700 14.29 -26.12 -25.72
C TYR D 700 13.70 -26.28 -24.32
N GLN D 701 13.25 -27.49 -23.98
CA GLN D 701 12.60 -27.76 -22.70
C GLN D 701 11.48 -26.77 -22.39
N PRO D 702 10.43 -26.72 -23.20
CA PRO D 702 9.38 -25.72 -23.00
C PRO D 702 8.37 -26.17 -21.96
N ARG D 703 7.58 -25.21 -21.50
CA ARG D 703 6.49 -25.52 -20.59
C ARG D 703 5.31 -26.07 -21.41
N LEU D 704 4.25 -26.45 -20.72
CA LEU D 704 3.22 -27.29 -21.33
C LEU D 704 2.49 -26.57 -22.47
N TYR D 705 2.07 -25.32 -22.24
CA TYR D 705 1.21 -24.64 -23.22
C TYR D 705 1.98 -24.20 -24.46
N LYS D 706 3.23 -23.76 -24.30
CA LYS D 706 4.07 -23.51 -25.48
C LYS D 706 4.27 -24.79 -26.27
N PHE D 707 4.52 -25.89 -25.56
CA PHE D 707 4.60 -27.19 -26.21
C PHE D 707 3.33 -27.50 -26.99
N ASN D 708 2.18 -27.22 -26.40
CA ASN D 708 0.92 -27.51 -27.08
C ASN D 708 0.75 -26.66 -28.33
N LYS D 709 1.13 -25.38 -28.27
CA LYS D 709 1.04 -24.55 -29.47
C LYS D 709 1.95 -25.08 -30.57
N GLU D 710 3.22 -25.36 -30.24
CA GLU D 710 4.16 -25.82 -31.25
C GLU D 710 3.76 -27.18 -31.80
N TYR D 711 3.25 -28.07 -30.95
CA TYR D 711 2.79 -29.36 -31.44
C TYR D 711 1.54 -29.22 -32.31
N ALA D 712 0.68 -28.26 -32.01
CA ALA D 712 -0.44 -28.00 -32.91
C ALA D 712 0.05 -27.55 -34.28
N TYR D 713 1.07 -26.70 -34.30
CA TYR D 713 1.64 -26.30 -35.58
C TYR D 713 2.23 -27.50 -36.30
N LEU D 714 2.88 -28.39 -35.55
CA LEU D 714 3.46 -29.58 -36.15
C LEU D 714 2.37 -30.50 -36.72
N LEU D 715 1.25 -30.67 -36.01
CA LEU D 715 0.15 -31.47 -36.58
C LEU D 715 -0.47 -30.85 -37.82
N ARG D 716 -0.73 -29.54 -37.85
CA ARG D 716 -1.21 -28.99 -39.11
C ARG D 716 -0.20 -29.24 -40.23
N ASP D 717 1.08 -29.01 -39.96
CA ASP D 717 2.10 -29.28 -40.97
C ASP D 717 2.04 -30.73 -41.42
N ILE D 718 1.89 -31.66 -40.46
CA ILE D 718 1.83 -33.08 -40.80
C ILE D 718 0.61 -33.38 -41.66
N VAL D 719 -0.55 -32.85 -41.27
CA VAL D 719 -1.80 -33.10 -41.97
C VAL D 719 -1.72 -32.57 -43.40
N ARG D 720 -0.95 -31.49 -43.61
CA ARG D 720 -0.95 -30.74 -44.86
C ARG D 720 -0.94 -31.63 -46.12
N GLY D 721 0.09 -32.46 -46.29
CA GLY D 721 0.24 -33.19 -47.55
C GLY D 721 -0.57 -34.47 -47.65
N LYS D 722 -0.77 -35.16 -46.52
CA LYS D 722 -1.33 -36.52 -46.42
C LYS D 722 -2.59 -36.83 -47.24
N SER D 723 -2.75 -38.12 -47.56
CA SER D 723 -3.84 -38.65 -48.39
C SER D 723 -5.16 -38.77 -47.61
N LEU D 724 -6.26 -38.83 -48.38
CA LEU D 724 -7.60 -38.95 -47.81
C LEU D 724 -7.74 -40.18 -46.92
N VAL D 725 -7.21 -41.33 -47.34
CA VAL D 725 -7.30 -42.52 -46.50
C VAL D 725 -6.42 -42.36 -45.27
N GLU D 726 -5.24 -41.74 -45.42
CA GLU D 726 -4.36 -41.53 -44.28
C GLU D 726 -5.03 -40.67 -43.22
N LEU D 727 -5.76 -39.63 -43.66
CA LEU D 727 -6.34 -38.66 -42.74
C LEU D 727 -7.30 -39.26 -41.70
N GLN D 728 -7.86 -40.45 -41.96
CA GLN D 728 -8.70 -41.13 -40.98
C GLN D 728 -7.90 -41.42 -39.72
N GLN D 729 -6.67 -41.92 -39.89
CA GLN D 729 -5.83 -42.26 -38.76
C GLN D 729 -5.53 -41.02 -37.96
N ILE D 730 -5.08 -39.98 -38.66
CA ILE D 730 -4.76 -38.69 -38.05
C ILE D 730 -5.99 -38.07 -37.40
N ARG D 731 -7.17 -38.30 -37.99
CA ARG D 731 -8.36 -37.73 -37.36
C ARG D 731 -8.45 -38.20 -35.92
N GLN D 732 -8.29 -39.51 -35.72
CA GLN D 732 -8.39 -40.02 -34.35
C GLN D 732 -7.38 -39.35 -33.45
N GLU D 733 -6.16 -39.13 -33.94
CA GLU D 733 -5.16 -38.58 -33.05
C GLU D 733 -5.45 -37.10 -32.79
N ILE D 734 -5.94 -36.37 -33.81
CA ILE D 734 -6.35 -34.99 -33.53
C ILE D 734 -7.34 -34.96 -32.39
N PHE D 735 -8.30 -35.89 -32.40
CA PHE D 735 -9.28 -35.86 -31.32
C PHE D 735 -8.61 -36.05 -29.97
N ARG D 736 -7.69 -37.04 -29.84
CA ARG D 736 -7.07 -37.17 -28.53
C ARG D 736 -6.29 -35.93 -28.18
N PHE D 737 -5.69 -35.26 -29.17
CA PHE D 737 -4.94 -34.06 -28.84
C PHE D 737 -5.83 -32.99 -28.26
N ILE D 738 -7.05 -32.84 -28.81
CA ILE D 738 -7.88 -31.72 -28.41
C ILE D 738 -8.74 -32.05 -27.20
N GLU D 739 -8.98 -33.33 -26.93
CA GLU D 739 -9.98 -33.73 -25.95
C GLU D 739 -9.47 -34.49 -24.75
N GLN D 740 -8.25 -35.02 -24.78
CA GLN D 740 -7.77 -35.89 -23.71
C GLN D 740 -6.62 -35.25 -22.92
N ASP D 741 -6.75 -35.31 -21.61
CA ASP D 741 -5.70 -35.21 -20.61
C ASP D 741 -5.03 -33.84 -20.54
N CYS D 742 -4.86 -33.20 -21.68
CA CYS D 742 -4.17 -31.92 -21.72
C CYS D 742 -4.68 -31.02 -22.84
N GLY D 743 -5.76 -31.40 -23.53
CA GLY D 743 -6.25 -30.60 -24.62
C GLY D 743 -6.78 -29.26 -24.16
N VAL D 744 -6.80 -28.32 -25.11
CA VAL D 744 -7.28 -26.98 -24.82
C VAL D 744 -8.71 -27.01 -24.28
N THR D 745 -9.48 -28.04 -24.67
CA THR D 745 -10.81 -28.18 -24.11
C THR D 745 -10.79 -28.62 -22.65
N ARG D 746 -9.67 -29.13 -22.15
CA ARG D 746 -9.55 -29.51 -20.76
C ARG D 746 -8.63 -28.60 -19.96
N LEU D 747 -7.42 -28.32 -20.44
CA LEU D 747 -6.55 -27.33 -19.82
C LEU D 747 -6.30 -26.13 -20.73
N GLY D 748 -5.89 -25.07 -20.07
CA GLY D 748 -5.51 -23.83 -20.70
C GLY D 748 -5.89 -22.67 -19.81
N SER D 749 -4.91 -21.81 -19.53
CA SER D 749 -5.12 -20.66 -18.68
C SER D 749 -5.64 -19.52 -19.54
N LEU D 750 -5.60 -18.30 -19.03
CA LEU D 750 -5.97 -17.14 -19.83
C LEU D 750 -4.76 -16.48 -20.47
N SER D 751 -3.61 -17.14 -20.48
CA SER D 751 -2.40 -16.54 -21.03
C SER D 751 -2.50 -16.44 -22.55
N LEU D 752 -1.71 -15.52 -23.11
CA LEU D 752 -1.63 -15.40 -24.56
C LEU D 752 -1.24 -16.72 -25.19
N SER D 753 -0.42 -17.51 -24.49
CA SER D 753 0.02 -18.80 -25.00
C SER D 753 -1.17 -19.73 -25.23
N THR D 754 -2.09 -19.79 -24.27
CA THR D 754 -3.23 -20.68 -24.39
C THR D 754 -4.15 -20.24 -25.53
N LEU D 755 -4.35 -18.92 -25.67
CA LEU D 755 -5.22 -18.43 -26.73
C LEU D 755 -4.63 -18.73 -28.10
N GLU D 756 -3.32 -18.50 -28.28
CA GLU D 756 -2.72 -18.90 -29.55
C GLU D 756 -2.72 -20.40 -29.75
N THR D 757 -2.65 -21.17 -28.67
CA THR D 757 -2.77 -22.62 -28.81
C THR D 757 -4.13 -22.99 -29.37
N VAL D 758 -5.18 -22.35 -28.88
CA VAL D 758 -6.52 -22.61 -29.39
C VAL D 758 -6.61 -22.19 -30.85
N LYS D 759 -6.02 -21.04 -31.19
CA LYS D 759 -6.01 -20.59 -32.58
C LYS D 759 -5.28 -21.59 -33.48
N ALA D 760 -4.16 -22.13 -33.01
CA ALA D 760 -3.40 -23.11 -33.76
C ALA D 760 -4.19 -24.41 -33.94
N VAL D 761 -4.94 -24.81 -32.90
CA VAL D 761 -5.77 -26.01 -33.01
C VAL D 761 -6.86 -25.80 -34.06
N LYS D 762 -7.46 -24.60 -34.08
CA LYS D 762 -8.41 -24.28 -35.15
C LYS D 762 -7.74 -24.36 -36.51
N GLY D 763 -6.49 -23.89 -36.60
CA GLY D 763 -5.74 -24.02 -37.83
C GLY D 763 -5.51 -25.46 -38.23
N ILE D 764 -5.29 -26.34 -37.24
CA ILE D 764 -5.17 -27.77 -37.52
C ILE D 764 -6.42 -28.28 -38.20
N ILE D 765 -7.59 -27.96 -37.63
CA ILE D 765 -8.83 -28.46 -38.19
C ILE D 765 -9.08 -27.88 -39.58
N TYR D 766 -8.77 -26.60 -39.77
CA TYR D 766 -8.94 -25.98 -41.08
C TYR D 766 -8.03 -26.64 -42.12
N SER D 767 -6.79 -26.93 -41.74
CA SER D 767 -5.85 -27.60 -42.64
C SER D 767 -6.32 -29.01 -42.97
N TYR D 768 -6.86 -29.72 -41.98
CA TYR D 768 -7.53 -30.99 -42.21
C TYR D 768 -8.58 -30.88 -43.30
N PHE D 769 -9.48 -29.90 -43.15
CA PHE D 769 -10.58 -29.77 -44.09
C PHE D 769 -10.07 -29.45 -45.49
N SER D 770 -9.09 -28.54 -45.59
CA SER D 770 -8.51 -28.21 -46.88
C SER D 770 -7.85 -29.43 -47.52
N THR D 771 -7.03 -30.15 -46.76
CA THR D 771 -6.32 -31.30 -47.30
C THR D 771 -7.29 -32.36 -47.82
N ALA D 772 -8.28 -32.72 -46.99
CA ALA D 772 -9.24 -33.75 -47.42
C ALA D 772 -10.05 -33.29 -48.62
N LEU D 773 -10.46 -32.03 -48.62
CA LEU D 773 -11.26 -31.48 -49.70
C LEU D 773 -10.45 -31.05 -50.91
N ASN D 774 -9.12 -30.96 -50.78
CA ASN D 774 -8.27 -30.42 -51.85
C ASN D 774 -8.85 -29.11 -52.38
N ALA D 775 -9.14 -28.21 -51.45
CA ALA D 775 -9.62 -26.89 -51.81
C ALA D 775 -8.52 -26.05 -52.43
N SER D 776 -8.92 -25.18 -53.34
CA SER D 776 -8.02 -24.30 -54.05
C SER D 776 -8.86 -23.17 -54.62
N LYS D 777 -8.26 -22.42 -55.54
CA LYS D 777 -8.99 -21.34 -56.20
C LYS D 777 -10.21 -21.86 -56.96
N ASN D 778 -10.13 -23.08 -57.50
CA ASN D 778 -11.26 -23.61 -58.25
C ASN D 778 -12.43 -23.96 -57.34
N ASN D 779 -12.16 -24.50 -56.17
CA ASN D 779 -13.22 -24.86 -55.22
C ASN D 779 -12.92 -24.29 -53.84
N PRO D 780 -13.36 -23.08 -53.56
CA PRO D 780 -13.11 -22.54 -52.21
C PRO D 780 -14.10 -23.17 -51.24
N ILE D 781 -13.60 -24.11 -50.44
CA ILE D 781 -14.44 -24.78 -49.47
C ILE D 781 -15.07 -23.76 -48.53
N SER D 782 -16.31 -24.05 -48.13
CA SER D 782 -17.11 -23.18 -47.29
C SER D 782 -17.40 -23.86 -45.96
N ASP D 783 -17.89 -23.06 -45.01
CA ASP D 783 -18.33 -23.63 -43.74
C ASP D 783 -19.35 -24.75 -43.99
N GLU D 784 -20.27 -24.51 -44.92
CA GLU D 784 -21.32 -25.48 -45.22
C GLU D 784 -20.74 -26.81 -45.67
N GLN D 785 -19.74 -26.77 -46.56
CA GLN D 785 -19.14 -27.99 -47.08
C GLN D 785 -18.36 -28.73 -46.00
N ARG D 786 -17.73 -28.00 -45.10
CA ARG D 786 -17.00 -28.62 -44.02
C ARG D 786 -17.98 -29.35 -43.13
N LYS D 787 -19.09 -28.68 -42.79
CA LYS D 787 -20.10 -29.29 -41.93
C LYS D 787 -20.68 -30.55 -42.56
N GLU D 788 -21.10 -30.47 -43.82
CA GLU D 788 -21.68 -31.63 -44.49
C GLU D 788 -20.67 -32.76 -44.60
N PHE D 789 -19.41 -32.43 -44.92
CA PHE D 789 -18.36 -33.44 -45.03
C PHE D 789 -18.13 -34.12 -43.68
N ASP D 790 -17.83 -33.33 -42.66
CA ASP D 790 -17.44 -33.85 -41.36
C ASP D 790 -18.13 -33.02 -40.29
N PRO D 791 -19.25 -33.51 -39.75
CA PRO D 791 -20.01 -32.67 -38.80
C PRO D 791 -19.37 -32.58 -37.43
N GLU D 792 -18.83 -33.68 -36.93
CA GLU D 792 -18.25 -33.64 -35.58
C GLU D 792 -17.04 -32.72 -35.52
N LEU D 793 -16.22 -32.68 -36.55
CA LEU D 793 -15.04 -31.83 -36.47
C LEU D 793 -15.45 -30.36 -36.56
N PHE D 794 -16.55 -30.08 -37.27
CA PHE D 794 -17.15 -28.76 -37.21
C PHE D 794 -17.70 -28.46 -35.84
N ALA D 795 -18.14 -29.51 -35.14
CA ALA D 795 -18.64 -29.35 -33.79
C ALA D 795 -17.48 -28.87 -32.95
N LEU D 796 -16.32 -29.50 -33.16
CA LEU D 796 -15.12 -29.14 -32.43
C LEU D 796 -14.71 -27.72 -32.73
N LEU D 797 -14.84 -27.31 -34.00
CA LEU D 797 -14.49 -25.95 -34.37
C LEU D 797 -15.37 -24.95 -33.65
N GLU D 798 -16.65 -25.26 -33.56
CA GLU D 798 -17.56 -24.35 -32.89
C GLU D 798 -17.19 -24.27 -31.42
N LYS D 799 -17.00 -25.42 -30.79
CA LYS D 799 -16.63 -25.44 -29.38
C LYS D 799 -15.37 -24.63 -29.12
N LEU D 800 -14.39 -24.74 -30.02
CA LEU D 800 -13.13 -24.04 -29.85
C LEU D 800 -13.33 -22.54 -29.92
N GLU D 801 -14.12 -22.07 -30.89
CA GLU D 801 -14.37 -20.63 -30.96
C GLU D 801 -15.13 -20.15 -29.73
N LEU D 802 -16.05 -20.96 -29.24
CA LEU D 802 -16.77 -20.61 -28.02
C LEU D 802 -15.82 -20.50 -26.83
N ILE D 803 -14.95 -21.49 -26.64
CA ILE D 803 -13.96 -21.45 -25.56
C ILE D 803 -13.14 -20.19 -25.66
N ARG D 804 -12.70 -19.89 -26.87
CA ARG D 804 -11.89 -18.74 -27.12
C ARG D 804 -12.59 -17.45 -26.71
N THR D 805 -13.84 -17.30 -27.11
CA THR D 805 -14.58 -16.06 -26.83
C THR D 805 -14.76 -15.88 -25.33
N ARG D 806 -15.15 -16.95 -24.64
CA ARG D 806 -15.35 -16.87 -23.20
C ARG D 806 -14.05 -16.55 -22.49
N LYS D 807 -12.95 -17.17 -22.92
CA LYS D 807 -11.66 -16.93 -22.33
C LYS D 807 -11.26 -15.46 -22.45
N LYS D 808 -11.45 -14.87 -23.63
CA LYS D 808 -11.12 -13.47 -23.81
C LYS D 808 -11.96 -12.59 -22.91
N LYS D 809 -13.28 -12.85 -22.86
CA LYS D 809 -14.17 -12.05 -22.01
C LYS D 809 -13.73 -12.12 -20.56
N GLN D 810 -13.45 -13.34 -20.08
CA GLN D 810 -13.05 -13.56 -18.71
C GLN D 810 -11.73 -12.86 -18.41
N LYS D 811 -10.79 -12.92 -19.36
CA LYS D 811 -9.51 -12.25 -19.19
C LYS D 811 -9.68 -10.75 -19.02
N VAL D 812 -10.49 -10.13 -19.88
CA VAL D 812 -10.71 -8.68 -19.78
C VAL D 812 -11.32 -8.31 -18.44
N GLU D 813 -12.36 -9.06 -18.04
CA GLU D 813 -13.03 -8.75 -16.78
C GLU D 813 -12.07 -8.90 -15.62
N ARG D 814 -11.24 -9.96 -15.64
CA ARG D 814 -10.33 -10.19 -14.53
C ARG D 814 -9.24 -9.12 -14.45
N ILE D 815 -8.71 -8.69 -15.60
CA ILE D 815 -7.70 -7.63 -15.56
C ILE D 815 -8.28 -6.36 -14.95
N ALA D 816 -9.49 -5.99 -15.40
CA ALA D 816 -10.13 -4.81 -14.84
C ALA D 816 -10.37 -4.95 -13.34
N ASN D 817 -10.84 -6.14 -12.92
CA ASN D 817 -11.07 -6.36 -11.50
C ASN D 817 -9.78 -6.23 -10.68
N SER D 818 -8.70 -6.84 -11.16
CA SER D 818 -7.44 -6.77 -10.41
C SER D 818 -6.94 -5.34 -10.30
N LEU D 819 -7.03 -4.59 -11.40
CA LEU D 819 -6.56 -3.22 -11.34
C LEU D 819 -7.43 -2.38 -10.40
N ILE D 820 -8.75 -2.60 -10.42
CA ILE D 820 -9.64 -1.85 -9.53
C ILE D 820 -9.37 -2.20 -8.06
N GLN D 821 -9.15 -3.47 -7.74
CA GLN D 821 -8.81 -3.80 -6.35
C GLN D 821 -7.51 -3.12 -5.93
N THR D 822 -6.49 -3.14 -6.80
CA THR D 822 -5.24 -2.49 -6.46
C THR D 822 -5.47 -1.01 -6.19
N CYS D 823 -6.31 -0.36 -7.00
CA CYS D 823 -6.66 1.03 -6.74
C CYS D 823 -7.36 1.18 -5.40
N LEU D 824 -8.28 0.29 -5.08
CA LEU D 824 -9.05 0.41 -3.85
C LEU D 824 -8.17 0.25 -2.62
N GLU D 825 -7.17 -0.63 -2.67
CA GLU D 825 -6.30 -0.76 -1.50
C GLU D 825 -5.32 0.41 -1.32
N ASN D 826 -5.00 1.14 -2.39
CA ASN D 826 -3.94 2.16 -2.32
C ASN D 826 -4.47 3.58 -2.47
N ASN D 827 -5.76 3.80 -2.19
CA ASN D 827 -6.41 5.11 -2.36
C ASN D 827 -6.12 5.76 -3.70
N ILE D 828 -6.02 4.97 -4.75
CA ILE D 828 -5.82 5.54 -6.06
C ILE D 828 -7.12 6.19 -6.52
N LYS D 829 -7.04 7.47 -6.89
CA LYS D 829 -8.20 8.21 -7.36
C LYS D 829 -8.20 8.43 -8.87
N PHE D 830 -7.09 8.18 -9.54
CA PHE D 830 -7.08 8.34 -11.00
C PHE D 830 -6.37 7.15 -11.63
N ILE D 831 -6.86 6.73 -12.80
CA ILE D 831 -6.25 5.65 -13.56
C ILE D 831 -6.01 6.15 -14.97
N ARG D 832 -4.85 5.84 -15.56
CA ARG D 832 -4.58 6.23 -16.94
C ARG D 832 -4.16 4.99 -17.76
N GLY D 833 -4.76 4.81 -18.93
CA GLY D 833 -4.48 3.69 -19.81
C GLY D 833 -4.45 4.13 -21.26
N GLU D 834 -4.11 3.18 -22.13
CA GLU D 834 -3.96 3.44 -23.57
C GLU D 834 -5.34 3.37 -24.23
N GLY D 835 -5.99 4.52 -24.30
CA GLY D 835 -7.28 4.63 -24.97
C GLY D 835 -7.64 6.10 -25.10
N ASP D 836 -8.78 6.35 -25.75
CA ASP D 836 -9.35 7.69 -25.77
C ASP D 836 -10.85 7.61 -25.49
N LEU D 837 -11.35 8.61 -24.76
CA LEU D 837 -12.73 8.64 -24.30
C LEU D 837 -13.71 9.28 -25.28
N SER D 838 -13.24 9.71 -26.45
CA SER D 838 -14.16 10.29 -27.42
C SER D 838 -15.15 9.25 -27.90
N THR D 839 -16.40 9.67 -28.09
CA THR D 839 -17.55 8.84 -28.47
C THR D 839 -17.50 7.39 -27.97
N SER D 852 -4.66 -0.13 -34.87
CA SER D 852 -4.97 1.04 -34.05
C SER D 852 -5.37 0.61 -32.65
N MET D 853 -5.60 -0.69 -32.49
CA MET D 853 -6.04 -1.23 -31.21
C MET D 853 -5.74 -2.71 -31.15
N ASP D 854 -5.82 -3.24 -29.93
CA ASP D 854 -5.75 -4.66 -29.66
C ASP D 854 -7.07 -5.07 -29.02
N TRP D 855 -7.48 -6.32 -29.20
CA TRP D 855 -8.73 -6.74 -28.58
C TRP D 855 -8.60 -6.67 -27.07
N LEU D 856 -7.43 -7.05 -26.54
CA LEU D 856 -7.19 -6.96 -25.10
C LEU D 856 -7.11 -5.51 -24.64
N ALA D 857 -6.40 -4.66 -25.38
CA ALA D 857 -6.30 -3.26 -24.98
C ALA D 857 -7.67 -2.58 -25.01
N ARG D 858 -8.43 -2.81 -26.08
CA ARG D 858 -9.76 -2.21 -26.17
C ARG D 858 -10.64 -2.72 -25.04
N GLY D 859 -10.61 -4.03 -24.81
CA GLY D 859 -11.48 -4.60 -23.79
C GLY D 859 -11.15 -4.08 -22.41
N VAL D 860 -9.87 -4.06 -22.05
CA VAL D 860 -9.49 -3.58 -20.72
C VAL D 860 -9.83 -2.12 -20.56
N PHE D 861 -9.56 -1.30 -21.58
CA PHE D 861 -9.86 0.11 -21.44
C PHE D 861 -11.35 0.35 -21.26
N ASN D 862 -12.18 -0.31 -22.07
CA ASN D 862 -13.61 -0.08 -21.95
C ASN D 862 -14.16 -0.69 -20.66
N LYS D 863 -13.56 -1.77 -20.18
CA LYS D 863 -14.01 -2.37 -18.94
C LYS D 863 -13.70 -1.46 -17.76
N ILE D 864 -12.48 -0.91 -17.73
CA ILE D 864 -12.14 0.03 -16.66
C ILE D 864 -12.99 1.29 -16.78
N ARG D 865 -13.29 1.72 -18.00
CA ARG D 865 -14.23 2.82 -18.20
C ARG D 865 -15.57 2.50 -17.56
N GLN D 866 -15.97 1.23 -17.63
CA GLN D 866 -17.23 0.78 -17.05
C GLN D 866 -17.17 0.71 -15.53
N LEU D 867 -16.03 0.25 -14.99
CA LEU D 867 -15.90 -0.11 -13.58
C LEU D 867 -15.47 1.04 -12.69
N ALA D 868 -14.53 1.87 -13.14
CA ALA D 868 -14.00 2.93 -12.31
C ALA D 868 -15.05 3.92 -11.81
N PRO D 869 -16.02 4.39 -12.61
CA PRO D 869 -17.03 5.32 -12.06
C PRO D 869 -17.86 4.71 -10.93
N MET D 870 -17.85 3.39 -10.78
CA MET D 870 -18.60 2.77 -9.70
C MET D 870 -17.93 3.00 -8.36
N HIS D 871 -16.60 3.20 -8.36
CA HIS D 871 -15.83 3.42 -7.16
C HIS D 871 -15.33 4.86 -7.09
N ASN D 872 -15.93 5.75 -7.88
CA ASN D 872 -15.61 7.18 -7.92
C ASN D 872 -14.16 7.38 -8.33
N ILE D 873 -13.68 6.51 -9.21
CA ILE D 873 -12.32 6.60 -9.71
C ILE D 873 -12.41 7.15 -11.12
N THR D 874 -11.52 8.08 -11.45
CA THR D 874 -11.60 8.82 -12.69
C THR D 874 -10.61 8.22 -13.67
N LEU D 875 -11.08 7.95 -14.89
CA LEU D 875 -10.28 7.25 -15.89
C LEU D 875 -9.86 8.22 -16.99
N PHE D 876 -8.59 8.11 -17.39
CA PHE D 876 -8.01 8.92 -18.45
C PHE D 876 -7.39 8.01 -19.50
N GLY D 877 -7.39 8.51 -20.73
CA GLY D 877 -6.75 7.80 -21.81
C GLY D 877 -5.62 8.61 -22.41
N CYS D 878 -4.68 7.94 -23.06
CA CYS D 878 -3.51 8.62 -23.60
C CYS D 878 -3.00 7.86 -24.82
N GLY D 879 -1.95 8.38 -25.42
CA GLY D 879 -1.29 7.75 -26.56
C GLY D 879 0.07 7.20 -26.20
N SER D 880 0.21 5.88 -26.24
CA SER D 880 1.46 5.23 -25.86
C SER D 880 2.36 5.11 -27.09
N LEU D 881 3.26 6.06 -27.27
CA LEU D 881 4.26 5.96 -28.32
C LEU D 881 5.61 5.77 -27.65
N TYR D 882 6.21 4.59 -27.88
CA TYR D 882 7.50 4.23 -27.30
C TYR D 882 7.53 4.36 -25.78
N THR D 883 6.37 4.16 -25.12
CA THR D 883 6.37 4.17 -23.66
C THR D 883 7.23 3.05 -23.10
N SER D 884 7.51 2.02 -23.89
CA SER D 884 8.40 0.95 -23.46
C SER D 884 9.83 1.45 -23.27
N HIS D 885 10.21 2.55 -23.93
CA HIS D 885 11.58 3.04 -23.94
C HIS D 885 11.78 4.41 -23.29
N GLN D 886 10.71 5.15 -22.99
CA GLN D 886 10.88 6.46 -22.40
C GLN D 886 11.43 6.35 -20.98
N ASP D 887 12.22 7.34 -20.58
CA ASP D 887 12.82 7.33 -19.26
C ASP D 887 11.95 8.12 -18.30
N PRO D 888 11.35 7.50 -17.30
CA PRO D 888 10.41 8.22 -16.41
C PRO D 888 11.11 9.36 -15.68
N LEU D 889 10.38 10.48 -15.54
CA LEU D 889 10.80 11.73 -14.92
C LEU D 889 11.91 12.41 -15.70
N VAL D 890 12.39 11.82 -16.77
CA VAL D 890 13.39 12.44 -17.63
C VAL D 890 12.81 12.71 -19.00
N HIS D 891 11.97 11.78 -19.47
CA HIS D 891 11.39 11.99 -20.79
C HIS D 891 10.32 13.12 -20.73
N ARG D 892 10.50 14.09 -21.61
CA ARG D 892 9.75 15.25 -21.79
C ARG D 892 9.78 16.17 -20.64
N ASN D 893 10.76 15.99 -19.75
CA ASN D 893 10.80 16.82 -18.58
C ASN D 893 12.17 17.39 -18.52
N PRO D 894 12.47 18.30 -19.43
CA PRO D 894 11.85 18.68 -20.71
C PRO D 894 12.51 17.96 -21.90
N ASP D 895 13.37 17.01 -21.56
CA ASP D 895 14.46 16.61 -22.45
C ASP D 895 14.05 15.75 -23.65
N LYS D 896 13.00 14.94 -23.54
CA LYS D 896 12.76 13.88 -24.53
C LYS D 896 13.90 12.88 -24.56
N ALA D 897 13.93 11.94 -23.62
CA ALA D 897 15.00 10.94 -23.52
C ALA D 897 14.44 9.54 -23.65
N MET D 898 15.18 8.68 -24.35
CA MET D 898 14.82 7.29 -24.57
C MET D 898 16.01 6.41 -24.18
N LYS D 899 15.72 5.13 -23.92
CA LYS D 899 16.74 4.14 -23.63
C LYS D 899 16.30 2.81 -24.23
N CYS D 900 17.22 1.86 -24.30
CA CYS D 900 16.90 0.53 -24.81
C CYS D 900 16.56 -0.41 -23.66
N ARG D 901 16.00 -1.55 -24.01
CA ARG D 901 15.66 -2.58 -23.03
C ARG D 901 16.81 -3.58 -22.96
N TRP D 902 17.13 -4.00 -21.73
CA TRP D 902 18.26 -4.88 -21.48
C TRP D 902 17.77 -6.21 -20.90
N ALA D 903 18.66 -7.20 -20.92
CA ALA D 903 18.40 -8.45 -20.23
C ALA D 903 19.65 -8.85 -19.46
N ALA D 904 19.45 -9.58 -18.38
CA ALA D 904 20.52 -10.02 -17.51
C ALA D 904 20.70 -11.53 -17.64
N ILE D 905 21.88 -11.96 -18.08
CA ILE D 905 22.16 -13.37 -18.34
C ILE D 905 23.54 -13.74 -17.81
N PRO D 906 23.70 -14.91 -17.20
CA PRO D 906 25.04 -15.37 -16.82
C PRO D 906 25.88 -15.63 -18.06
N VAL D 907 27.16 -15.26 -17.97
CA VAL D 907 28.07 -15.40 -19.11
C VAL D 907 28.25 -16.85 -19.54
N LYS D 908 28.00 -17.83 -18.66
CA LYS D 908 28.13 -19.22 -19.11
C LYS D 908 27.17 -19.54 -20.25
N ASP D 909 26.07 -18.80 -20.36
CA ASP D 909 25.01 -19.11 -21.31
C ASP D 909 24.91 -18.08 -22.44
N ILE D 910 25.95 -17.26 -22.64
CA ILE D 910 25.99 -16.45 -23.85
C ILE D 910 26.24 -17.37 -25.04
N GLY D 911 25.26 -17.47 -25.93
CA GLY D 911 25.35 -18.28 -27.12
C GLY D 911 25.46 -17.46 -28.40
N ASP D 912 25.29 -18.17 -29.51
CA ASP D 912 25.41 -17.56 -30.82
C ASP D 912 24.33 -16.50 -31.02
N TRP D 913 23.15 -16.70 -30.41
CA TRP D 913 22.07 -15.76 -30.58
C TRP D 913 22.35 -14.42 -29.89
N VAL D 914 23.11 -14.42 -28.80
CA VAL D 914 23.47 -13.15 -28.16
C VAL D 914 24.29 -12.31 -29.13
N LEU D 915 25.26 -12.93 -29.81
CA LEU D 915 26.05 -12.19 -30.78
C LEU D 915 25.23 -11.77 -31.98
N ARG D 916 24.31 -12.63 -32.43
CA ARG D 916 23.42 -12.26 -33.52
C ARG D 916 22.61 -11.01 -33.15
N LYS D 917 22.03 -11.00 -31.95
CA LYS D 917 21.27 -9.84 -31.49
C LYS D 917 22.16 -8.61 -31.38
N LEU D 918 23.38 -8.77 -30.86
CA LEU D 918 24.29 -7.63 -30.76
C LEU D 918 24.59 -7.03 -32.12
N SER D 919 24.91 -7.88 -33.10
CA SER D 919 25.17 -7.39 -34.45
C SER D 919 23.94 -6.71 -35.03
N GLN D 920 22.77 -7.35 -34.88
CA GLN D 920 21.55 -6.80 -35.47
C GLN D 920 21.21 -5.44 -34.86
N ASN D 921 21.33 -5.30 -33.54
CA ASN D 921 21.11 -4.02 -32.89
C ASN D 921 22.14 -2.99 -33.32
N LEU D 922 23.37 -3.42 -33.60
CA LEU D 922 24.40 -2.45 -33.93
C LEU D 922 24.22 -1.93 -35.36
N ARG D 923 23.81 -2.80 -36.30
CA ARG D 923 23.59 -2.36 -37.68
C ARG D 923 22.32 -1.54 -37.86
N ALA D 924 21.54 -1.27 -36.81
CA ALA D 924 20.23 -0.66 -36.94
C ALA D 924 20.16 0.73 -36.31
N LYS D 925 21.21 1.54 -36.47
CA LYS D 925 21.17 2.88 -35.88
C LYS D 925 20.11 3.74 -36.54
N ASN D 926 19.92 3.61 -37.86
CA ASN D 926 19.07 4.53 -38.60
C ASN D 926 17.58 4.26 -38.36
N ILE D 927 17.19 2.99 -38.23
CA ILE D 927 15.78 2.62 -38.18
C ILE D 927 15.16 2.78 -36.79
N GLY D 928 14.58 3.95 -36.53
CA GLY D 928 13.73 4.22 -35.39
C GLY D 928 14.24 3.73 -34.05
N THR D 929 13.45 2.85 -33.42
CA THR D 929 13.82 2.35 -32.10
C THR D 929 15.19 1.69 -32.12
N GLY D 930 15.72 1.38 -33.29
CA GLY D 930 17.04 0.79 -33.37
C GLY D 930 18.15 1.65 -32.79
N GLU D 931 18.09 2.98 -32.99
CA GLU D 931 19.22 3.80 -32.52
C GLU D 931 19.50 3.60 -31.03
N TYR D 932 18.45 3.65 -30.18
CA TYR D 932 18.65 3.47 -28.74
C TYR D 932 19.35 2.15 -28.49
N TYR D 933 18.99 1.11 -29.26
CA TYR D 933 19.66 -0.18 -29.12
C TYR D 933 21.09 -0.10 -29.61
N HIS D 934 21.33 0.58 -30.73
CA HIS D 934 22.71 0.77 -31.20
C HIS D 934 23.55 1.40 -30.10
N GLN D 935 23.12 2.56 -29.61
CA GLN D 935 23.88 3.20 -28.54
C GLN D 935 23.96 2.28 -27.33
N GLY D 936 22.91 1.50 -27.07
CA GLY D 936 22.97 0.56 -25.97
C GLY D 936 24.15 -0.38 -26.12
N VAL D 937 24.31 -0.97 -27.32
CA VAL D 937 25.46 -1.82 -27.56
C VAL D 937 26.74 -1.06 -27.33
N LYS D 938 26.78 0.20 -27.80
CA LYS D 938 27.95 1.04 -27.55
C LYS D 938 28.25 1.10 -26.06
N GLU D 939 27.24 1.43 -25.26
CA GLU D 939 27.44 1.46 -23.81
C GLU D 939 27.97 0.13 -23.32
N PHE D 940 27.37 -0.97 -23.80
CA PHE D 940 27.82 -2.30 -23.43
C PHE D 940 29.31 -2.44 -23.70
N LEU D 941 29.72 -2.12 -24.93
CA LEU D 941 31.14 -2.23 -25.29
C LEU D 941 31.97 -1.33 -24.39
N SER D 942 31.49 -0.12 -24.12
CA SER D 942 32.23 0.79 -23.26
C SER D 942 32.37 0.23 -21.84
N HIS D 943 31.32 -0.41 -21.33
CA HIS D 943 31.34 -0.88 -19.95
C HIS D 943 32.29 -2.06 -19.78
N TYR D 944 32.16 -3.07 -20.62
CA TYR D 944 32.94 -4.29 -20.47
C TYR D 944 34.27 -4.21 -21.20
N GLU D 945 34.56 -3.07 -21.83
CA GLU D 945 35.82 -2.84 -22.54
C GLU D 945 36.07 -3.91 -23.59
N LEU D 946 35.10 -4.04 -24.49
CA LEU D 946 35.17 -4.97 -25.61
C LEU D 946 35.11 -4.24 -26.95
N GLN D 947 35.52 -2.96 -26.98
CA GLN D 947 35.41 -2.17 -28.19
C GLN D 947 36.13 -2.82 -29.38
N ASP D 948 37.22 -3.53 -29.11
CA ASP D 948 38.00 -4.14 -30.19
C ASP D 948 37.17 -5.11 -31.03
N LEU D 949 36.16 -5.74 -30.42
CA LEU D 949 35.32 -6.70 -31.13
C LEU D 949 34.30 -6.03 -32.04
N GLU D 950 34.07 -4.72 -31.85
CA GLU D 950 32.98 -4.03 -32.55
C GLU D 950 33.04 -4.26 -34.05
N GLU D 951 34.21 -4.04 -34.66
CA GLU D 951 34.33 -4.21 -36.10
C GLU D 951 34.01 -5.64 -36.51
N GLU D 952 34.52 -6.63 -35.75
CA GLU D 952 34.18 -8.02 -36.05
C GLU D 952 32.70 -8.28 -35.86
N LEU D 953 32.06 -7.57 -34.91
CA LEU D 953 30.62 -7.68 -34.75
C LEU D 953 29.88 -7.08 -35.94
N LEU D 954 30.45 -6.05 -36.58
CA LEU D 954 29.87 -5.54 -37.81
C LEU D 954 29.92 -6.59 -38.91
N LYS D 955 30.92 -7.45 -38.90
CA LYS D 955 31.07 -8.51 -39.89
C LYS D 955 30.20 -9.72 -39.58
N TRP D 956 29.56 -9.76 -38.42
CA TRP D 956 28.78 -10.92 -38.02
C TRP D 956 27.55 -11.02 -38.91
N ARG D 957 27.58 -11.95 -39.86
CA ARG D 957 26.45 -12.25 -40.74
C ARG D 957 25.86 -13.61 -40.40
N SER D 958 24.77 -13.94 -41.09
CA SER D 958 23.85 -14.99 -40.66
C SER D 958 24.56 -16.31 -40.37
N ASP D 959 25.18 -16.92 -41.38
CA ASP D 959 25.71 -18.28 -41.25
C ASP D 959 27.17 -18.40 -41.66
N ARG D 960 27.94 -17.32 -41.62
CA ARG D 960 29.35 -17.40 -41.98
C ARG D 960 30.11 -18.38 -41.11
N LYS D 961 31.02 -19.14 -41.73
CA LYS D 961 31.93 -19.98 -40.95
C LYS D 961 32.88 -19.14 -40.13
N SER D 962 33.38 -18.04 -40.68
CA SER D 962 34.38 -17.20 -40.04
C SER D 962 33.81 -16.36 -38.90
N ASN D 963 32.52 -16.50 -38.59
CA ASN D 963 31.90 -15.75 -37.50
C ASN D 963 32.71 -15.85 -36.23
N ILE D 964 32.90 -14.71 -35.56
CA ILE D 964 33.46 -14.68 -34.22
C ILE D 964 32.57 -15.51 -33.29
N PRO D 965 33.09 -16.55 -32.67
CA PRO D 965 32.26 -17.45 -31.87
C PRO D 965 31.93 -16.91 -30.48
N CYS D 966 30.93 -17.53 -29.87
CA CYS D 966 30.43 -17.08 -28.58
C CYS D 966 31.44 -17.32 -27.46
N TRP D 967 32.23 -18.39 -27.53
CA TRP D 967 33.17 -18.65 -26.44
C TRP D 967 34.27 -17.60 -26.35
N VAL D 968 34.59 -16.91 -27.45
CA VAL D 968 35.46 -15.73 -27.36
C VAL D 968 34.85 -14.71 -26.40
N LEU D 969 33.57 -14.40 -26.61
CA LEU D 969 32.89 -13.45 -25.76
C LEU D 969 32.87 -13.94 -24.32
N GLN D 970 32.61 -15.24 -24.13
CA GLN D 970 32.58 -15.78 -22.77
C GLN D 970 33.94 -15.64 -22.10
N ASN D 971 35.02 -15.92 -22.81
CA ASN D 971 36.35 -15.80 -22.22
C ASN D 971 36.67 -14.36 -21.85
N ARG D 972 36.34 -13.41 -22.72
CA ARG D 972 36.57 -12.00 -22.38
C ARG D 972 35.75 -11.58 -21.16
N LEU D 973 34.45 -11.90 -21.15
CA LEU D 973 33.61 -11.48 -20.04
C LEU D 973 33.97 -12.20 -18.74
N ALA D 974 34.38 -13.47 -18.82
CA ALA D 974 34.84 -14.17 -17.62
C ALA D 974 36.14 -13.55 -17.10
N GLU D 975 37.11 -13.29 -17.98
CA GLU D 975 38.30 -12.53 -17.61
C GLU D 975 37.95 -11.22 -16.92
N LYS D 976 36.98 -10.49 -17.48
CA LYS D 976 36.62 -9.18 -16.96
C LYS D 976 35.88 -9.28 -15.64
N LEU D 977 35.16 -10.41 -15.42
CA LEU D 977 34.33 -10.60 -14.25
C LEU D 977 34.77 -11.78 -13.39
N GLY D 978 35.94 -12.35 -13.69
CA GLY D 978 36.49 -13.47 -12.91
C GLY D 978 36.03 -14.87 -13.27
N ASN D 979 34.72 -15.11 -13.33
CA ASN D 979 34.20 -16.45 -13.53
C ASN D 979 33.12 -16.46 -14.61
N LYS D 980 32.67 -17.68 -14.93
CA LYS D 980 31.63 -17.91 -15.94
C LYS D 980 30.21 -17.85 -15.37
N GLU D 981 30.05 -17.69 -14.06
CA GLU D 981 28.73 -17.58 -13.46
C GLU D 981 28.28 -16.12 -13.24
N ALA D 982 29.13 -15.16 -13.59
CA ALA D 982 28.79 -13.76 -13.40
C ALA D 982 27.68 -13.33 -14.36
N VAL D 983 26.96 -12.29 -13.97
CA VAL D 983 25.80 -11.82 -14.72
C VAL D 983 26.20 -10.60 -15.54
N VAL D 984 25.86 -10.61 -16.82
CA VAL D 984 26.11 -9.50 -17.72
C VAL D 984 24.79 -9.01 -18.28
N TYR D 985 24.78 -7.73 -18.63
CA TYR D 985 23.60 -7.08 -19.19
C TYR D 985 23.82 -6.87 -20.68
N ILE D 986 22.85 -7.30 -21.48
CA ILE D 986 22.95 -7.30 -22.93
C ILE D 986 21.77 -6.50 -23.47
N PRO D 987 22.00 -5.49 -24.32
CA PRO D 987 20.87 -4.80 -24.95
C PRO D 987 20.19 -5.73 -25.94
N VAL D 988 18.98 -6.17 -25.61
CA VAL D 988 18.20 -7.05 -26.47
C VAL D 988 16.78 -6.54 -26.53
N ARG D 989 16.12 -6.82 -27.65
CA ARG D 989 14.74 -6.40 -27.82
C ARG D 989 13.84 -7.14 -26.83
N GLY D 990 12.86 -6.41 -26.30
CA GLY D 990 11.94 -6.99 -25.34
C GLY D 990 12.63 -7.55 -24.11
N GLY D 991 13.67 -6.88 -23.64
CA GLY D 991 14.33 -7.31 -22.42
C GLY D 991 13.50 -6.98 -21.18
N ARG D 992 13.76 -7.73 -20.11
CA ARG D 992 13.00 -7.57 -18.88
C ARG D 992 13.60 -6.53 -17.94
N ILE D 993 14.75 -5.97 -18.29
CA ILE D 993 15.48 -5.01 -17.46
C ILE D 993 15.48 -3.67 -18.18
N TYR D 994 15.17 -2.62 -17.44
CA TYR D 994 15.26 -1.25 -17.95
C TYR D 994 16.18 -0.48 -17.03
N PHE D 995 17.13 0.23 -17.63
CA PHE D 995 18.06 1.07 -16.89
C PHE D 995 17.44 2.44 -16.73
N ALA D 996 16.85 2.69 -15.56
CA ALA D 996 16.11 3.93 -15.34
C ALA D 996 16.97 4.95 -14.61
N THR D 997 16.75 6.22 -14.93
CA THR D 997 17.46 7.30 -14.26
C THR D 997 17.11 7.38 -12.77
N HIS D 998 15.85 7.15 -12.44
CA HIS D 998 15.38 7.19 -11.06
C HIS D 998 14.76 5.85 -10.67
N LYS D 999 14.54 5.67 -9.38
CA LYS D 999 13.92 4.47 -8.86
C LYS D 999 12.42 4.55 -9.12
N VAL D 1000 11.97 3.94 -10.20
CA VAL D 1000 10.56 4.03 -10.61
C VAL D 1000 9.95 2.65 -10.74
N ALA D 1001 10.47 1.68 -10.00
CA ALA D 1001 9.92 0.33 -9.99
C ALA D 1001 10.20 -0.32 -8.65
N THR D 1002 9.21 -1.05 -8.14
CA THR D 1002 9.38 -1.76 -6.88
C THR D 1002 10.40 -2.88 -7.05
N GLY D 1003 11.34 -2.98 -6.10
CA GLY D 1003 12.38 -3.98 -6.16
C GLY D 1003 13.56 -3.61 -7.03
N ALA D 1004 13.58 -2.41 -7.60
CA ALA D 1004 14.67 -1.99 -8.45
C ALA D 1004 15.93 -1.84 -7.62
N VAL D 1005 17.07 -2.21 -8.20
CA VAL D 1005 18.33 -2.13 -7.49
C VAL D 1005 19.20 -1.06 -8.15
N SER D 1006 20.21 -0.61 -7.42
CA SER D 1006 21.07 0.45 -7.93
C SER D 1006 22.39 -0.15 -8.39
N ILE D 1007 22.79 0.17 -9.63
CA ILE D 1007 24.08 -0.23 -10.16
C ILE D 1007 24.72 0.96 -10.86
N VAL D 1008 25.97 0.75 -11.30
CA VAL D 1008 26.70 1.70 -12.12
C VAL D 1008 27.07 1.00 -13.41
N PHE D 1009 26.55 1.51 -14.53
CA PHE D 1009 26.82 0.94 -15.85
C PHE D 1009 27.38 2.05 -16.74
N ASP D 1010 28.53 1.78 -17.35
CA ASP D 1010 29.24 2.74 -18.18
C ASP D 1010 29.43 4.06 -17.42
N GLN D 1011 29.89 3.94 -16.17
CA GLN D 1011 30.13 5.07 -15.28
C GLN D 1011 28.90 5.97 -15.15
N LYS D 1012 27.73 5.35 -15.03
CA LYS D 1012 26.48 6.09 -14.94
C LYS D 1012 25.63 5.50 -13.84
N GLN D 1013 25.03 6.34 -13.01
CA GLN D 1013 24.13 5.85 -11.96
C GLN D 1013 22.87 5.33 -12.63
N VAL D 1014 22.45 4.12 -12.27
CA VAL D 1014 21.35 3.48 -12.95
C VAL D 1014 20.54 2.67 -11.95
N TRP D 1015 19.22 2.63 -12.16
CA TRP D 1015 18.34 1.73 -11.44
C TRP D 1015 17.93 0.59 -12.37
N VAL D 1016 18.31 -0.64 -12.00
CA VAL D 1016 17.82 -1.84 -12.66
C VAL D 1016 16.36 -2.02 -12.25
N CYS D 1017 15.45 -1.78 -13.20
CA CYS D 1017 14.02 -1.80 -12.98
C CYS D 1017 13.35 -2.84 -13.87
N ASN D 1018 12.20 -3.33 -13.43
CA ASN D 1018 11.34 -4.10 -14.31
C ASN D 1018 10.87 -3.24 -15.46
N ALA D 1019 11.17 -3.66 -16.69
CA ALA D 1019 10.87 -2.84 -17.85
C ALA D 1019 9.37 -2.57 -17.97
N ASP D 1020 8.56 -3.58 -17.69
CA ASP D 1020 7.11 -3.44 -17.79
C ASP D 1020 6.60 -2.43 -16.75
N HIS D 1021 7.20 -2.44 -15.57
CA HIS D 1021 6.85 -1.47 -14.55
C HIS D 1021 7.21 -0.05 -14.97
N VAL D 1022 8.34 0.09 -15.67
CA VAL D 1022 8.73 1.38 -16.24
C VAL D 1022 7.70 1.84 -17.26
N ALA D 1023 7.24 0.92 -18.12
CA ALA D 1023 6.22 1.29 -19.10
C ALA D 1023 4.93 1.75 -18.41
N ALA D 1024 4.55 1.07 -17.33
CA ALA D 1024 3.38 1.50 -16.57
C ALA D 1024 3.59 2.89 -15.99
N ALA D 1025 4.76 3.18 -15.45
CA ALA D 1025 5.04 4.51 -14.93
C ALA D 1025 4.96 5.55 -16.05
N ASN D 1026 5.50 5.21 -17.21
CA ASN D 1026 5.48 6.15 -18.33
C ASN D 1026 4.06 6.50 -18.74
N ILE D 1027 3.17 5.51 -18.82
CA ILE D 1027 1.76 5.86 -19.06
C ILE D 1027 1.21 6.67 -17.90
N ALA D 1028 1.63 6.38 -16.67
CA ALA D 1028 1.12 7.14 -15.54
C ALA D 1028 1.52 8.61 -15.62
N LEU D 1029 2.57 8.93 -16.36
CA LEU D 1029 3.05 10.31 -16.49
C LEU D 1029 2.79 10.92 -17.87
N THR D 1030 1.74 10.47 -18.56
CA THR D 1030 1.41 10.93 -19.90
C THR D 1030 0.19 11.85 -19.84
N VAL D 1031 0.24 12.95 -20.58
CA VAL D 1031 -0.89 13.86 -20.67
C VAL D 1031 -1.41 14.01 -22.09
N LYS D 1032 -0.64 13.63 -23.10
CA LYS D 1032 -1.02 13.82 -24.49
C LYS D 1032 -1.57 12.50 -25.04
N GLY D 1033 -2.79 12.53 -25.55
CA GLY D 1033 -3.46 11.32 -26.00
C GLY D 1033 -3.52 11.15 -27.51
#